data_6UDN
# 
_entry.id   6UDN 
# 
_audit_conform.dict_name       mmcif_pdbx.dic 
_audit_conform.dict_version    5.380 
_audit_conform.dict_location   http://mmcif.pdb.org/dictionaries/ascii/mmcif_pdbx.dic 
# 
loop_
_database_2.database_id 
_database_2.database_code 
_database_2.pdbx_database_accession 
_database_2.pdbx_DOI 
PDB   6UDN         pdb_00006udn 10.2210/pdb6udn/pdb 
WWPDB D_1000244413 ?            ?                   
# 
loop_
_pdbx_database_related.db_name 
_pdbx_database_related.details 
_pdbx_database_related.db_id 
_pdbx_database_related.content_type 
PDB . 6U40 unspecified 
PDB . 6UAL unspecified 
# 
_pdbx_database_status.status_code                     REL 
_pdbx_database_status.status_code_sf                  REL 
_pdbx_database_status.status_code_mr                  ? 
_pdbx_database_status.entry_id                        6UDN 
_pdbx_database_status.recvd_initial_deposition_date   2019-09-19 
_pdbx_database_status.SG_entry                        N 
_pdbx_database_status.deposit_site                    RCSB 
_pdbx_database_status.process_site                    RCSB 
_pdbx_database_status.status_code_cs                  ? 
_pdbx_database_status.status_code_nmr_data            ? 
_pdbx_database_status.methods_development_category    ? 
_pdbx_database_status.pdb_format_compatible           Y 
# 
loop_
_audit_author.name 
_audit_author.pdbx_ordinal 
_audit_author.identifier_ORCID 
'Simmons, C.R.'      1 ? 
'MacCulloch, T.'     2 ? 
'Stephanopoulos, N.' 3 ? 
'Yan, H.'            4 ? 
# 
_citation.abstract                  ? 
_citation.abstract_id_CAS           ? 
_citation.book_id_ISBN              ? 
_citation.book_publisher            ? 
_citation.book_publisher_city       ? 
_citation.book_title                ? 
_citation.coordinate_linkage        ? 
_citation.country                   GE 
_citation.database_id_Medline       ? 
_citation.details                   ? 
_citation.id                        primary 
_citation.journal_abbrev            Angew.Chem.Int.Ed.Engl. 
_citation.journal_id_ASTM           ACIEAY 
_citation.journal_id_CSD            0179 
_citation.journal_id_ISSN           1521-3773 
_citation.journal_full              ? 
_citation.journal_issue             ? 
_citation.journal_volume            59 
_citation.language                  ? 
_citation.page_first                18619 
_citation.page_last                 18626 
_citation.title                     
'A Self-Assembled Rhombohedral DNA Crystal Scaffold with Tunable Cavity Sizes and High-Resolution Structural Detail.' 
_citation.year                      2020 
_citation.database_id_CSD           ? 
_citation.pdbx_database_id_DOI      10.1002/anie.202005505 
_citation.pdbx_database_id_PubMed   32533629 
_citation.unpublished_flag          ? 
# 
loop_
_citation_author.citation_id 
_citation_author.name 
_citation_author.ordinal 
_citation_author.identifier_ORCID 
primary 'Simmons, C.R.'      1 0000-0002-2290-6132 
primary 'MacCulloch, T.'     2 0000-0001-5875-3361 
primary 'Zhang, F.'          3 0000-0002-3177-7547 
primary 'Liu, Y.'            4 ?                   
primary 'Stephanopoulos, N.' 5 0000-0001-7859-410X 
primary 'Yan, H.'            6 0000-0001-7397-9852 
# 
_cell.angle_alpha                  90.000 
_cell.angle_alpha_esd              ? 
_cell.angle_beta                   90.000 
_cell.angle_beta_esd               ? 
_cell.angle_gamma                  120.000 
_cell.angle_gamma_esd              ? 
_cell.entry_id                     6UDN 
_cell.details                      ? 
_cell.formula_units_Z              ? 
_cell.length_a                     116.091 
_cell.length_a_esd                 ? 
_cell.length_b                     116.091 
_cell.length_b_esd                 ? 
_cell.length_c                     45.001 
_cell.length_c_esd                 ? 
_cell.volume                       ? 
_cell.volume_esd                   ? 
_cell.Z_PDB                        9 
_cell.reciprocal_angle_alpha       ? 
_cell.reciprocal_angle_beta        ? 
_cell.reciprocal_angle_gamma       ? 
_cell.reciprocal_angle_alpha_esd   ? 
_cell.reciprocal_angle_beta_esd    ? 
_cell.reciprocal_angle_gamma_esd   ? 
_cell.reciprocal_length_a          ? 
_cell.reciprocal_length_b          ? 
_cell.reciprocal_length_c          ? 
_cell.reciprocal_length_a_esd      ? 
_cell.reciprocal_length_b_esd      ? 
_cell.reciprocal_length_c_esd      ? 
_cell.pdbx_unique_axis             ? 
# 
_symmetry.entry_id                         6UDN 
_symmetry.cell_setting                     ? 
_symmetry.Int_Tables_number                146 
_symmetry.space_group_name_Hall            ? 
_symmetry.space_group_name_H-M             'H 3' 
_symmetry.pdbx_full_space_group_name_H-M   ? 
# 
loop_
_entity.id 
_entity.type 
_entity.src_method 
_entity.pdbx_description 
_entity.formula_weight 
_entity.pdbx_number_of_molecules 
_entity.pdbx_ec 
_entity.pdbx_mutation 
_entity.pdbx_fragment 
_entity.details 
1 polymer     syn 
;DNA (5'-D(*TP*AP*CP*TP*GP*AP*CP*TP*CP*AP*TP*GP*CP*TP*CP*AP*TP*CP*TP*GP*A)-3')
;
6373.134 1 ? ? ? ? 
2 polymer     syn 
;DNA (5'-D(P*AP*GP*CP*AP*TP*GP*A)-3')
;
2146.449 1 ? ? ? ? 
3 polymer     syn 
;DNA (5'-D(*TP*AP*TP*CP*AP*GP*AP*TP*G)-3')
;
2754.835 1 ? ? ? ? 
4 polymer     syn 
;DNA (5'-D(P*GP*TP*CP*AP*G)-3')
;
1520.036 1 ? ? ? ? 
5 non-polymer syn ARSENIC                                                                         74.922   2 ? ? ? ? 
# 
loop_
_entity_poly.entity_id 
_entity_poly.type 
_entity_poly.nstd_linkage 
_entity_poly.nstd_monomer 
_entity_poly.pdbx_seq_one_letter_code 
_entity_poly.pdbx_seq_one_letter_code_can 
_entity_poly.pdbx_strand_id 
_entity_poly.pdbx_target_identifier 
1 polydeoxyribonucleotide no no 
;(DT)(DA)(DC)(DT)(DG)(DA)(DC)(DT)(DC)(DA)(DT)(DG)(DC)(DT)(DC)(DA)(DT)(DC)(DT)(DG)
(DA)
;
TACTGACTCATGCTCATCTGA B ? 
2 polydeoxyribonucleotide no no '(DA)(DG)(DC)(DA)(DT)(DG)(DA)'                                                          AGCATGA A 
? 
3 polydeoxyribonucleotide no no '(DT)(DA)(DT)(DC)(DA)(DG)(DA)(DT)(DG)'                                                  TATCAGATG 
C ? 
4 polydeoxyribonucleotide no no '(DG)(DT)(DC)(DA)(DG)'                                                                  GTCAG D ? 
# 
loop_
_entity_poly_seq.entity_id 
_entity_poly_seq.num 
_entity_poly_seq.mon_id 
_entity_poly_seq.hetero 
1 1  DT n 
1 2  DA n 
1 3  DC n 
1 4  DT n 
1 5  DG n 
1 6  DA n 
1 7  DC n 
1 8  DT n 
1 9  DC n 
1 10 DA n 
1 11 DT n 
1 12 DG n 
1 13 DC n 
1 14 DT n 
1 15 DC n 
1 16 DA n 
1 17 DT n 
1 18 DC n 
1 19 DT n 
1 20 DG n 
1 21 DA n 
2 1  DA n 
2 2  DG n 
2 3  DC n 
2 4  DA n 
2 5  DT n 
2 6  DG n 
2 7  DA n 
3 1  DT n 
3 2  DA n 
3 3  DT n 
3 4  DC n 
3 5  DA n 
3 6  DG n 
3 7  DA n 
3 8  DT n 
3 9  DG n 
4 1  DG n 
4 2  DT n 
4 3  DC n 
4 4  DA n 
4 5  DG n 
# 
loop_
_pdbx_entity_src_syn.entity_id 
_pdbx_entity_src_syn.pdbx_src_id 
_pdbx_entity_src_syn.pdbx_alt_source_flag 
_pdbx_entity_src_syn.pdbx_beg_seq_num 
_pdbx_entity_src_syn.pdbx_end_seq_num 
_pdbx_entity_src_syn.organism_scientific 
_pdbx_entity_src_syn.organism_common_name 
_pdbx_entity_src_syn.ncbi_taxonomy_id 
_pdbx_entity_src_syn.details 
1 1 sample 1 21 'synthetic construct' ? 32630 ? 
2 1 sample 1 7  'synthetic construct' ? 32630 ? 
3 1 sample 1 9  'synthetic construct' ? 32630 ? 
4 1 sample 1 5  'synthetic construct' ? 32630 ? 
# 
loop_
_struct_ref.id 
_struct_ref.db_name 
_struct_ref.db_code 
_struct_ref.pdbx_db_accession 
_struct_ref.pdbx_db_isoform 
_struct_ref.entity_id 
_struct_ref.pdbx_seq_one_letter_code 
_struct_ref.pdbx_align_begin 
1 PDB 6UDN 6UDN ? 1 ? 1 
2 PDB 6UDN 6UDN ? 2 ? 1 
3 PDB 6UDN 6UDN ? 3 ? 1 
4 PDB 6UDN 6UDN ? 4 ? 1 
# 
loop_
_struct_ref_seq.align_id 
_struct_ref_seq.ref_id 
_struct_ref_seq.pdbx_PDB_id_code 
_struct_ref_seq.pdbx_strand_id 
_struct_ref_seq.seq_align_beg 
_struct_ref_seq.pdbx_seq_align_beg_ins_code 
_struct_ref_seq.seq_align_end 
_struct_ref_seq.pdbx_seq_align_end_ins_code 
_struct_ref_seq.pdbx_db_accession 
_struct_ref_seq.db_align_beg 
_struct_ref_seq.pdbx_db_align_beg_ins_code 
_struct_ref_seq.db_align_end 
_struct_ref_seq.pdbx_db_align_end_ins_code 
_struct_ref_seq.pdbx_auth_seq_align_beg 
_struct_ref_seq.pdbx_auth_seq_align_end 
1 1 6UDN B 1 ? 21 ? 6UDN 5  ? 25 ? 5  25 
2 2 6UDN A 1 ? 7  ? 6UDN 65 ? 71 ? 65 71 
3 3 6UDN C 1 ? 9  ? 6UDN 56 ? 64 ? 56 64 
4 4 6UDN D 1 ? 5  ? 6UDN 72 ? 76 ? 72 76 
# 
loop_
_chem_comp.id 
_chem_comp.type 
_chem_comp.mon_nstd_flag 
_chem_comp.name 
_chem_comp.pdbx_synonyms 
_chem_comp.formula 
_chem_comp.formula_weight 
ARS non-polymer   . ARSENIC                              ? As                74.922  
DA  'DNA linking' y "2'-DEOXYADENOSINE-5'-MONOPHOSPHATE" ? 'C10 H14 N5 O6 P' 331.222 
DC  'DNA linking' y "2'-DEOXYCYTIDINE-5'-MONOPHOSPHATE"  ? 'C9 H14 N3 O7 P'  307.197 
DG  'DNA linking' y "2'-DEOXYGUANOSINE-5'-MONOPHOSPHATE" ? 'C10 H14 N5 O7 P' 347.221 
DT  'DNA linking' y "THYMIDINE-5'-MONOPHOSPHATE"         ? 'C10 H15 N2 O8 P' 322.208 
# 
_exptl.absorpt_coefficient_mu     ? 
_exptl.absorpt_correction_T_max   ? 
_exptl.absorpt_correction_T_min   ? 
_exptl.absorpt_correction_type    ? 
_exptl.absorpt_process_details    ? 
_exptl.entry_id                   6UDN 
_exptl.crystals_number            1 
_exptl.details                    ? 
_exptl.method                     'X-RAY DIFFRACTION' 
_exptl.method_details             ? 
# 
_exptl_crystal.colour                      ? 
_exptl_crystal.density_diffrn              ? 
_exptl_crystal.density_Matthews            4.56 
_exptl_crystal.density_method              ? 
_exptl_crystal.density_percent_sol         73.03 
_exptl_crystal.description                 ? 
_exptl_crystal.F_000                       ? 
_exptl_crystal.id                          1 
_exptl_crystal.preparation                 ? 
_exptl_crystal.size_max                    ? 
_exptl_crystal.size_mid                    ? 
_exptl_crystal.size_min                    ? 
_exptl_crystal.size_rad                    ? 
_exptl_crystal.colour_lustre               ? 
_exptl_crystal.colour_modifier             ? 
_exptl_crystal.colour_primary              ? 
_exptl_crystal.density_meas                ? 
_exptl_crystal.density_meas_esd            ? 
_exptl_crystal.density_meas_gt             ? 
_exptl_crystal.density_meas_lt             ? 
_exptl_crystal.density_meas_temp           ? 
_exptl_crystal.density_meas_temp_esd       ? 
_exptl_crystal.density_meas_temp_gt        ? 
_exptl_crystal.density_meas_temp_lt        ? 
_exptl_crystal.pdbx_crystal_image_url      ? 
_exptl_crystal.pdbx_crystal_image_format   ? 
_exptl_crystal.pdbx_mosaicity              ? 
_exptl_crystal.pdbx_mosaicity_esd          ? 
# 
_exptl_crystal_grow.apparatus       ? 
_exptl_crystal_grow.atmosphere      ? 
_exptl_crystal_grow.crystal_id      1 
_exptl_crystal_grow.details         ? 
_exptl_crystal_grow.method          'VAPOR DIFFUSION, SITTING DROP' 
_exptl_crystal_grow.method_ref      ? 
_exptl_crystal_grow.pH              ? 
_exptl_crystal_grow.pressure        ? 
_exptl_crystal_grow.pressure_esd    ? 
_exptl_crystal_grow.seeding         ? 
_exptl_crystal_grow.seeding_ref     ? 
_exptl_crystal_grow.temp            298 
_exptl_crystal_grow.temp_details    'Temperature gradient generated from 60 to 25 C at 0.3 degrees per hour' 
_exptl_crystal_grow.temp_esd        ? 
_exptl_crystal_grow.time            ? 
_exptl_crystal_grow.pdbx_details    
;0.5 mL of 0.05 M cacodylate pH 6.0 with 20 mM MgCl2, 1.0 mM spermine, and 15% ethanol was added to the reservoir with 2 uL added to the drop containing 4 uL of DNA stock.
;
_exptl_crystal_grow.pdbx_pH_range   ? 
# 
_diffrn.ambient_environment              ? 
_diffrn.ambient_temp                     100 
_diffrn.ambient_temp_details             ? 
_diffrn.ambient_temp_esd                 ? 
_diffrn.crystal_id                       1 
_diffrn.crystal_support                  ? 
_diffrn.crystal_treatment                ? 
_diffrn.details                          ? 
_diffrn.id                               1 
_diffrn.ambient_pressure                 ? 
_diffrn.ambient_pressure_esd             ? 
_diffrn.ambient_pressure_gt              ? 
_diffrn.ambient_pressure_lt              ? 
_diffrn.ambient_temp_gt                  ? 
_diffrn.ambient_temp_lt                  ? 
_diffrn.pdbx_serial_crystal_experiment   N 
# 
_diffrn_detector.details                      ? 
_diffrn_detector.detector                     PIXEL 
_diffrn_detector.diffrn_id                    1 
_diffrn_detector.type                         'DECTRIS PILATUS3 6M' 
_diffrn_detector.area_resol_mean              ? 
_diffrn_detector.dtime                        ? 
_diffrn_detector.pdbx_frames_total            ? 
_diffrn_detector.pdbx_collection_time_total   ? 
_diffrn_detector.pdbx_collection_date         2019-04-15 
_diffrn_detector.pdbx_frequency               ? 
# 
_diffrn_radiation.collimation                      ? 
_diffrn_radiation.diffrn_id                        1 
_diffrn_radiation.filter_edge                      ? 
_diffrn_radiation.inhomogeneity                    ? 
_diffrn_radiation.monochromator                    ? 
_diffrn_radiation.polarisn_norm                    ? 
_diffrn_radiation.polarisn_ratio                   ? 
_diffrn_radiation.probe                            ? 
_diffrn_radiation.type                             ? 
_diffrn_radiation.xray_symbol                      ? 
_diffrn_radiation.wavelength_id                    1 
_diffrn_radiation.pdbx_monochromatic_or_laue_m_l   M 
_diffrn_radiation.pdbx_wavelength_list             ? 
_diffrn_radiation.pdbx_wavelength                  ? 
_diffrn_radiation.pdbx_diffrn_protocol             'SINGLE WAVELENGTH' 
_diffrn_radiation.pdbx_analyzer                    ? 
_diffrn_radiation.pdbx_scattering_type             x-ray 
# 
_diffrn_radiation_wavelength.id           1 
_diffrn_radiation_wavelength.wavelength   1.0 
_diffrn_radiation_wavelength.wt           1.0 
# 
_diffrn_source.current                     ? 
_diffrn_source.details                     ? 
_diffrn_source.diffrn_id                   1 
_diffrn_source.power                       ? 
_diffrn_source.size                        ? 
_diffrn_source.source                      SYNCHROTRON 
_diffrn_source.target                      ? 
_diffrn_source.type                        'ALS BEAMLINE 5.0.2' 
_diffrn_source.voltage                     ? 
_diffrn_source.take-off_angle              ? 
_diffrn_source.pdbx_wavelength_list        1.0 
_diffrn_source.pdbx_wavelength             ? 
_diffrn_source.pdbx_synchrotron_beamline   5.0.2 
_diffrn_source.pdbx_synchrotron_site       ALS 
# 
_reflns.B_iso_Wilson_estimate            94.740 
_reflns.entry_id                         6UDN 
_reflns.data_reduction_details           ? 
_reflns.data_reduction_method            ? 
_reflns.d_resolution_high                2.600 
_reflns.d_resolution_low                 50.000 
_reflns.details                          ? 
_reflns.limit_h_max                      ? 
_reflns.limit_h_min                      ? 
_reflns.limit_k_max                      ? 
_reflns.limit_k_min                      ? 
_reflns.limit_l_max                      ? 
_reflns.limit_l_min                      ? 
_reflns.number_all                       ? 
_reflns.number_obs                       6933 
_reflns.observed_criterion               ? 
_reflns.observed_criterion_F_max         ? 
_reflns.observed_criterion_F_min         ? 
_reflns.observed_criterion_I_max         ? 
_reflns.observed_criterion_I_min         ? 
_reflns.observed_criterion_sigma_F       ? 
_reflns.observed_criterion_sigma_I       ? 
_reflns.percent_possible_obs             99.900 
_reflns.R_free_details                   ? 
_reflns.Rmerge_F_all                     ? 
_reflns.Rmerge_F_obs                     ? 
_reflns.Friedel_coverage                 ? 
_reflns.number_gt                        ? 
_reflns.threshold_expression             ? 
_reflns.pdbx_redundancy                  10.000 
_reflns.pdbx_Rmerge_I_obs                0.094 
_reflns.pdbx_Rmerge_I_all                ? 
_reflns.pdbx_Rsym_value                  ? 
_reflns.pdbx_netI_over_av_sigmaI         ? 
_reflns.pdbx_netI_over_sigmaI            10.900 
_reflns.pdbx_res_netI_over_av_sigmaI_2   ? 
_reflns.pdbx_res_netI_over_sigmaI_2      ? 
_reflns.pdbx_chi_squared                 2.659 
_reflns.pdbx_scaling_rejects             ? 
_reflns.pdbx_d_res_high_opt              ? 
_reflns.pdbx_d_res_low_opt               ? 
_reflns.pdbx_d_res_opt_method            ? 
_reflns.phase_calculation_details        ? 
_reflns.pdbx_Rrim_I_all                  0.100 
_reflns.pdbx_Rpim_I_all                  0.032 
_reflns.pdbx_d_opt                       ? 
_reflns.pdbx_number_measured_all         69622 
_reflns.pdbx_diffrn_id                   1 
_reflns.pdbx_ordinal                     1 
_reflns.pdbx_CC_half                     ? 
_reflns.pdbx_CC_star                     ? 
_reflns.pdbx_R_split                     ? 
# 
loop_
_reflns_shell.d_res_high 
_reflns_shell.d_res_low 
_reflns_shell.meanI_over_sigI_all 
_reflns_shell.meanI_over_sigI_obs 
_reflns_shell.number_measured_all 
_reflns_shell.number_measured_obs 
_reflns_shell.number_possible 
_reflns_shell.number_unique_all 
_reflns_shell.number_unique_obs 
_reflns_shell.percent_possible_all 
_reflns_shell.percent_possible_obs 
_reflns_shell.Rmerge_F_all 
_reflns_shell.Rmerge_F_obs 
_reflns_shell.Rmerge_I_all 
_reflns_shell.Rmerge_I_obs 
_reflns_shell.meanI_over_sigI_gt 
_reflns_shell.meanI_over_uI_all 
_reflns_shell.meanI_over_uI_gt 
_reflns_shell.number_measured_gt 
_reflns_shell.number_unique_gt 
_reflns_shell.percent_possible_gt 
_reflns_shell.Rmerge_F_gt 
_reflns_shell.Rmerge_I_gt 
_reflns_shell.pdbx_redundancy 
_reflns_shell.pdbx_Rsym_value 
_reflns_shell.pdbx_chi_squared 
_reflns_shell.pdbx_netI_over_sigmaI_all 
_reflns_shell.pdbx_netI_over_sigmaI_obs 
_reflns_shell.pdbx_Rrim_I_all 
_reflns_shell.pdbx_Rpim_I_all 
_reflns_shell.pdbx_rejects 
_reflns_shell.pdbx_ordinal 
_reflns_shell.pdbx_diffrn_id 
_reflns_shell.pdbx_CC_half 
_reflns_shell.pdbx_CC_star 
_reflns_shell.pdbx_R_split 
2.600 2.640  ? ? ? ? ? ? 367 100.000 ? ? ? ? 0.994 ? ? ? ? ? ? ? ? 9.800  ? 0.440 ? ? 1.050 0.334 ? 1  1 0.754 ? ? 
2.640 2.690  ? ? ? ? ? ? 302 100.000 ? ? ? ? 0.724 ? ? ? ? ? ? ? ? 9.600  ? 0.445 ? ? 0.765 0.246 ? 2  1 0.852 ? ? 
2.690 2.740  ? ? ? ? ? ? 388 100.000 ? ? ? ? 0.634 ? ? ? ? ? ? ? ? 9.500  ? 0.465 ? ? 0.670 0.217 ? 3  1 0.871 ? ? 
2.740 2.800  ? ? ? ? ? ? 312 100.000 ? ? ? ? 0.457 ? ? ? ? ? ? ? ? 9.900  ? 0.481 ? ? 0.481 0.152 ? 4  1 0.914 ? ? 
2.800 2.860  ? ? ? ? ? ? 368 100.000 ? ? ? ? 0.442 ? ? ? ? ? ? ? ? 10.000 ? 0.501 ? ? 0.466 0.147 ? 5  1 0.945 ? ? 
2.860 2.930  ? ? ? ? ? ? 341 100.000 ? ? ? ? 0.312 ? ? ? ? ? ? ? ? 10.400 ? 0.538 ? ? 0.328 0.101 ? 6  1 0.975 ? ? 
2.930 3.000  ? ? ? ? ? ? 341 100.000 ? ? ? ? 0.232 ? ? ? ? ? ? ? ? 10.500 ? 0.604 ? ? 0.244 0.075 ? 7  1 0.984 ? ? 
3.000 3.080  ? ? ? ? ? ? 330 100.000 ? ? ? ? 0.169 ? ? ? ? ? ? ? ? 10.200 ? 0.935 ? ? 0.178 0.055 ? 8  1 0.994 ? ? 
3.080 3.170  ? ? ? ? ? ? 361 100.000 ? ? ? ? 0.128 ? ? ? ? ? ? ? ? 10.200 ? 1.518 ? ? 0.135 0.042 ? 9  1 0.994 ? ? 
3.170 3.280  ? ? ? ? ? ? 363 100.000 ? ? ? ? 0.100 ? ? ? ? ? ? ? ? 9.600  ? 2.609 ? ? 0.107 0.036 ? 10 1 0.992 ? ? 
3.280 3.390  ? ? ? ? ? ? 317 99.100  ? ? ? ? 0.125 ? ? ? ? ? ? ? ? 9.400  ? 2.756 ? ? 0.134 0.046 ? 11 1 0.995 ? ? 
3.390 3.530  ? ? ? ? ? ? 365 99.700  ? ? ? ? 0.101 ? ? ? ? ? ? ? ? 9.900  ? 3.298 ? ? 0.106 0.034 ? 12 1 0.995 ? ? 
3.530 3.690  ? ? ? ? ? ? 340 100.000 ? ? ? ? 0.106 ? ? ? ? ? ? ? ? 10.500 ? 3.472 ? ? 0.111 0.034 ? 13 1 0.994 ? ? 
3.690 3.880  ? ? ? ? ? ? 354 100.000 ? ? ? ? 0.098 ? ? ? ? ? ? ? ? 10.400 ? 3.573 ? ? 0.103 0.032 ? 14 1 0.995 ? ? 
3.880 4.130  ? ? ? ? ? ? 353 100.000 ? ? ? ? 0.094 ? ? ? ? ? ? ? ? 10.300 ? 4.201 ? ? 0.099 0.031 ? 15 1 0.995 ? ? 
4.130 4.450  ? ? ? ? ? ? 353 100.000 ? ? ? ? 0.087 ? ? ? ? ? ? ? ? 9.700  ? 4.130 ? ? 0.092 0.029 ? 16 1 0.994 ? ? 
4.450 4.890  ? ? ? ? ? ? 342 100.000 ? ? ? ? 0.093 ? ? ? ? ? ? ? ? 10.300 ? 4.648 ? ? 0.098 0.030 ? 17 1 0.994 ? ? 
4.890 5.600  ? ? ? ? ? ? 346 100.000 ? ? ? ? 0.089 ? ? ? ? ? ? ? ? 10.600 ? 5.238 ? ? 0.094 0.029 ? 18 1 0.992 ? ? 
5.600 7.050  ? ? ? ? ? ? 337 100.000 ? ? ? ? 0.086 ? ? ? ? ? ? ? ? 9.800  ? 4.912 ? ? 0.090 0.029 ? 19 1 0.995 ? ? 
7.050 50.000 ? ? ? ? ? ? 353 99.700  ? ? ? ? 0.087 ? ? ? ? ? ? ? ? 10.100 ? 7.895 ? ? 0.092 0.030 ? 20 1 0.991 ? ? 
# 
_refine.aniso_B[1][1]                            ? 
_refine.aniso_B[1][2]                            ? 
_refine.aniso_B[1][3]                            ? 
_refine.aniso_B[2][2]                            ? 
_refine.aniso_B[2][3]                            ? 
_refine.aniso_B[3][3]                            ? 
_refine.B_iso_max                                162.020 
_refine.B_iso_mean                               101.7290 
_refine.B_iso_min                                54.740 
_refine.correlation_coeff_Fo_to_Fc               ? 
_refine.correlation_coeff_Fo_to_Fc_free          ? 
_refine.details                                  ? 
_refine.diff_density_max                         ? 
_refine.diff_density_max_esd                     ? 
_refine.diff_density_min                         ? 
_refine.diff_density_min_esd                     ? 
_refine.diff_density_rms                         ? 
_refine.diff_density_rms_esd                     ? 
_refine.entry_id                                 6UDN 
_refine.pdbx_refine_id                           'X-RAY DIFFRACTION' 
_refine.ls_abs_structure_details                 ? 
_refine.ls_abs_structure_Flack                   ? 
_refine.ls_abs_structure_Flack_esd               ? 
_refine.ls_abs_structure_Rogers                  ? 
_refine.ls_abs_structure_Rogers_esd              ? 
_refine.ls_d_res_high                            2.6020 
_refine.ls_d_res_low                             23.7030 
_refine.ls_extinction_coef                       ? 
_refine.ls_extinction_coef_esd                   ? 
_refine.ls_extinction_expression                 ? 
_refine.ls_extinction_method                     ? 
_refine.ls_goodness_of_fit_all                   ? 
_refine.ls_goodness_of_fit_all_esd               ? 
_refine.ls_goodness_of_fit_obs                   ? 
_refine.ls_goodness_of_fit_obs_esd               ? 
_refine.ls_hydrogen_treatment                    ? 
_refine.ls_matrix_type                           ? 
_refine.ls_number_constraints                    ? 
_refine.ls_number_parameters                     ? 
_refine.ls_number_reflns_all                     ? 
_refine.ls_number_reflns_obs                     6866 
_refine.ls_number_reflns_R_free                  347 
_refine.ls_number_reflns_R_work                  6519 
_refine.ls_number_restraints                     ? 
_refine.ls_percent_reflns_obs                    99.0500 
_refine.ls_percent_reflns_R_free                 5.0500 
_refine.ls_R_factor_all                          ? 
_refine.ls_R_factor_obs                          0.2350 
_refine.ls_R_factor_R_free                       0.2556 
_refine.ls_R_factor_R_free_error                 ? 
_refine.ls_R_factor_R_free_error_details         ? 
_refine.ls_R_factor_R_work                       0.2339 
_refine.ls_R_Fsqd_factor_obs                     ? 
_refine.ls_R_I_factor_obs                        ? 
_refine.ls_redundancy_reflns_all                 ? 
_refine.ls_redundancy_reflns_obs                 ? 
_refine.ls_restrained_S_all                      ? 
_refine.ls_restrained_S_obs                      ? 
_refine.ls_shift_over_esd_max                    ? 
_refine.ls_shift_over_esd_mean                   ? 
_refine.ls_structure_factor_coef                 ? 
_refine.ls_weighting_details                     ? 
_refine.ls_weighting_scheme                      ? 
_refine.ls_wR_factor_all                         ? 
_refine.ls_wR_factor_obs                         ? 
_refine.ls_wR_factor_R_free                      ? 
_refine.ls_wR_factor_R_work                      ? 
_refine.occupancy_max                            ? 
_refine.occupancy_min                            ? 
_refine.solvent_model_details                    'FLAT BULK SOLVENT MODEL' 
_refine.solvent_model_param_bsol                 ? 
_refine.solvent_model_param_ksol                 ? 
_refine.pdbx_R_complete                          ? 
_refine.ls_R_factor_gt                           ? 
_refine.ls_goodness_of_fit_gt                    ? 
_refine.ls_goodness_of_fit_ref                   ? 
_refine.ls_shift_over_su_max                     ? 
_refine.ls_shift_over_su_max_lt                  ? 
_refine.ls_shift_over_su_mean                    ? 
_refine.ls_shift_over_su_mean_lt                 ? 
_refine.pdbx_ls_sigma_I                          ? 
_refine.pdbx_ls_sigma_F                          2.030 
_refine.pdbx_ls_sigma_Fsqd                       ? 
_refine.pdbx_data_cutoff_high_absF               ? 
_refine.pdbx_data_cutoff_high_rms_absF           ? 
_refine.pdbx_data_cutoff_low_absF                ? 
_refine.pdbx_isotropic_thermal_model             ? 
_refine.pdbx_ls_cross_valid_method               THROUGHOUT 
_refine.pdbx_method_to_determine_struct          'MOLECULAR REPLACEMENT' 
_refine.pdbx_starting_model                      6U40 
_refine.pdbx_stereochemistry_target_values       ML 
_refine.pdbx_R_Free_selection_details            ? 
_refine.pdbx_stereochem_target_val_spec_case     ? 
_refine.pdbx_overall_ESU_R                       ? 
_refine.pdbx_overall_ESU_R_Free                  ? 
_refine.pdbx_solvent_vdw_probe_radii             1.1100 
_refine.pdbx_solvent_ion_probe_radii             ? 
_refine.pdbx_solvent_shrinkage_radii             0.9000 
_refine.pdbx_real_space_R                        ? 
_refine.pdbx_density_correlation                 ? 
_refine.pdbx_pd_number_of_powder_patterns        ? 
_refine.pdbx_pd_number_of_points                 ? 
_refine.pdbx_pd_meas_number_of_points            ? 
_refine.pdbx_pd_proc_ls_prof_R_factor            ? 
_refine.pdbx_pd_proc_ls_prof_wR_factor           ? 
_refine.pdbx_pd_Marquardt_correlation_coeff      ? 
_refine.pdbx_pd_Fsqrd_R_factor                   ? 
_refine.pdbx_pd_ls_matrix_band_width             ? 
_refine.pdbx_overall_phase_error                 37.6900 
_refine.pdbx_overall_SU_R_free_Cruickshank_DPI   ? 
_refine.pdbx_overall_SU_R_free_Blow_DPI          ? 
_refine.pdbx_overall_SU_R_Blow_DPI               ? 
_refine.pdbx_TLS_residual_ADP_flag               ? 
_refine.pdbx_diffrn_id                           1 
_refine.overall_SU_B                             ? 
_refine.overall_SU_ML                            0.3200 
_refine.overall_SU_R_Cruickshank_DPI             ? 
_refine.overall_SU_R_free                        ? 
_refine.overall_FOM_free_R_set                   ? 
_refine.overall_FOM_work_R_set                   ? 
_refine.pdbx_average_fsc_overall                 ? 
_refine.pdbx_average_fsc_work                    ? 
_refine.pdbx_average_fsc_free                    ? 
# 
_refine_hist.pdbx_refine_id                   'X-RAY DIFFRACTION' 
_refine_hist.cycle_id                         final 
_refine_hist.details                          ? 
_refine_hist.d_res_high                       2.6020 
_refine_hist.d_res_low                        23.7030 
_refine_hist.number_atoms_solvent             0 
_refine_hist.number_atoms_total               857 
_refine_hist.number_reflns_all                ? 
_refine_hist.number_reflns_obs                ? 
_refine_hist.number_reflns_R_free             ? 
_refine_hist.number_reflns_R_work             ? 
_refine_hist.R_factor_all                     ? 
_refine_hist.R_factor_obs                     ? 
_refine_hist.R_factor_R_free                  ? 
_refine_hist.R_factor_R_work                  ? 
_refine_hist.pdbx_number_residues_total       42 
_refine_hist.pdbx_B_iso_mean_ligand           141.01 
_refine_hist.pdbx_B_iso_mean_solvent          ? 
_refine_hist.pdbx_number_atoms_protein        0 
_refine_hist.pdbx_number_atoms_nucleic_acid   855 
_refine_hist.pdbx_number_atoms_ligand         2 
_refine_hist.pdbx_number_atoms_lipid          ? 
_refine_hist.pdbx_number_atoms_carb           ? 
_refine_hist.pdbx_pseudo_atom_details         ? 
# 
loop_
_refine_ls_restr.pdbx_refine_id 
_refine_ls_restr.criterion 
_refine_ls_restr.dev_ideal 
_refine_ls_restr.dev_ideal_target 
_refine_ls_restr.number 
_refine_ls_restr.rejects 
_refine_ls_restr.type 
_refine_ls_restr.weight 
_refine_ls_restr.pdbx_restraint_function 
'X-RAY DIFFRACTION' ? 0.006  ? 956  ? f_bond_d           ? ? 
'X-RAY DIFFRACTION' ? 0.847  ? 1467 ? f_angle_d          ? ? 
'X-RAY DIFFRACTION' ? 0.050  ? 166  ? f_chiral_restr     ? ? 
'X-RAY DIFFRACTION' ? 0.005  ? 42   ? f_plane_restr      ? ? 
'X-RAY DIFFRACTION' ? 37.857 ? 406  ? f_dihedral_angle_d ? ? 
# 
loop_
_refine_ls_shell.pdbx_refine_id 
_refine_ls_shell.d_res_high 
_refine_ls_shell.d_res_low 
_refine_ls_shell.number_reflns_all 
_refine_ls_shell.number_reflns_obs 
_refine_ls_shell.number_reflns_R_free 
_refine_ls_shell.number_reflns_R_work 
_refine_ls_shell.percent_reflns_obs 
_refine_ls_shell.percent_reflns_R_free 
_refine_ls_shell.R_factor_all 
_refine_ls_shell.R_factor_obs 
_refine_ls_shell.R_factor_R_free 
_refine_ls_shell.R_factor_R_free_error 
_refine_ls_shell.R_factor_R_work 
_refine_ls_shell.redundancy_reflns_all 
_refine_ls_shell.redundancy_reflns_obs 
_refine_ls_shell.wR_factor_all 
_refine_ls_shell.wR_factor_obs 
_refine_ls_shell.wR_factor_R_free 
_refine_ls_shell.wR_factor_R_work 
_refine_ls_shell.pdbx_R_complete 
_refine_ls_shell.pdbx_total_number_of_bins_used 
_refine_ls_shell.pdbx_phase_error 
_refine_ls_shell.pdbx_fsc_work 
_refine_ls_shell.pdbx_fsc_free 
'X-RAY DIFFRACTION' 2.6020 3.2769  . . 172 3254 99.0000 . . . 0.3593 0.0000 0.3376 . . . . . . . . . . . 
'X-RAY DIFFRACTION' 3.2769 23.7030 . . 175 3265 99.0000 . . . 0.2362 0.0000 0.2166 . . . . . . . . . . . 
# 
_struct.entry_id                     6UDN 
_struct.title                        
'Crystal Structure of a Self-Assembling DNA Scaffold Containing TA Sticky Ends and Rhombohedral Symmetry' 
_struct.pdbx_model_details           ? 
_struct.pdbx_formula_weight          ? 
_struct.pdbx_formula_weight_method   ? 
_struct.pdbx_model_type_details      ? 
_struct.pdbx_CASP_flag               N 
# 
_struct_keywords.entry_id        6UDN 
_struct_keywords.text            'Self-Assembly, DNA Nanotechnology, DNA Scaffold, Crystal Lattice, DNA' 
_struct_keywords.pdbx_keywords   DNA 
# 
loop_
_struct_asym.id 
_struct_asym.pdbx_blank_PDB_chainid_flag 
_struct_asym.pdbx_modified 
_struct_asym.entity_id 
_struct_asym.details 
A N N 1 ? 
B N N 2 ? 
C N N 3 ? 
D N N 4 ? 
E N N 5 ? 
F N N 5 ? 
# 
loop_
_struct_conn.id 
_struct_conn.conn_type_id 
_struct_conn.pdbx_leaving_atom_flag 
_struct_conn.pdbx_PDB_id 
_struct_conn.ptnr1_label_asym_id 
_struct_conn.ptnr1_label_comp_id 
_struct_conn.ptnr1_label_seq_id 
_struct_conn.ptnr1_label_atom_id 
_struct_conn.pdbx_ptnr1_label_alt_id 
_struct_conn.pdbx_ptnr1_PDB_ins_code 
_struct_conn.pdbx_ptnr1_standard_comp_id 
_struct_conn.ptnr1_symmetry 
_struct_conn.ptnr2_label_asym_id 
_struct_conn.ptnr2_label_comp_id 
_struct_conn.ptnr2_label_seq_id 
_struct_conn.ptnr2_label_atom_id 
_struct_conn.pdbx_ptnr2_label_alt_id 
_struct_conn.pdbx_ptnr2_PDB_ins_code 
_struct_conn.ptnr1_auth_asym_id 
_struct_conn.ptnr1_auth_comp_id 
_struct_conn.ptnr1_auth_seq_id 
_struct_conn.ptnr2_auth_asym_id 
_struct_conn.ptnr2_auth_comp_id 
_struct_conn.ptnr2_auth_seq_id 
_struct_conn.ptnr2_symmetry 
_struct_conn.pdbx_ptnr3_label_atom_id 
_struct_conn.pdbx_ptnr3_label_seq_id 
_struct_conn.pdbx_ptnr3_label_comp_id 
_struct_conn.pdbx_ptnr3_label_asym_id 
_struct_conn.pdbx_ptnr3_label_alt_id 
_struct_conn.pdbx_ptnr3_PDB_ins_code 
_struct_conn.details 
_struct_conn.pdbx_dist_value 
_struct_conn.pdbx_value_order 
_struct_conn.pdbx_role 
hydrog1  hydrog ? ? A DC 3  N3 ? ? ? 1_555 D DG 5 N1 ? ? B DC 7  D DG 76 1_555 ? ? ? ? ? ? WATSON-CRICK ? ? ? 
hydrog2  hydrog ? ? A DC 3  N4 ? ? ? 1_555 D DG 5 O6 ? ? B DC 7  D DG 76 1_555 ? ? ? ? ? ? WATSON-CRICK ? ? ? 
hydrog3  hydrog ? ? A DC 3  O2 ? ? ? 1_555 D DG 5 N2 ? ? B DC 7  D DG 76 1_555 ? ? ? ? ? ? WATSON-CRICK ? ? ? 
hydrog4  hydrog ? ? A DT 4  N3 ? ? ? 1_555 D DA 4 N1 ? ? B DT 8  D DA 75 1_555 ? ? ? ? ? ? WATSON-CRICK ? ? ? 
hydrog5  hydrog ? ? A DT 4  O4 ? ? ? 1_555 D DA 4 N6 ? ? B DT 8  D DA 75 1_555 ? ? ? ? ? ? WATSON-CRICK ? ? ? 
hydrog6  hydrog ? ? A DG 5  N1 ? ? ? 1_555 D DC 3 N3 ? ? B DG 9  D DC 74 1_555 ? ? ? ? ? ? WATSON-CRICK ? ? ? 
hydrog7  hydrog ? ? A DG 5  N2 ? ? ? 1_555 D DC 3 O2 ? ? B DG 9  D DC 74 1_555 ? ? ? ? ? ? WATSON-CRICK ? ? ? 
hydrog8  hydrog ? ? A DG 5  O6 ? ? ? 1_555 D DC 3 N4 ? ? B DG 9  D DC 74 1_555 ? ? ? ? ? ? WATSON-CRICK ? ? ? 
hydrog9  hydrog ? ? A DA 6  N1 ? ? ? 1_555 D DT 2 N3 ? ? B DA 10 D DT 73 1_555 ? ? ? ? ? ? WATSON-CRICK ? ? ? 
hydrog10 hydrog ? ? A DA 6  N6 ? ? ? 1_555 D DT 2 O4 ? ? B DA 10 D DT 73 1_555 ? ? ? ? ? ? WATSON-CRICK ? ? ? 
hydrog11 hydrog ? ? A DC 7  N3 ? ? ? 1_555 D DG 1 N1 ? ? B DC 11 D DG 72 1_555 ? ? ? ? ? ? WATSON-CRICK ? ? ? 
hydrog12 hydrog ? ? A DC 7  N4 ? ? ? 1_555 D DG 1 O6 ? ? B DC 11 D DG 72 1_555 ? ? ? ? ? ? WATSON-CRICK ? ? ? 
hydrog13 hydrog ? ? A DC 7  O2 ? ? ? 1_555 D DG 1 N2 ? ? B DC 11 D DG 72 1_555 ? ? ? ? ? ? WATSON-CRICK ? ? ? 
hydrog14 hydrog ? ? A DT 8  N3 ? ? ? 1_555 B DA 7 N1 ? ? B DT 12 A DA 71 1_555 ? ? ? ? ? ? WATSON-CRICK ? ? ? 
hydrog15 hydrog ? ? A DT 8  O4 ? ? ? 1_555 B DA 7 N6 ? ? B DT 12 A DA 71 1_555 ? ? ? ? ? ? WATSON-CRICK ? ? ? 
hydrog16 hydrog ? ? A DC 9  N3 ? ? ? 1_555 B DG 6 N1 ? ? B DC 13 A DG 70 1_555 ? ? ? ? ? ? WATSON-CRICK ? ? ? 
hydrog17 hydrog ? ? A DC 9  N4 ? ? ? 1_555 B DG 6 O6 ? ? B DC 13 A DG 70 1_555 ? ? ? ? ? ? WATSON-CRICK ? ? ? 
hydrog18 hydrog ? ? A DC 9  O2 ? ? ? 1_555 B DG 6 N2 ? ? B DC 13 A DG 70 1_555 ? ? ? ? ? ? WATSON-CRICK ? ? ? 
hydrog19 hydrog ? ? A DA 10 N1 ? ? ? 1_555 B DT 5 N3 ? ? B DA 14 A DT 69 1_555 ? ? ? ? ? ? WATSON-CRICK ? ? ? 
hydrog20 hydrog ? ? A DA 10 N6 ? ? ? 1_555 B DT 5 O4 ? ? B DA 14 A DT 69 1_555 ? ? ? ? ? ? WATSON-CRICK ? ? ? 
hydrog21 hydrog ? ? A DT 11 N3 ? ? ? 1_555 B DA 4 N1 ? ? B DT 15 A DA 68 1_555 ? ? ? ? ? ? WATSON-CRICK ? ? ? 
hydrog22 hydrog ? ? A DT 11 O4 ? ? ? 1_555 B DA 4 N6 ? ? B DT 15 A DA 68 1_555 ? ? ? ? ? ? WATSON-CRICK ? ? ? 
hydrog23 hydrog ? ? A DG 12 N1 ? ? ? 1_555 B DC 3 N3 ? ? B DG 16 A DC 67 1_555 ? ? ? ? ? ? WATSON-CRICK ? ? ? 
hydrog24 hydrog ? ? A DG 12 N2 ? ? ? 1_555 B DC 3 O2 ? ? B DG 16 A DC 67 1_555 ? ? ? ? ? ? WATSON-CRICK ? ? ? 
hydrog25 hydrog ? ? A DG 12 O6 ? ? ? 1_555 B DC 3 N4 ? ? B DG 16 A DC 67 1_555 ? ? ? ? ? ? WATSON-CRICK ? ? ? 
hydrog26 hydrog ? ? A DC 13 N3 ? ? ? 1_555 B DG 2 N1 ? ? B DC 17 A DG 66 1_555 ? ? ? ? ? ? WATSON-CRICK ? ? ? 
hydrog27 hydrog ? ? A DC 13 N4 ? ? ? 1_555 B DG 2 O6 ? ? B DC 17 A DG 66 1_555 ? ? ? ? ? ? WATSON-CRICK ? ? ? 
hydrog28 hydrog ? ? A DC 13 O2 ? ? ? 1_555 B DG 2 N2 ? ? B DC 17 A DG 66 1_555 ? ? ? ? ? ? WATSON-CRICK ? ? ? 
hydrog29 hydrog ? ? A DT 14 N3 ? ? ? 1_555 B DA 1 N1 ? ? B DT 18 A DA 65 1_555 ? ? ? ? ? ? WATSON-CRICK ? ? ? 
hydrog30 hydrog ? ? A DT 14 O4 ? ? ? 1_555 B DA 1 N6 ? ? B DT 18 A DA 65 1_555 ? ? ? ? ? ? WATSON-CRICK ? ? ? 
hydrog31 hydrog ? ? A DC 15 N3 ? ? ? 1_555 C DG 9 N1 ? ? B DC 19 C DG 64 1_555 ? ? ? ? ? ? WATSON-CRICK ? ? ? 
hydrog32 hydrog ? ? A DC 15 N4 ? ? ? 1_555 C DG 9 O6 ? ? B DC 19 C DG 64 1_555 ? ? ? ? ? ? WATSON-CRICK ? ? ? 
hydrog33 hydrog ? ? A DC 15 O2 ? ? ? 1_555 C DG 9 N2 ? ? B DC 19 C DG 64 1_555 ? ? ? ? ? ? WATSON-CRICK ? ? ? 
hydrog34 hydrog ? ? A DA 16 N1 ? ? ? 1_555 C DT 8 N3 ? ? B DA 20 C DT 63 1_555 ? ? ? ? ? ? WATSON-CRICK ? ? ? 
hydrog35 hydrog ? ? A DA 16 N6 ? ? ? 1_555 C DT 8 O4 ? ? B DA 20 C DT 63 1_555 ? ? ? ? ? ? WATSON-CRICK ? ? ? 
hydrog36 hydrog ? ? A DT 17 N3 ? ? ? 1_555 C DA 7 N1 ? ? B DT 21 C DA 62 1_555 ? ? ? ? ? ? WATSON-CRICK ? ? ? 
hydrog37 hydrog ? ? A DT 17 O4 ? ? ? 1_555 C DA 7 N6 ? ? B DT 21 C DA 62 1_555 ? ? ? ? ? ? WATSON-CRICK ? ? ? 
hydrog38 hydrog ? ? A DC 18 N3 ? ? ? 1_555 C DG 6 N1 ? ? B DC 22 C DG 61 1_555 ? ? ? ? ? ? WATSON-CRICK ? ? ? 
hydrog39 hydrog ? ? A DC 18 N4 ? ? ? 1_555 C DG 6 O6 ? ? B DC 22 C DG 61 1_555 ? ? ? ? ? ? WATSON-CRICK ? ? ? 
hydrog40 hydrog ? ? A DC 18 O2 ? ? ? 1_555 C DG 6 N2 ? ? B DC 22 C DG 61 1_555 ? ? ? ? ? ? WATSON-CRICK ? ? ? 
hydrog41 hydrog ? ? A DT 19 N3 ? ? ? 1_555 C DA 5 N1 ? ? B DT 23 C DA 60 1_555 ? ? ? ? ? ? WATSON-CRICK ? ? ? 
hydrog42 hydrog ? ? A DT 19 O4 ? ? ? 1_555 C DA 5 N6 ? ? B DT 23 C DA 60 1_555 ? ? ? ? ? ? WATSON-CRICK ? ? ? 
hydrog43 hydrog ? ? A DG 20 N1 ? ? ? 1_555 C DC 4 N3 ? ? B DG 24 C DC 59 1_555 ? ? ? ? ? ? WATSON-CRICK ? ? ? 
hydrog44 hydrog ? ? A DG 20 N2 ? ? ? 1_555 C DC 4 O2 ? ? B DG 24 C DC 59 1_555 ? ? ? ? ? ? WATSON-CRICK ? ? ? 
hydrog45 hydrog ? ? A DG 20 O6 ? ? ? 1_555 C DC 4 N4 ? ? B DG 24 C DC 59 1_555 ? ? ? ? ? ? WATSON-CRICK ? ? ? 
hydrog46 hydrog ? ? A DA 21 N1 ? ? ? 1_555 C DT 3 N3 ? ? B DA 25 C DT 58 1_555 ? ? ? ? ? ? WATSON-CRICK ? ? ? 
hydrog47 hydrog ? ? A DA 21 N6 ? ? ? 1_555 C DT 3 O4 ? ? B DA 25 C DT 58 1_555 ? ? ? ? ? ? WATSON-CRICK ? ? ? 
# 
_struct_conn_type.id          hydrog 
_struct_conn_type.criteria    ? 
_struct_conn_type.reference   ? 
# 
_struct_site.id                   AC1 
_struct_site.pdbx_evidence_code   Software 
_struct_site.pdbx_auth_asym_id    D 
_struct_site.pdbx_auth_comp_id    ARS 
_struct_site.pdbx_auth_seq_id     101 
_struct_site.pdbx_auth_ins_code   ? 
_struct_site.pdbx_num_residues    1 
_struct_site.details              'binding site for residue ARS D 101' 
# 
_struct_site_gen.id                   1 
_struct_site_gen.site_id              AC1 
_struct_site_gen.pdbx_num_res         1 
_struct_site_gen.label_comp_id        DG 
_struct_site_gen.label_asym_id        C 
_struct_site_gen.label_seq_id         9 
_struct_site_gen.pdbx_auth_ins_code   ? 
_struct_site_gen.auth_comp_id         DG 
_struct_site_gen.auth_asym_id         C 
_struct_site_gen.auth_seq_id          64 
_struct_site_gen.label_atom_id        . 
_struct_site_gen.label_alt_id         ? 
_struct_site_gen.symmetry             6_445 
_struct_site_gen.details              ? 
# 
_atom_sites.entry_id                    6UDN 
_atom_sites.Cartn_transf_matrix[1][1]   ? 
_atom_sites.Cartn_transf_matrix[1][2]   ? 
_atom_sites.Cartn_transf_matrix[1][3]   ? 
_atom_sites.Cartn_transf_matrix[2][1]   ? 
_atom_sites.Cartn_transf_matrix[2][2]   ? 
_atom_sites.Cartn_transf_matrix[2][3]   ? 
_atom_sites.Cartn_transf_matrix[3][1]   ? 
_atom_sites.Cartn_transf_matrix[3][2]   ? 
_atom_sites.Cartn_transf_matrix[3][3]   ? 
_atom_sites.Cartn_transf_vector[1]      ? 
_atom_sites.Cartn_transf_vector[2]      ? 
_atom_sites.Cartn_transf_vector[3]      ? 
_atom_sites.fract_transf_matrix[1][1]   -0.00421909 
_atom_sites.fract_transf_matrix[1][2]   0.00746326 
_atom_sites.fract_transf_matrix[1][3]   0.00504289 
_atom_sites.fract_transf_matrix[2][1]   0.00511629 
_atom_sites.fract_transf_matrix[2][2]   0.00835380 
_atom_sites.fract_transf_matrix[2][3]   0.00172637 
_atom_sites.fract_transf_matrix[3][1]   -0.00758415 
_atom_sites.fract_transf_matrix[3][2]   0.00858049 
_atom_sites.fract_transf_matrix[3][3]   -0.01904398 
_atom_sites.fract_transf_vector[1]      -0.256294 
_atom_sites.fract_transf_vector[2]      -0.218162 
_atom_sites.fract_transf_vector[3]      0.441517 
_atom_sites.solution_primary            ? 
_atom_sites.solution_secondary          ? 
_atom_sites.solution_hydrogens          ? 
_atom_sites.special_details             ? 
# 
loop_
_atom_type.symbol 
AS 
C  
H  
MG 
N  
O  
P  
# 
loop_
_atom_site.group_PDB 
_atom_site.id 
_atom_site.type_symbol 
_atom_site.label_atom_id 
_atom_site.label_alt_id 
_atom_site.label_comp_id 
_atom_site.label_asym_id 
_atom_site.label_entity_id 
_atom_site.label_seq_id 
_atom_site.pdbx_PDB_ins_code 
_atom_site.Cartn_x 
_atom_site.Cartn_y 
_atom_site.Cartn_z 
_atom_site.occupancy 
_atom_site.B_iso_or_equiv 
_atom_site.pdbx_formal_charge 
_atom_site.auth_seq_id 
_atom_site.auth_comp_id 
_atom_site.auth_asym_id 
_atom_site.auth_atom_id 
_atom_site.pdbx_PDB_model_num 
ATOM   1    O  "O5'"  . DT  A 1 1  ? -32.948 -14.305 15.047  1.00 117.16 ? 5   DT  B "O5'"  1 
ATOM   2    C  "C5'"  . DT  A 1 1  ? -32.434 -13.481 14.012  1.00 117.74 ? 5   DT  B "C5'"  1 
ATOM   3    C  "C4'"  . DT  A 1 1  ? -32.868 -12.042 14.206  1.00 115.48 ? 5   DT  B "C4'"  1 
ATOM   4    O  "O4'"  . DT  A 1 1  ? -32.477 -11.599 15.526  1.00 107.77 ? 5   DT  B "O4'"  1 
ATOM   5    C  "C3'"  . DT  A 1 1  ? -32.244 -11.050 13.220  1.00 102.05 ? 5   DT  B "C3'"  1 
ATOM   6    O  "O3'"  . DT  A 1 1  ? -33.226 -10.532 12.336  1.00 110.17 ? 5   DT  B "O3'"  1 
ATOM   7    C  "C2'"  . DT  A 1 1  ? -31.629 -9.958  14.097  1.00 109.19 ? 5   DT  B "C2'"  1 
ATOM   8    C  "C1'"  . DT  A 1 1  ? -32.191 -10.228 15.481  1.00 103.39 ? 5   DT  B "C1'"  1 
ATOM   9    N  N1     . DT  A 1 1  ? -31.242 -9.898  16.564  1.00 92.44  ? 5   DT  B N1     1 
ATOM   10   C  C2     . DT  A 1 1  ? -31.198 -8.614  17.047  1.00 89.78  ? 5   DT  B C2     1 
ATOM   11   O  O2     . DT  A 1 1  ? -31.917 -7.722  16.635  1.00 92.05  ? 5   DT  B O2     1 
ATOM   12   N  N3     . DT  A 1 1  ? -30.281 -8.409  18.036  1.00 81.28  ? 5   DT  B N3     1 
ATOM   13   C  C4     . DT  A 1 1  ? -29.417 -9.338  18.579  1.00 93.82  ? 5   DT  B C4     1 
ATOM   14   O  O4     . DT  A 1 1  ? -28.625 -9.055  19.471  1.00 96.68  ? 5   DT  B O4     1 
ATOM   15   C  C5     . DT  A 1 1  ? -29.510 -10.665 18.023  1.00 95.43  ? 5   DT  B C5     1 
ATOM   16   C  C7     . DT  A 1 1  ? -28.619 -11.758 18.532  1.00 96.59  ? 5   DT  B C7     1 
ATOM   17   C  C6     . DT  A 1 1  ? -30.405 -10.879 17.050  1.00 100.45 ? 5   DT  B C6     1 
ATOM   18   H  "H5'"  . DT  A 1 1  ? -32.761 -13.801 13.157  1.00 141.49 ? 5   DT  B "H5'"  1 
ATOM   19   H  "H5''" . DT  A 1 1  ? -31.464 -13.526 14.022  1.00 141.49 ? 5   DT  B "H5''" 1 
ATOM   20   H  "H4'"  . DT  A 1 1  ? -33.834 -11.993 14.131  1.00 138.78 ? 5   DT  B "H4'"  1 
ATOM   21   H  "H3'"  . DT  A 1 1  ? -31.547 -11.492 12.712  1.00 122.66 ? 5   DT  B "H3'"  1 
ATOM   22   H  "H2'"  . DT  A 1 1  ? -30.662 -10.033 14.104  1.00 131.23 ? 5   DT  B "H2'"  1 
ATOM   23   H  "H2''" . DT  A 1 1  ? -31.901 -9.080  13.785  1.00 131.23 ? 5   DT  B "H2''" 1 
ATOM   24   H  "H1'"  . DT  A 1 1  ? -33.010 -9.722  15.602  1.00 124.28 ? 5   DT  B "H1'"  1 
ATOM   25   H  H3     . DT  A 1 1  ? -30.237 -7.613  18.359  1.00 97.74  ? 5   DT  B H3     1 
ATOM   26   H  H71    . DT  A 1 1  ? -29.163 -12.478 18.889  1.00 116.11 ? 5   DT  B H71    1 
ATOM   27   H  H72    . DT  A 1 1  ? -28.071 -12.095 17.806  1.00 116.11 ? 5   DT  B H72    1 
ATOM   28   H  H73    . DT  A 1 1  ? -28.048 -11.409 19.234  1.00 116.11 ? 5   DT  B H73    1 
ATOM   29   H  H6     . DT  A 1 1  ? -30.469 -11.733 16.689  1.00 120.75 ? 5   DT  B H6     1 
ATOM   30   H  "HO5'" . DT  A 1 1  ? -33.472 -13.983 15.620  1.00 140.79 ? 5   DT  B "HO5'" 1 
ATOM   31   P  P      . DA  A 1 2  ? -32.804 -9.482  11.196  1.00 113.22 ? 6   DA  B P      1 
ATOM   32   O  OP1    . DA  A 1 2  ? -33.851 -9.506  10.151  1.00 110.85 ? 6   DA  B OP1    1 
ATOM   33   O  OP2    . DA  A 1 2  ? -31.396 -9.766  10.839  1.00 114.49 ? 6   DA  B OP2    1 
ATOM   34   O  "O5'"  . DA  A 1 2  ? -32.838 -8.066  11.943  1.00 83.29  ? 6   DA  B "O5'"  1 
ATOM   35   C  "C5'"  . DA  A 1 2  ? -32.988 -6.877  11.192  1.00 107.52 ? 6   DA  B "C5'"  1 
ATOM   36   C  "C4'"  . DA  A 1 2  ? -32.356 -5.698  11.906  1.00 105.91 ? 6   DA  B "C4'"  1 
ATOM   37   O  "O4'"  . DA  A 1 2  ? -31.988 -6.078  13.250  1.00 100.89 ? 6   DA  B "O4'"  1 
ATOM   38   C  "C3'"  . DA  A 1 2  ? -31.059 -5.201  11.296  1.00 108.47 ? 6   DA  B "C3'"  1 
ATOM   39   O  "O3'"  . DA  A 1 2  ? -31.301 -4.322  10.174  1.00 96.51  ? 6   DA  B "O3'"  1 
ATOM   40   C  "C2'"  . DA  A 1 2  ? -30.380 -4.512  12.478  1.00 102.16 ? 6   DA  B "C2'"  1 
ATOM   41   C  "C1'"  . DA  A 1 2  ? -30.897 -5.276  13.689  1.00 100.13 ? 6   DA  B "C1'"  1 
ATOM   42   N  N9     . DA  A 1 2  ? -29.904 -6.141  14.319  1.00 88.24  ? 6   DA  B N9     1 
ATOM   43   C  C8     . DA  A 1 2  ? -29.691 -7.465  14.068  1.00 94.36  ? 6   DA  B C8     1 
ATOM   44   N  N7     . DA  A 1 2  ? -28.748 -8.001  14.806  1.00 89.92  ? 6   DA  B N7     1 
ATOM   45   C  C5     . DA  A 1 2  ? -28.310 -6.955  15.597  1.00 78.48  ? 6   DA  B C5     1 
ATOM   46   C  C6     . DA  A 1 2  ? -27.322 -6.872  16.595  1.00 87.92  ? 6   DA  B C6     1 
ATOM   47   N  N6     . DA  A 1 2  ? -26.569 -7.911  16.967  1.00 89.35  ? 6   DA  B N6     1 
ATOM   48   N  N1     . DA  A 1 2  ? -27.135 -5.678  17.194  1.00 79.02  ? 6   DA  B N1     1 
ATOM   49   C  C2     . DA  A 1 2  ? -27.887 -4.641  16.811  1.00 78.95  ? 6   DA  B C2     1 
ATOM   50   N  N3     . DA  A 1 2  ? -28.852 -4.598  15.891  1.00 87.46  ? 6   DA  B N3     1 
ATOM   51   C  C4     . DA  A 1 2  ? -29.014 -5.800  15.314  1.00 91.80  ? 6   DA  B C4     1 
ATOM   52   H  "H5'"  . DA  A 1 2  ? -33.932 -6.700  11.061  1.00 129.23 ? 6   DA  B "H5'"  1 
ATOM   53   H  "H5''" . DA  A 1 2  ? -32.563 -6.992  10.327  1.00 129.23 ? 6   DA  B "H5''" 1 
ATOM   54   H  "H4'"  . DA  A 1 2  ? -32.992 -4.967  11.942  1.00 127.30 ? 6   DA  B "H4'"  1 
ATOM   55   H  "H3'"  . DA  A 1 2  ? -30.524 -5.957  11.009  1.00 130.36 ? 6   DA  B "H3'"  1 
ATOM   56   H  "H2'"  . DA  A 1 2  ? -29.415 -4.592  12.411  1.00 122.80 ? 6   DA  B "H2'"  1 
ATOM   57   H  "H2''" . DA  A 1 2  ? -30.643 -3.579  12.527  1.00 122.80 ? 6   DA  B "H2''" 1 
ATOM   58   H  "H1'"  . DA  A 1 2  ? -31.220 -4.640  14.345  1.00 120.36 ? 6   DA  B "H1'"  1 
ATOM   59   H  H8     . DA  A 1 2  ? -30.174 -7.945  13.434  1.00 113.44 ? 6   DA  B H8     1 
ATOM   60   H  H61    . DA  A 1 2  ? -25.976 -7.815  17.582  1.00 107.42 ? 6   DA  B H61    1 
ATOM   61   H  H62    . DA  A 1 2  ? -26.678 -8.678  16.592  1.00 107.42 ? 6   DA  B H62    1 
ATOM   62   H  H2     . DA  A 1 2  ? -27.724 -3.842  17.259  1.00 94.94  ? 6   DA  B H2     1 
ATOM   63   P  P      . DC  A 1 3  ? -31.776 -2.799  10.380  1.00 109.34 ? 7   DC  B P      1 
ATOM   64   O  OP1    . DC  A 1 3  ? -32.845 -2.771  11.401  1.00 127.44 ? 7   DC  B OP1    1 
ATOM   65   O  OP2    . DC  A 1 3  ? -32.037 -2.242  9.035   1.00 114.38 ? 7   DC  B OP2    1 
ATOM   66   O  "O5'"  . DC  A 1 3  ? -30.489 -2.061  10.978  1.00 114.79 ? 7   DC  B "O5'"  1 
ATOM   67   C  "C5'"  . DC  A 1 3  ? -30.651 -1.098  12.012  1.00 117.99 ? 7   DC  B "C5'"  1 
ATOM   68   C  "C4'"  . DC  A 1 3  ? -29.312 -0.633  12.551  1.00 104.79 ? 7   DC  B "C4'"  1 
ATOM   69   O  "O4'"  . DC  A 1 3  ? -28.694 -1.692  13.326  1.00 102.55 ? 7   DC  B "O4'"  1 
ATOM   70   C  "C3'"  . DC  A 1 3  ? -28.287 -0.250  11.473  1.00 116.71 ? 7   DC  B "C3'"  1 
ATOM   71   O  "O3'"  . DC  A 1 3  ? -28.035 1.193   11.429  1.00 104.59 ? 7   DC  B "O3'"  1 
ATOM   72   C  "C2'"  . DC  A 1 3  ? -27.029 -1.073  11.809  1.00 99.59  ? 7   DC  B "C2'"  1 
ATOM   73   C  "C1'"  . DC  A 1 3  ? -27.292 -1.591  13.214  1.00 96.66  ? 7   DC  B "C1'"  1 
ATOM   74   N  N1     . DC  A 1 3  ? -26.693 -2.948  13.510  1.00 86.40  ? 7   DC  B N1     1 
ATOM   75   C  C2     . DC  A 1 3  ? -25.859 -3.121  14.626  1.00 91.01  ? 7   DC  B C2     1 
ATOM   76   O  O2     . DC  A 1 3  ? -25.602 -2.152  15.348  1.00 106.68 ? 7   DC  B O2     1 
ATOM   77   N  N3     . DC  A 1 3  ? -25.350 -4.355  14.880  1.00 76.73  ? 7   DC  B N3     1 
ATOM   78   C  C4     . DC  A 1 3  ? -25.651 -5.377  14.081  1.00 77.73  ? 7   DC  B C4     1 
ATOM   79   N  N4     . DC  A 1 3  ? -25.130 -6.577  14.368  1.00 81.44  ? 7   DC  B N4     1 
ATOM   80   C  C5     . DC  A 1 3  ? -26.500 -5.222  12.950  1.00 81.12  ? 7   DC  B C5     1 
ATOM   81   C  C6     . DC  A 1 3  ? -26.990 -4.003  12.706  1.00 86.57  ? 7   DC  B C6     1 
ATOM   82   H  "H5'"  . DC  A 1 3  ? -31.163 -1.493  12.735  1.00 141.79 ? 7   DC  B "H5'"  1 
ATOM   83   H  "H5''" . DC  A 1 3  ? -31.134 -0.334  11.662  1.00 141.79 ? 7   DC  B "H5''" 1 
ATOM   84   H  "H4'"  . DC  A 1 3  ? -29.457 0.133   13.129  1.00 125.95 ? 7   DC  B "H4'"  1 
ATOM   85   H  "H3'"  . DC  A 1 3  ? -28.624 -0.534  10.609  1.00 140.26 ? 7   DC  B "H3'"  1 
ATOM   86   H  "H2'"  . DC  A 1 3  ? -26.930 -1.812  11.187  1.00 119.71 ? 7   DC  B "H2'"  1 
ATOM   87   H  "H2''" . DC  A 1 3  ? -26.240 -0.509  11.797  1.00 119.71 ? 7   DC  B "H2''" 1 
ATOM   88   H  "H1'"  . DC  A 1 3  ? -26.963 -0.947  13.860  1.00 116.19 ? 7   DC  B "H1'"  1 
ATOM   89   H  H41    . DC  A 1 3  ? -25.308 -7.253  13.868  1.00 97.93  ? 7   DC  B H41    1 
ATOM   90   H  H42    . DC  A 1 3  ? -24.618 -6.671  15.052  1.00 97.93  ? 7   DC  B H42    1 
ATOM   91   H  H5     . DC  A 1 3  ? -26.703 -5.942  12.398  1.00 97.55  ? 7   DC  B H5     1 
ATOM   92   H  H6     . DC  A 1 3  ? -27.550 -3.875  11.976  1.00 104.09 ? 7   DC  B H6     1 
ATOM   93   P  P      . DT  A 1 4  ? -27.907 2.122   12.744  1.00 116.32 ? 8   DT  B P      1 
ATOM   94   O  OP1    . DT  A 1 4  ? -28.069 1.360   13.999  1.00 114.19 ? 8   DT  B OP1    1 
ATOM   95   O  OP2    . DT  A 1 4  ? -28.723 3.330   12.495  1.00 116.43 ? 8   DT  B OP2    1 
ATOM   96   O  "O5'"  . DT  A 1 4  ? -26.377 2.536   12.753  1.00 117.18 ? 8   DT  B "O5'"  1 
ATOM   97   C  "C5'"  . DT  A 1 4  ? -25.415 1.550   13.029  1.00 111.77 ? 8   DT  B "C5'"  1 
ATOM   98   C  "C4'"  . DT  A 1 4  ? -24.251 2.120   13.784  1.00 109.61 ? 8   DT  B "C4'"  1 
ATOM   99   O  "O4'"  . DT  A 1 4  ? -23.499 1.037   14.380  1.00 104.32 ? 8   DT  B "O4'"  1 
ATOM   100  C  "C3'"  . DT  A 1 4  ? -23.254 2.847   12.919  1.00 110.36 ? 8   DT  B "C3'"  1 
ATOM   101  O  "O3'"  . DT  A 1 4  ? -22.495 3.760   13.695  1.00 116.34 ? 8   DT  B "O3'"  1 
ATOM   102  C  "C2'"  . DT  A 1 4  ? -22.429 1.692   12.369  1.00 104.74 ? 8   DT  B "C2'"  1 
ATOM   103  C  "C1'"  . DT  A 1 4  ? -22.402 0.702   13.545  1.00 107.17 ? 8   DT  B "C1'"  1 
ATOM   104  N  N1     . DT  A 1 4  ? -22.514 -0.772  13.171  1.00 90.94  ? 8   DT  B N1     1 
ATOM   105  C  C2     . DT  A 1 4  ? -21.922 -1.710  13.991  1.00 94.53  ? 8   DT  B C2     1 
ATOM   106  O  O2     . DT  A 1 4  ? -21.299 -1.418  14.997  1.00 110.87 ? 8   DT  B O2     1 
ATOM   107  N  N3     . DT  A 1 4  ? -22.079 -3.010  13.590  1.00 78.95  ? 8   DT  B N3     1 
ATOM   108  C  C4     . DT  A 1 4  ? -22.760 -3.465  12.479  1.00 80.81  ? 8   DT  B C4     1 
ATOM   109  O  O4     . DT  A 1 4  ? -22.845 -4.658  12.205  1.00 75.41  ? 8   DT  B O4     1 
ATOM   110  C  C5     . DT  A 1 4  ? -23.363 -2.439  11.665  1.00 68.63  ? 8   DT  B C5     1 
ATOM   111  C  C7     . DT  A 1 4  ? -24.120 -2.815  10.426  1.00 76.47  ? 8   DT  B C7     1 
ATOM   112  C  C6     . DT  A 1 4  ? -23.219 -1.157  12.043  1.00 86.84  ? 8   DT  B C6     1 
ATOM   113  H  "H5'"  . DT  A 1 4  ? -25.099 1.173   12.193  1.00 134.33 ? 8   DT  B "H5'"  1 
ATOM   114  H  "H5''" . DT  A 1 4  ? -25.825 0.848   13.559  1.00 134.33 ? 8   DT  B "H5''" 1 
ATOM   115  H  "H4'"  . DT  A 1 4  ? -24.572 2.714   14.479  1.00 131.74 ? 8   DT  B "H4'"  1 
ATOM   116  H  "H3'"  . DT  A 1 4  ? -23.709 3.311   12.199  1.00 132.64 ? 8   DT  B "H3'"  1 
ATOM   117  H  "H2'"  . DT  A 1 4  ? -22.865 1.297   11.596  1.00 125.89 ? 8   DT  B "H2'"  1 
ATOM   118  H  "H2''" . DT  A 1 4  ? -21.532 1.986   12.146  1.00 125.89 ? 8   DT  B "H2''" 1 
ATOM   119  H  "H1'"  . DT  A 1 4  ? -21.581 0.834   14.043  1.00 128.81 ? 8   DT  B "H1'"  1 
ATOM   120  H  H3     . DT  A 1 4  ? -21.715 -3.610  14.087  1.00 94.94  ? 8   DT  B H3     1 
ATOM   121  H  H71    . DT  A 1 4  ? -25.026 -2.471  10.484  1.00 91.97  ? 8   DT  B H71    1 
ATOM   122  H  H72    . DT  A 1 4  ? -23.680 -2.435  9.649   1.00 91.97  ? 8   DT  B H72    1 
ATOM   123  H  H73    . DT  A 1 4  ? -24.146 -3.781  10.342  1.00 91.97  ? 8   DT  B H73    1 
ATOM   124  H  H6     . DT  A 1 4  ? -23.605 -0.495  11.516  1.00 104.41 ? 8   DT  B H6     1 
ATOM   125  P  P      . DG  A 1 5  ? -21.400 4.711   13.005  1.00 125.34 ? 9   DG  B P      1 
ATOM   126  O  OP1    . DG  A 1 5  ? -21.761 6.110   13.320  1.00 130.03 ? 9   DG  B OP1    1 
ATOM   127  O  OP2    . DG  A 1 5  ? -21.248 4.304   11.591  1.00 114.63 ? 9   DG  B OP2    1 
ATOM   128  O  "O5'"  . DG  A 1 5  ? -20.057 4.328   13.779  1.00 115.73 ? 9   DG  B "O5'"  1 
ATOM   129  C  "C5'"  . DG  A 1 5  ? -20.142 3.703   15.056  1.00 110.59 ? 9   DG  B "C5'"  1 
ATOM   130  C  "C4'"  . DG  A 1 5  ? -18.783 3.232   15.525  1.00 119.36 ? 9   DG  B "C4'"  1 
ATOM   131  O  "O4'"  . DG  A 1 5  ? -18.605 1.836   15.171  1.00 113.12 ? 9   DG  B "O4'"  1 
ATOM   132  C  "C3'"  . DG  A 1 5  ? -17.604 3.964   14.907  1.00 125.95 ? 9   DG  B "C3'"  1 
ATOM   133  O  "O3'"  . DG  A 1 5  ? -16.518 4.024   15.834  1.00 131.32 ? 9   DG  B "O3'"  1 
ATOM   134  C  "C2'"  . DG  A 1 5  ? -17.297 3.128   13.662  1.00 117.62 ? 9   DG  B "C2'"  1 
ATOM   135  C  "C1'"  . DG  A 1 5  ? -17.720 1.712   14.068  1.00 111.63 ? 9   DG  B "C1'"  1 
ATOM   136  N  N9     . DG  A 1 5  ? -18.405 0.962   13.015  1.00 94.12  ? 9   DG  B N9     1 
ATOM   137  C  C8     . DG  A 1 5  ? -19.128 1.470   11.964  1.00 89.61  ? 9   DG  B C8     1 
ATOM   138  N  N7     . DG  A 1 5  ? -19.640 0.554   11.189  1.00 91.00  ? 9   DG  B N7     1 
ATOM   139  C  C5     . DG  A 1 5  ? -19.225 -0.641  11.759  1.00 88.51  ? 9   DG  B C5     1 
ATOM   140  C  C6     . DG  A 1 5  ? -19.468 -1.975  11.355  1.00 91.16  ? 9   DG  B C6     1 
ATOM   141  O  O6     . DG  A 1 5  ? -20.120 -2.375  10.382  1.00 87.08  ? 9   DG  B O6     1 
ATOM   142  N  N1     . DG  A 1 5  ? -18.862 -2.890  12.211  1.00 72.87  ? 9   DG  B N1     1 
ATOM   143  C  C2     . DG  A 1 5  ? -18.118 -2.560  13.315  1.00 81.38  ? 9   DG  B C2     1 
ATOM   144  N  N2     . DG  A 1 5  ? -17.614 -3.584  14.017  1.00 80.91  ? 9   DG  B N2     1 
ATOM   145  N  N3     . DG  A 1 5  ? -17.884 -1.314  13.706  1.00 87.59  ? 9   DG  B N3     1 
ATOM   146  C  C4     . DG  A 1 5  ? -18.466 -0.409  12.883  1.00 85.86  ? 9   DG  B C4     1 
ATOM   147  H  "H5'"  . DG  A 1 5  ? -20.740 2.941   14.997  1.00 132.91 ? 9   DG  B "H5'"  1 
ATOM   148  H  "H5''" . DG  A 1 5  ? -20.498 4.338   15.697  1.00 132.91 ? 9   DG  B "H5''" 1 
ATOM   149  H  "H4'"  . DG  A 1 5  ? -18.736 3.320   16.490  1.00 143.43 ? 9   DG  B "H4'"  1 
ATOM   150  H  "H3'"  . DG  A 1 5  ? -17.870 4.859   14.647  1.00 151.34 ? 9   DG  B "H3'"  1 
ATOM   151  H  "H2'"  . DG  A 1 5  ? -17.821 3.437   12.907  1.00 141.34 ? 9   DG  B "H2'"  1 
ATOM   152  H  "H2''" . DG  A 1 5  ? -16.350 3.156   13.458  1.00 141.34 ? 9   DG  B "H2''" 1 
ATOM   153  H  "H1'"  . DG  A 1 5  ? -16.934 1.217   14.349  1.00 134.16 ? 9   DG  B "H1'"  1 
ATOM   154  H  H8     . DG  A 1 5  ? -19.254 2.382   11.825  1.00 107.73 ? 9   DG  B H8     1 
ATOM   155  H  H1     . DG  A 1 5  ? -18.961 -3.726  12.034  1.00 87.65  ? 9   DG  B H1     1 
ATOM   156  H  H21    . DG  A 1 5  ? -17.153 -3.432  14.726  1.00 97.29  ? 9   DG  B H21    1 
ATOM   157  H  H22    . DG  A 1 5  ? -17.751 -4.391  13.758  1.00 97.29  ? 9   DG  B H22    1 
ATOM   158  P  P      . DA  A 1 6  ? -15.028 4.366   15.345  1.00 133.71 ? 10  DA  B P      1 
ATOM   159  O  OP1    . DA  A 1 6  ? -14.331 5.019   16.476  1.00 130.10 ? 10  DA  B OP1    1 
ATOM   160  O  OP2    . DA  A 1 6  ? -15.115 5.066   14.042  1.00 119.46 ? 10  DA  B OP2    1 
ATOM   161  O  "O5'"  . DA  A 1 6  ? -14.387 2.922   15.114  1.00 122.28 ? 10  DA  B "O5'"  1 
ATOM   162  C  "C5'"  . DA  A 1 6  ? -14.633 1.885   16.062  1.00 115.99 ? 10  DA  B "C5'"  1 
ATOM   163  C  "C4'"  . DA  A 1 6  ? -13.941 0.601   15.652  1.00 115.45 ? 10  DA  B "C4'"  1 
ATOM   164  O  "O4'"  . DA  A 1 6  ? -14.765 -0.105  14.678  1.00 112.69 ? 10  DA  B "O4'"  1 
ATOM   165  C  "C3'"  . DA  A 1 6  ? -12.576 0.800   14.990  1.00 111.23 ? 10  DA  B "C3'"  1 
ATOM   166  O  "O3'"  . DA  A 1 6  ? -11.634 -0.149  15.471  1.00 119.75 ? 10  DA  B "O3'"  1 
ATOM   167  C  "C2'"  . DA  A 1 6  ? -12.876 0.615   13.510  1.00 117.07 ? 10  DA  B "C2'"  1 
ATOM   168  C  "C1'"  . DA  A 1 6  ? -13.989 -0.417  13.541  1.00 104.34 ? 10  DA  B "C1'"  1 
ATOM   169  N  N9     . DA  A 1 6  ? -14.845 -0.408  12.354  1.00 94.04  ? 10  DA  B N9     1 
ATOM   170  C  C8     . DA  A 1 6  ? -15.360 0.687   11.714  1.00 96.15  ? 10  DA  B C8     1 
ATOM   171  N  N7     . DA  A 1 6  ? -16.091 0.390   10.666  1.00 98.87  ? 10  DA  B N7     1 
ATOM   172  C  C5     . DA  A 1 6  ? -16.058 -0.994  10.616  1.00 77.86  ? 10  DA  B C5     1 
ATOM   173  C  C6     . DA  A 1 6  ? -16.638 -1.925  9.733   1.00 86.55  ? 10  DA  B C6     1 
ATOM   174  N  N6     . DA  A 1 6  ? -17.401 -1.572  8.695   1.00 87.74  ? 10  DA  B N6     1 
ATOM   175  N  N1     . DA  A 1 6  ? -16.406 -3.236  9.964   1.00 85.50  ? 10  DA  B N1     1 
ATOM   176  C  C2     . DA  A 1 6  ? -15.642 -3.583  11.008  1.00 83.69  ? 10  DA  B C2     1 
ATOM   177  N  N3     . DA  A 1 6  ? -15.041 -2.798  11.903  1.00 84.62  ? 10  DA  B N3     1 
ATOM   178  C  C4     . DA  A 1 6  ? -15.293 -1.503  11.648  1.00 86.73  ? 10  DA  B C4     1 
ATOM   179  H  "H5'"  . DA  A 1 6  ? -15.588 1.728   16.121  1.00 139.39 ? 10  DA  B "H5'"  1 
ATOM   180  H  "H5''" . DA  A 1 6  ? -14.301 2.162   16.930  1.00 139.39 ? 10  DA  B "H5''" 1 
ATOM   181  H  "H4'"  . DA  A 1 6  ? -13.831 0.039   16.435  1.00 138.74 ? 10  DA  B "H4'"  1 
ATOM   182  H  "H3'"  . DA  A 1 6  ? -12.256 1.701   15.153  1.00 133.68 ? 10  DA  B "H3'"  1 
ATOM   183  H  "H2'"  . DA  A 1 6  ? -13.186 1.444   13.114  1.00 140.69 ? 10  DA  B "H2'"  1 
ATOM   184  H  "H2''" . DA  A 1 6  ? -12.101 0.272   13.039  1.00 140.69 ? 10  DA  B "H2''" 1 
ATOM   185  H  "H1'"  . DA  A 1 6  ? -13.603 -1.300  13.650  1.00 125.42 ? 10  DA  B "H1'"  1 
ATOM   186  H  H8     . DA  A 1 6  ? -15.204 1.560   11.995  1.00 115.58 ? 10  DA  B H8     1 
ATOM   187  H  H61    . DA  A 1 6  ? -17.738 -2.177  8.184   1.00 105.49 ? 10  DA  B H61    1 
ATOM   188  H  H62    . DA  A 1 6  ? -17.556 -0.741  8.537   1.00 105.49 ? 10  DA  B H62    1 
ATOM   189  H  H2     . DA  A 1 6  ? -15.510 -4.496  11.124  1.00 100.64 ? 10  DA  B H2     1 
ATOM   190  P  P      . DC  A 1 7  ? -10.143 -0.168  14.876  1.00 106.41 ? 11  DC  B P      1 
ATOM   191  O  OP1    . DC  A 1 7  ? -9.240  -0.677  15.931  1.00 99.21  ? 11  DC  B OP1    1 
ATOM   192  O  OP2    . DC  A 1 7  ? -9.895  1.154   14.255  1.00 113.14 ? 11  DC  B OP2    1 
ATOM   193  O  "O5'"  . DC  A 1 7  ? -10.210 -1.260  13.712  1.00 109.25 ? 11  DC  B "O5'"  1 
ATOM   194  C  "C5'"  . DC  A 1 7  ? -10.041 -2.629  14.032  1.00 104.44 ? 11  DC  B "C5'"  1 
ATOM   195  C  "C4'"  . DC  A 1 7  ? -10.349 -3.519  12.843  1.00 106.40 ? 11  DC  B "C4'"  1 
ATOM   196  O  "O4'"  . DC  A 1 7  ? -11.686 -3.252  12.352  1.00 115.99 ? 11  DC  B "O4'"  1 
ATOM   197  C  "C3'"  . DC  A 1 7  ? -9.491  -3.305  11.614  1.00 110.79 ? 11  DC  B "C3'"  1 
ATOM   198  O  "O3'"  . DC  A 1 7  ? -8.157  -3.852  11.760  1.00 112.51 ? 11  DC  B "O3'"  1 
ATOM   199  C  "C2'"  . DC  A 1 7  ? -10.332 -3.998  10.552  1.00 112.53 ? 11  DC  B "C2'"  1 
ATOM   200  C  "C1'"  . DC  A 1 7  ? -11.760 -3.667  10.990  1.00 105.72 ? 11  DC  B "C1'"  1 
ATOM   201  N  N1     . DC  A 1 7  ? -12.385 -2.592  10.173  1.00 79.64  ? 11  DC  B N1     1 
ATOM   202  C  C2     . DC  A 1 7  ? -13.094 -2.936  9.017   1.00 79.97  ? 11  DC  B C2     1 
ATOM   203  O  O2     . DC  A 1 7  ? -13.196 -4.130  8.708   1.00 85.97  ? 11  DC  B O2     1 
ATOM   204  N  N3     . DC  A 1 7  ? -13.657 -1.953  8.274   1.00 81.40  ? 11  DC  B N3     1 
ATOM   205  C  C4     . DC  A 1 7  ? -13.523 -0.681  8.639   1.00 91.90  ? 11  DC  B C4     1 
ATOM   206  N  N4     . DC  A 1 7  ? -14.096 0.257   7.875   1.00 90.35  ? 11  DC  B N4     1 
ATOM   207  C  C5     . DC  A 1 7  ? -12.798 -0.306  9.813   1.00 90.70  ? 11  DC  B C5     1 
ATOM   208  C  C6     . DC  A 1 7  ? -12.247 -1.288  10.538  1.00 91.66  ? 11  DC  B C6     1 
ATOM   209  H  "H5'"  . DC  A 1 7  ? -10.635 -2.860  14.763  1.00 125.53 ? 11  DC  B "H5'"  1 
ATOM   210  H  "H5''" . DC  A 1 7  ? -9.124  -2.779  14.310  1.00 125.53 ? 11  DC  B "H5''" 1 
ATOM   211  H  "H4'"  . DC  A 1 7  ? -10.291 -4.448  13.114  1.00 127.88 ? 11  DC  B "H4'"  1 
ATOM   212  H  "H3'"  . DC  A 1 7  ? -9.435  -2.356  11.418  1.00 133.15 ? 11  DC  B "H3'"  1 
ATOM   213  H  "H2'"  . DC  A 1 7  ? -10.148 -3.630  9.673   1.00 135.24 ? 11  DC  B "H2'"  1 
ATOM   214  H  "H2''" . DC  A 1 7  ? -10.182 -4.956  10.566  1.00 135.24 ? 11  DC  B "H2''" 1 
ATOM   215  H  "H1'"  . DC  A 1 7  ? -12.303 -4.468  10.930  1.00 127.06 ? 11  DC  B "H1'"  1 
ATOM   216  H  H41    . DC  A 1 7  ? -14.025 1.088   8.088   1.00 108.63 ? 11  DC  B H41    1 
ATOM   217  H  H42    . DC  A 1 7  ? -14.534 0.030   7.171   1.00 108.63 ? 11  DC  B H42    1 
ATOM   218  H  H5     . DC  A 1 7  ? -12.711 0.586   10.063  1.00 109.04 ? 11  DC  B H5     1 
ATOM   219  H  H6     . DC  A 1 7  ? -11.770 -1.078  11.307  1.00 110.20 ? 11  DC  B H6     1 
ATOM   220  P  P      . DT  A 1 8  ? -7.868  -5.436  11.785  1.00 121.01 ? 12  DT  B P      1 
ATOM   221  O  OP1    . DT  A 1 8  ? -8.763  -6.072  12.773  1.00 111.86 ? 12  DT  B OP1    1 
ATOM   222  O  OP2    . DT  A 1 8  ? -6.403  -5.588  11.916  1.00 122.33 ? 12  DT  B OP2    1 
ATOM   223  O  "O5'"  . DT  A 1 8  ? -8.286  -5.966  10.335  1.00 111.68 ? 12  DT  B "O5'"  1 
ATOM   224  C  "C5'"  . DT  A 1 8  ? -8.815  -7.278  10.214  1.00 107.32 ? 12  DT  B "C5'"  1 
ATOM   225  C  "C4'"  . DT  A 1 8  ? -9.278  -7.574  8.799   1.00 96.62  ? 12  DT  B "C4'"  1 
ATOM   226  O  "O4'"  . DT  A 1 8  ? -10.056 -6.468  8.284   1.00 98.52  ? 12  DT  B "O4'"  1 
ATOM   227  C  "C3'"  . DT  A 1 8  ? -8.157  -7.802  7.779   1.00 98.83  ? 12  DT  B "C3'"  1 
ATOM   228  O  "O3'"  . DT  A 1 8  ? -8.236  -9.130  7.284   1.00 106.67 ? 12  DT  B "O3'"  1 
ATOM   229  C  "C2'"  . DT  A 1 8  ? -8.413  -6.749  6.687   1.00 109.05 ? 12  DT  B "C2'"  1 
ATOM   230  C  "C1'"  . DT  A 1 8  ? -9.880  -6.429  6.890   1.00 108.72 ? 12  DT  B "C1'"  1 
ATOM   231  N  N1     . DT  A 1 8  ? -10.344 -5.091  6.389   1.00 88.51  ? 12  DT  B N1     1 
ATOM   232  C  C2     . DT  A 1 8  ? -11.115 -5.027  5.249   1.00 79.13  ? 12  DT  B C2     1 
ATOM   233  O  O2     . DT  A 1 8  ? -11.411 -6.004  4.586   1.00 95.71  ? 12  DT  B O2     1 
ATOM   234  N  N3     . DT  A 1 8  ? -11.520 -3.771  4.903   1.00 62.18  ? 12  DT  B N3     1 
ATOM   235  C  C4     . DT  A 1 8  ? -11.252 -2.596  5.567   1.00 70.02  ? 12  DT  B C4     1 
ATOM   236  O  O4     . DT  A 1 8  ? -11.663 -1.511  5.172   1.00 74.48  ? 12  DT  B O4     1 
ATOM   237  C  C5     . DT  A 1 8  ? -10.455 -2.730  6.758   1.00 72.91  ? 12  DT  B C5     1 
ATOM   238  C  C7     . DT  A 1 8  ? -10.102 -1.517  7.561   1.00 79.35  ? 12  DT  B C7     1 
ATOM   239  C  C6     . DT  A 1 8  ? -10.049 -3.959  7.112   1.00 82.63  ? 12  DT  B C6     1 
ATOM   240  H  "H5'"  . DT  A 1 8  ? -9.568  -7.371  10.818  1.00 128.99 ? 12  DT  B "H5'"  1 
ATOM   241  H  "H5''" . DT  A 1 8  ? -8.130  -7.919  10.462  1.00 128.99 ? 12  DT  B "H5''" 1 
ATOM   242  H  "H4'"  . DT  A 1 8  ? -9.842  -8.362  8.819   1.00 116.15 ? 12  DT  B "H4'"  1 
ATOM   243  H  "H3'"  . DT  A 1 8  ? -7.293  -7.650  8.195   1.00 118.80 ? 12  DT  B "H3'"  1 
ATOM   244  H  "H2'"  . DT  A 1 8  ? -7.865  -5.962  6.831   1.00 131.06 ? 12  DT  B "H2'"  1 
ATOM   245  H  "H2''" . DT  A 1 8  ? -8.260  -7.123  5.804   1.00 131.06 ? 12  DT  B "H2''" 1 
ATOM   246  H  "H1'"  . DT  A 1 8  ? -10.417 -7.126  6.482   1.00 130.67 ? 12  DT  B "H1'"  1 
ATOM   247  H  H3     . DT  A 1 8  ? -11.994 -3.706  4.189   1.00 74.82  ? 12  DT  B H3     1 
ATOM   248  H  H71    . DT  A 1 8  ? -10.426 -1.625  8.469   1.00 95.43  ? 12  DT  B H71    1 
ATOM   249  H  H72    . DT  A 1 8  ? -9.138  -1.406  7.572   1.00 95.43  ? 12  DT  B H72    1 
ATOM   250  H  H73    . DT  A 1 8  ? -10.513 -0.735  7.161   1.00 95.43  ? 12  DT  B H73    1 
ATOM   251  H  H6     . DT  A 1 8  ? -9.538  -4.049  7.884   1.00 99.36  ? 12  DT  B H6     1 
ATOM   252  P  P      . DC  A 1 9  ? -6.910  -9.985  7.001   1.00 117.44 ? 13  DC  B P      1 
ATOM   253  O  OP1    . DC  A 1 9  ? -7.222  -11.403 7.288   1.00 129.47 ? 13  DC  B OP1    1 
ATOM   254  O  OP2    . DC  A 1 9  ? -5.772  -9.331  7.683   1.00 121.25 ? 13  DC  B OP2    1 
ATOM   255  O  "O5'"  . DC  A 1 9  ? -6.707  -9.828  5.429   1.00 116.05 ? 13  DC  B "O5'"  1 
ATOM   256  C  "C5'"  . DC  A 1 9  ? -7.767  -10.155 4.544   1.00 118.43 ? 13  DC  B "C5'"  1 
ATOM   257  C  "C4'"  . DC  A 1 9  ? -7.647  -9.377  3.248   1.00 116.08 ? 13  DC  B "C4'"  1 
ATOM   258  O  "O4'"  . DC  A 1 9  ? -8.361  -8.133  3.362   1.00 112.74 ? 13  DC  B "O4'"  1 
ATOM   259  C  "C3'"  . DC  A 1 9  ? -6.226  -8.961  2.872   1.00 115.91 ? 13  DC  B "C3'"  1 
ATOM   260  O  "O3'"  . DC  A 1 9  ? -5.546  -9.967  2.072   1.00 112.92 ? 13  DC  B "O3'"  1 
ATOM   261  C  "C2'"  . DC  A 1 9  ? -6.418  -7.641  2.122   1.00 114.82 ? 13  DC  B "C2'"  1 
ATOM   262  C  "C1'"  . DC  A 1 9  ? -7.886  -7.270  2.356   1.00 109.10 ? 13  DC  B "C1'"  1 
ATOM   263  N  N1     . DC  A 1 9  ? -8.093  -5.847  2.785   1.00 91.35  ? 13  DC  B N1     1 
ATOM   264  C  C2     . DC  A 1 9  ? -8.922  -5.009  2.030   1.00 89.19  ? 13  DC  B C2     1 
ATOM   265  O  O2     . DC  A 1 9  ? -9.479  -5.460  1.020   1.00 92.58  ? 13  DC  B O2     1 
ATOM   266  N  N3     . DC  A 1 9  ? -9.098  -3.726  2.427   1.00 75.60  ? 13  DC  B N3     1 
ATOM   267  C  C4     . DC  A 1 9  ? -8.484  -3.277  3.522   1.00 77.89  ? 13  DC  B C4     1 
ATOM   268  N  N4     . DC  A 1 9  ? -8.691  -2.006  3.871   1.00 77.54  ? 13  DC  B N4     1 
ATOM   269  C  C5     . DC  A 1 9  ? -7.634  -4.112  4.301   1.00 71.51  ? 13  DC  B C5     1 
ATOM   270  C  C6     . DC  A 1 9  ? -7.466  -5.377  3.901   1.00 78.30  ? 13  DC  B C6     1 
ATOM   271  H  "H5'"  . DC  A 1 9  ? -8.613  -9.942  4.966   1.00 142.33 ? 13  DC  B "H5'"  1 
ATOM   272  H  "H5''" . DC  A 1 9  ? -7.738  -11.105 4.348   1.00 142.33 ? 13  DC  B "H5''" 1 
ATOM   273  H  "H4'"  . DC  A 1 9  ? -8.028  -9.899  2.525   1.00 139.50 ? 13  DC  B "H4'"  1 
ATOM   274  H  "H3'"  . DC  A 1 9  ? -5.717  -8.797  3.681   1.00 139.29 ? 13  DC  B "H3'"  1 
ATOM   275  H  "H2'"  . DC  A 1 9  ? -5.835  -6.957  2.486   1.00 137.99 ? 13  DC  B "H2'"  1 
ATOM   276  H  "H2''" . DC  A 1 9  ? -6.247  -7.763  1.175   1.00 137.99 ? 13  DC  B "H2''" 1 
ATOM   277  H  "H1'"  . DC  A 1 9  ? -8.385  -7.430  1.540   1.00 131.12 ? 13  DC  B "H1'"  1 
ATOM   278  H  H41    . DC  A 1 9  ? -8.308  -1.685  4.571   1.00 93.26  ? 13  DC  B H41    1 
ATOM   279  H  H42    . DC  A 1 9  ? -9.205  -1.508  3.395   1.00 93.26  ? 13  DC  B H42    1 
ATOM   280  H  H5     . DC  A 1 9  ? -7.210  -3.789  5.063   1.00 86.01  ? 13  DC  B H5     1 
ATOM   281  H  H6     . DC  A 1 9  ? -6.916  -5.944  4.392   1.00 94.16  ? 13  DC  B H6     1 
ATOM   282  P  P      . DA  A 1 10 ? -6.213  -10.647 0.769   1.00 123.99 ? 14  DA  B P      1 
ATOM   283  O  OP1    . DA  A 1 10 ? -7.267  -11.583 1.217   1.00 134.37 ? 14  DA  B OP1    1 
ATOM   284  O  OP2    . DA  A 1 10 ? -5.100  -11.161 -0.058  1.00 118.49 ? 14  DA  B OP2    1 
ATOM   285  O  "O5'"  . DA  A 1 10 ? -6.866  -9.440  -0.051  1.00 109.86 ? 14  DA  B "O5'"  1 
ATOM   286  C  "C5'"  . DA  A 1 10 ? -7.798  -9.717  -1.091  1.00 116.22 ? 14  DA  B "C5'"  1 
ATOM   287  C  "C4'"  . DA  A 1 10 ? -7.671  -8.721  -2.236  1.00 117.04 ? 14  DA  B "C4'"  1 
ATOM   288  O  "O4'"  . DA  A 1 10 ? -7.763  -7.370  -1.715  1.00 108.19 ? 14  DA  B "O4'"  1 
ATOM   289  C  "C3'"  . DA  A 1 10 ? -6.359  -8.800  -3.020  1.00 119.51 ? 14  DA  B "C3'"  1 
ATOM   290  O  "O3'"  . DA  A 1 10 ? -6.634  -8.967  -4.416  1.00 114.53 ? 14  DA  B "O3'"  1 
ATOM   291  C  "C2'"  . DA  A 1 10 ? -5.634  -7.483  -2.705  1.00 109.53 ? 14  DA  B "C2'"  1 
ATOM   292  C  "C1'"  . DA  A 1 10 ? -6.757  -6.549  -2.271  1.00 102.29 ? 14  DA  B "C1'"  1 
ATOM   293  N  N9     . DA  A 1 10 ? -6.385  -5.569  -1.249  1.00 85.26  ? 14  DA  B N9     1 
ATOM   294  C  C8     . DA  A 1 10 ? -5.570  -5.769  -0.174  1.00 86.14  ? 14  DA  B C8     1 
ATOM   295  N  N7     . DA  A 1 10 ? -5.448  -4.722  0.606   1.00 83.36  ? 14  DA  B N7     1 
ATOM   296  C  C5     . DA  A 1 10 ? -6.245  -3.768  0.005   1.00 63.06  ? 14  DA  B C5     1 
ATOM   297  C  C6     . DA  A 1 10 ? -6.539  -2.434  0.340   1.00 71.04  ? 14  DA  B C6     1 
ATOM   298  N  N6     . DA  A 1 10 ? -6.036  -1.819  1.415   1.00 76.45  ? 14  DA  B N6     1 
ATOM   299  N  N1     . DA  A 1 10 ? -7.371  -1.756  -0.474  1.00 70.56  ? 14  DA  B N1     1 
ATOM   300  C  C2     . DA  A 1 10 ? -7.873  -2.377  -1.548  1.00 83.57  ? 14  DA  B C2     1 
ATOM   301  N  N3     . DA  A 1 10 ? -7.671  -3.626  -1.965  1.00 78.12  ? 14  DA  B N3     1 
ATOM   302  C  C4     . DA  A 1 10 ? -6.839  -4.273  -1.136  1.00 74.80  ? 14  DA  B C4     1 
ATOM   303  H  "H5'"  . DA  A 1 10 ? -8.697  -9.670  -0.731  1.00 139.67 ? 14  DA  B "H5'"  1 
ATOM   304  H  "H5''" . DA  A 1 10 ? -7.639  -10.611 -1.430  1.00 139.67 ? 14  DA  B "H5''" 1 
ATOM   305  H  "H4'"  . DA  A 1 10 ? -8.406  -8.865  -2.851  1.00 140.66 ? 14  DA  B "H4'"  1 
ATOM   306  H  "H3'"  . DA  A 1 10 ? -5.831  -9.548  -2.699  1.00 143.62 ? 14  DA  B "H3'"  1 
ATOM   307  H  "H2'"  . DA  A 1 10 ? -4.997  -7.607  -1.984  1.00 131.65 ? 14  DA  B "H2'"  1 
ATOM   308  H  "H2''" . DA  A 1 10 ? -5.192  -7.138  -3.497  1.00 131.65 ? 14  DA  B "H2''" 1 
ATOM   309  H  "H1'"  . DA  A 1 10 ? -7.110  -6.088  -3.047  1.00 122.96 ? 14  DA  B "H1'"  1 
ATOM   310  H  H8     . DA  A 1 10 ? -5.144  -6.578  -0.006  1.00 103.58 ? 14  DA  B H8     1 
ATOM   311  H  H61    . DA  A 1 10 ? -6.246  -1.001  1.581   1.00 91.94  ? 14  DA  B H61    1 
ATOM   312  H  H62    . DA  A 1 10 ? -5.502  -2.240  1.942   1.00 91.94  ? 14  DA  B H62    1 
ATOM   313  H  H2     . DA  A 1 10 ? -8.441  -1.866  -2.077  1.00 100.49 ? 14  DA  B H2     1 
ATOM   314  P  P      . DT  A 1 11 ? -5.447  -8.963  -5.500  1.00 111.23 ? 15  DT  B P      1 
ATOM   315  O  OP1    . DT  A 1 11 ? -5.822  -9.892  -6.590  1.00 116.02 ? 15  DT  B OP1    1 
ATOM   316  O  OP2    . DT  A 1 11 ? -4.173  -9.153  -4.773  1.00 118.14 ? 15  DT  B OP2    1 
ATOM   317  O  "O5'"  . DT  A 1 11 ? -5.471  -7.468  -6.066  1.00 107.73 ? 15  DT  B "O5'"  1 
ATOM   318  C  "C5'"  . DT  A 1 11 ? -6.715  -6.832  -6.321  1.00 89.18  ? 15  DT  B "C5'"  1 
ATOM   319  C  "C4'"  . DT  A 1 11 ? -6.521  -5.365  -6.654  1.00 103.55 ? 15  DT  B "C4'"  1 
ATOM   320  O  "O4'"  . DT  A 1 11 ? -6.344  -4.603  -5.431  1.00 100.18 ? 15  DT  B "O4'"  1 
ATOM   321  C  "C3'"  . DT  A 1 11 ? -5.298  -5.053  -7.524  1.00 97.82  ? 15  DT  B "C3'"  1 
ATOM   322  O  "O3'"  . DT  A 1 11 ? -5.679  -4.264  -8.642  1.00 109.55 ? 15  DT  B "O3'"  1 
ATOM   323  C  "C2'"  . DT  A 1 11 ? -4.357  -4.308  -6.574  1.00 91.82  ? 15  DT  B "C2'"  1 
ATOM   324  C  "C1'"  . DT  A 1 11 ? -5.339  -3.640  -5.637  1.00 93.64  ? 15  DT  B "C1'"  1 
ATOM   325  N  N1     . DT  A 1 11 ? -4.792  -3.229  -4.304  1.00 84.11  ? 15  DT  B N1     1 
ATOM   326  C  C2     . DT  A 1 11 ? -5.062  -1.964  -3.836  1.00 85.68  ? 15  DT  B C2     1 
ATOM   327  O  O2     . DT  A 1 11 ? -5.706  -1.144  -4.466  1.00 96.37  ? 15  DT  B O2     1 
ATOM   328  N  N3     . DT  A 1 11 ? -4.545  -1.683  -2.601  1.00 77.01  ? 15  DT  B N3     1 
ATOM   329  C  C4     . DT  A 1 11 ? -3.804  -2.524  -1.798  1.00 79.91  ? 15  DT  B C4     1 
ATOM   330  O  O4     . DT  A 1 11 ? -3.381  -2.176  -0.698  1.00 78.19  ? 15  DT  B O4     1 
ATOM   331  C  C5     . DT  A 1 11 ? -3.562  -3.842  -2.340  1.00 77.98  ? 15  DT  B C5     1 
ATOM   332  C  C7     . DT  A 1 11 ? -2.766  -4.843  -1.558  1.00 72.57  ? 15  DT  B C7     1 
ATOM   333  C  C6     . DT  A 1 11 ? -4.066  -4.131  -3.552  1.00 79.62  ? 15  DT  B C6     1 
ATOM   334  H  "H5'"  . DT  A 1 11 ? -7.278  -6.908  -5.535  1.00 107.22 ? 15  DT  B "H5'"  1 
ATOM   335  H  "H5''" . DT  A 1 11 ? -7.150  -7.273  -7.066  1.00 107.22 ? 15  DT  B "H5''" 1 
ATOM   336  H  "H4'"  . DT  A 1 11 ? -7.315  -5.043  -7.109  1.00 124.47 ? 15  DT  B "H4'"  1 
ATOM   337  H  "H3'"  . DT  A 1 11 ? -4.884  -5.879  -7.822  1.00 117.59 ? 15  DT  B "H3'"  1 
ATOM   338  H  "H2'"  . DT  A 1 11 ? -3.787  -4.928  -6.093  1.00 110.39 ? 15  DT  B "H2'"  1 
ATOM   339  H  "H2''" . DT  A 1 11 ? -3.832  -3.649  -7.053  1.00 110.39 ? 15  DT  B "H2''" 1 
ATOM   340  H  "H1'"  . DT  A 1 11 ? -5.725  -2.867  -6.077  1.00 112.58 ? 15  DT  B "H1'"  1 
ATOM   341  H  H3     . DT  A 1 11 ? -4.697  -0.894  -2.293  1.00 92.62  ? 15  DT  B H3     1 
ATOM   342  H  H71    . DT  A 1 11 ? -3.281  -5.659  -1.460  1.00 87.28  ? 15  DT  B H71    1 
ATOM   343  H  H72    . DT  A 1 11 ? -1.940  -5.037  -2.027  1.00 87.28  ? 15  DT  B H72    1 
ATOM   344  H  H73    . DT  A 1 11 ? -2.562  -4.481  -0.682  1.00 87.28  ? 15  DT  B H73    1 
ATOM   345  H  H6     . DT  A 1 11 ? -3.913  -4.977  -3.904  1.00 95.75  ? 15  DT  B H6     1 
ATOM   346  P  P      . DG  A 1 12 ? -4.608  -3.901  -9.781  1.00 118.10 ? 16  DG  B P      1 
ATOM   347  O  OP1    . DG  A 1 12 ? -5.308  -3.928  -11.084 1.00 109.74 ? 16  DG  B OP1    1 
ATOM   348  O  OP2    . DG  A 1 12 ? -3.425  -4.764  -9.562  1.00 107.25 ? 16  DG  B OP2    1 
ATOM   349  O  "O5'"  . DG  A 1 12 ? -4.193  -2.392  -9.443  1.00 105.37 ? 16  DG  B "O5'"  1 
ATOM   350  C  "C5'"  . DG  A 1 12 ? -5.198  -1.398  -9.280  1.00 96.42  ? 16  DG  B "C5'"  1 
ATOM   351  C  "C4'"  . DG  A 1 12 ? -4.584  -0.082  -8.850  1.00 106.34 ? 16  DG  B "C4'"  1 
ATOM   352  O  "O4'"  . DG  A 1 12 ? -4.258  -0.136  -7.423  1.00 103.35 ? 16  DG  B "O4'"  1 
ATOM   353  C  "C3'"  . DG  A 1 12 ? -3.264  0.266   -9.548  1.00 99.63  ? 16  DG  B "C3'"  1 
ATOM   354  O  "O3'"  . DG  A 1 12 ? -3.129  1.683   -9.720  1.00 99.22  ? 16  DG  B "O3'"  1 
ATOM   355  C  "C2'"  . DG  A 1 12 ? -2.261  -0.279  -8.559  1.00 94.99  ? 16  DG  B "C2'"  1 
ATOM   356  C  "C1'"  . DG  A 1 12 ? -2.897  0.206   -7.280  1.00 91.56  ? 16  DG  B "C1'"  1 
ATOM   357  N  N9     . DG  A 1 12 ? -2.334  -0.376  -6.070  1.00 88.13  ? 16  DG  B N9     1 
ATOM   358  C  C8     . DG  A 1 12 ? -1.819  -1.639  -5.912  1.00 83.04  ? 16  DG  B C8     1 
ATOM   359  N  N7     . DG  A 1 12 ? -1.352  -1.860  -4.713  1.00 84.80  ? 16  DG  B N7     1 
ATOM   360  C  C5     . DG  A 1 12 ? -1.558  -0.659  -4.044  1.00 66.76  ? 16  DG  B C5     1 
ATOM   361  C  C6     . DG  A 1 12 ? -1.256  -0.295  -2.710  1.00 79.06  ? 16  DG  B C6     1 
ATOM   362  O  O6     . DG  A 1 12 ? -0.725  -0.983  -1.827  1.00 83.33  ? 16  DG  B O6     1 
ATOM   363  N  N1     . DG  A 1 12 ? -1.632  1.019   -2.438  1.00 65.06  ? 16  DG  B N1     1 
ATOM   364  C  C2     . DG  A 1 12 ? -2.223  1.870   -3.339  1.00 76.41  ? 16  DG  B C2     1 
ATOM   365  N  N2     . DG  A 1 12 ? -2.513  3.100   -2.897  1.00 76.81  ? 16  DG  B N2     1 
ATOM   366  N  N3     . DG  A 1 12 ? -2.511  1.539   -4.589  1.00 76.26  ? 16  DG  B N3     1 
ATOM   367  C  C4     . DG  A 1 12 ? -2.152  0.263   -4.868  1.00 76.36  ? 16  DG  B C4     1 
ATOM   368  H  "H5'"  . DG  A 1 12 ? -5.830  -1.691  -8.604  1.00 115.91 ? 16  DG  B "H5'"  1 
ATOM   369  H  "H5''" . DG  A 1 12 ? -5.664  -1.274  -10.121 1.00 115.91 ? 16  DG  B "H5''" 1 
ATOM   370  H  "H4'"  . DG  A 1 12 ? -5.223  0.633   -9.004  1.00 127.81 ? 16  DG  B "H4'"  1 
ATOM   371  H  "H3'"  . DG  A 1 12 ? -3.193  -0.196  -10.397 1.00 119.77 ? 16  DG  B "H3'"  1 
ATOM   372  H  "H2'"  . DG  A 1 12 ? -2.225  -1.247  -8.589  1.00 114.19 ? 16  DG  B "H2'"  1 
ATOM   373  H  "H2''" . DG  A 1 12 ? -1.386  0.117   -8.690  1.00 114.19 ? 16  DG  B "H2''" 1 
ATOM   374  H  "H1'"  . DG  A 1 12 ? -2.816  1.172   -7.232  1.00 110.07 ? 16  DG  B "H1'"  1 
ATOM   375  H  H8     . DG  A 1 12 ? -1.814  -2.277  -6.588  1.00 99.85  ? 16  DG  B H8     1 
ATOM   376  H  H1     . DG  A 1 12 ? -1.481  1.321   -1.647  1.00 78.27  ? 16  DG  B H1     1 
ATOM   377  H  H21    . DG  A 1 12 ? -2.901  3.664   -3.419  1.00 92.37  ? 16  DG  B H21    1 
ATOM   378  H  H22    . DG  A 1 12 ? -2.313  3.326   -2.092  1.00 92.37  ? 16  DG  B H22    1 
ATOM   379  P  P      . DC  A 1 13 ? -2.670  2.309   -11.129 1.00 112.44 ? 17  DC  B P      1 
ATOM   380  O  OP1    . DC  A 1 13 ? -3.473  3.533   -11.336 1.00 114.42 ? 17  DC  B OP1    1 
ATOM   381  O  OP2    . DC  A 1 13 ? -2.674  1.229   -12.141 1.00 101.37 ? 17  DC  B OP2    1 
ATOM   382  O  "O5'"  . DC  A 1 13 ? -1.149  2.757   -10.910 1.00 90.54  ? 17  DC  B "O5'"  1 
ATOM   383  C  "C5'"  . DC  A 1 13 ? -0.562  2.726   -9.618  1.00 105.24 ? 17  DC  B "C5'"  1 
ATOM   384  C  "C4'"  . DC  A 1 13 ? -0.877  3.987   -8.833  1.00 103.61 ? 17  DC  B "C4'"  1 
ATOM   385  O  "O4'"  . DC  A 1 13 ? -1.380  3.608   -7.527  1.00 114.01 ? 17  DC  B "O4'"  1 
ATOM   386  C  "C3'"  . DC  A 1 13 ? 0.318   4.914   -8.603  1.00 94.38  ? 17  DC  B "C3'"  1 
ATOM   387  O  "O3'"  . DC  A 1 13 ? 0.159   6.123   -9.336  1.00 116.51 ? 17  DC  B "O3'"  1 
ATOM   388  C  "C2'"  . DC  A 1 13 ? 0.350   5.170   -7.098  1.00 103.19 ? 17  DC  B "C2'"  1 
ATOM   389  C  "C1'"  . DC  A 1 13 ? -0.560  4.111   -6.495  1.00 102.09 ? 17  DC  B "C1'"  1 
ATOM   390  N  N1     . DC  A 1 13 ? 0.168   2.964   -5.855  1.00 81.87  ? 17  DC  B N1     1 
ATOM   391  C  C2     . DC  A 1 13 ? 0.620   3.083   -4.537  1.00 78.57  ? 17  DC  B C2     1 
ATOM   392  O  O2     . DC  A 1 13 ? 0.428   4.141   -3.926  1.00 77.89  ? 17  DC  B O2     1 
ATOM   393  N  N3     . DC  A 1 13 ? 1.263   2.036   -3.965  1.00 67.98  ? 17  DC  B N3     1 
ATOM   394  C  C4     . DC  A 1 13 ? 1.448   0.911   -4.654  1.00 71.30  ? 17  DC  B C4     1 
ATOM   395  N  N4     . DC  A 1 13 ? 2.085   -0.094  -4.046  1.00 73.26  ? 17  DC  B N4     1 
ATOM   396  C  C5     . DC  A 1 13 ? 0.990   0.768   -5.995  1.00 66.72  ? 17  DC  B C5     1 
ATOM   397  C  C6     . DC  A 1 13 ? 0.359   1.807   -6.550  1.00 77.83  ? 17  DC  B C6     1 
ATOM   398  H  "H5'"  . DC  A 1 13 ? 0.401   2.642   -9.710  1.00 126.49 ? 17  DC  B "H5'"  1 
ATOM   399  H  "H5''" . DC  A 1 13 ? -0.901  1.958   -9.133  1.00 126.49 ? 17  DC  B "H5''" 1 
ATOM   400  H  "H4'"  . DC  A 1 13 ? -1.567  4.481   -9.302  1.00 124.53 ? 17  DC  B "H4'"  1 
ATOM   401  H  "H3'"  . DC  A 1 13 ? 1.136   4.469   -8.877  1.00 113.46 ? 17  DC  B "H3'"  1 
ATOM   402  H  "H2'"  . DC  A 1 13 ? 1.254   5.071   -6.758  1.00 124.03 ? 17  DC  B "H2'"  1 
ATOM   403  H  "H2''" . DC  A 1 13 ? 0.010   6.058   -6.900  1.00 124.03 ? 17  DC  B "H2''" 1 
ATOM   404  H  "H1'"  . DC  A 1 13 ? -1.125  4.531   -5.827  1.00 122.71 ? 17  DC  B "H1'"  1 
ATOM   405  H  H41    . DC  A 1 13 ? 2.220   -0.833  -4.463  1.00 88.12  ? 17  DC  B H41    1 
ATOM   406  H  H42    . DC  A 1 13 ? 2.360   -0.001  -3.236  1.00 88.12  ? 17  DC  B H42    1 
ATOM   407  H  H5     . DC  A 1 13 ? 1.124   -0.021  -6.467  1.00 80.27  ? 17  DC  B H5     1 
ATOM   408  H  H6     . DC  A 1 13 ? 0.047   1.740   -7.424  1.00 93.60  ? 17  DC  B H6     1 
ATOM   409  P  P      . DT  A 1 14 ? 1.415   7.098   -9.570  1.00 126.33 ? 18  DT  B P      1 
ATOM   410  O  OP1    . DT  A 1 14 ? 0.885   8.401   -10.032 1.00 119.18 ? 18  DT  B OP1    1 
ATOM   411  O  OP2    . DT  A 1 14 ? 2.415   6.369   -10.382 1.00 106.66 ? 18  DT  B OP2    1 
ATOM   412  O  "O5'"  . DT  A 1 14 ? 2.016   7.323   -8.107  1.00 103.95 ? 18  DT  B "O5'"  1 
ATOM   413  C  "C5'"  . DT  A 1 14 ? 1.884   8.587   -7.477  1.00 102.93 ? 18  DT  B "C5'"  1 
ATOM   414  C  "C4'"  . DT  A 1 14 ? 2.585   8.596   -6.135  1.00 97.27  ? 18  DT  B "C4'"  1 
ATOM   415  O  "O4'"  . DT  A 1 14 ? 2.371   7.331   -5.468  1.00 98.47  ? 18  DT  B "O4'"  1 
ATOM   416  C  "C3'"  . DT  A 1 14 ? 4.095   8.728   -6.201  1.00 95.21  ? 18  DT  B "C3'"  1 
ATOM   417  O  "O3'"  . DT  A 1 14 ? 4.512   10.112  -6.365  1.00 96.84  ? 18  DT  B "O3'"  1 
ATOM   418  C  "C2'"  . DT  A 1 14 ? 4.543   8.098   -4.883  1.00 99.51  ? 18  DT  B "C2'"  1 
ATOM   419  C  "C1'"  . DT  A 1 14 ? 3.450   7.073   -4.581  1.00 96.82  ? 18  DT  B "C1'"  1 
ATOM   420  N  N1     . DT  A 1 14 ? 3.882   5.648   -4.747  1.00 83.43  ? 18  DT  B N1     1 
ATOM   421  C  C2     . DT  A 1 14 ? 4.467   4.996   -3.688  1.00 80.48  ? 18  DT  B C2     1 
ATOM   422  O  O2     . DT  A 1 14 ? 4.673   5.525   -2.610  1.00 80.90  ? 18  DT  B O2     1 
ATOM   423  N  N3     . DT  A 1 14 ? 4.812   3.693   -3.935  1.00 64.92  ? 18  DT  B N3     1 
ATOM   424  C  C4     . DT  A 1 14 ? 4.625   2.991   -5.110  1.00 71.95  ? 18  DT  B C4     1 
ATOM   425  O  O4     . DT  A 1 14 ? 4.966   1.817   -5.235  1.00 73.25  ? 18  DT  B O4     1 
ATOM   426  C  C5     . DT  A 1 14 ? 4.004   3.732   -6.179  1.00 66.76  ? 18  DT  B C5     1 
ATOM   427  C  C7     . DT  A 1 14 ? 3.758   3.076   -7.502  1.00 88.33  ? 18  DT  B C7     1 
ATOM   428  C  C6     . DT  A 1 14 ? 3.667   5.012   -5.950  1.00 80.61  ? 18  DT  B C6     1 
ATOM   429  H  "H5'"  . DT  A 1 14 ? 0.942   8.782   -7.346  1.00 123.72 ? 18  DT  B "H5'"  1 
ATOM   430  H  "H5''" . DT  A 1 14 ? 2.274   9.270   -8.046  1.00 123.72 ? 18  DT  B "H5''" 1 
ATOM   431  H  "H4'"  . DT  A 1 14 ? 2.225   9.312   -5.588  1.00 116.93 ? 18  DT  B "H4'"  1 
ATOM   432  H  "H3'"  . DT  A 1 14 ? 4.431   8.200   -6.941  1.00 114.46 ? 18  DT  B "H3'"  1 
ATOM   433  H  "H2'"  . DT  A 1 14 ? 5.402   7.659   -4.989  1.00 119.62 ? 18  DT  B "H2'"  1 
ATOM   434  H  "H2''" . DT  A 1 14 ? 4.586   8.768   -4.182  1.00 119.62 ? 18  DT  B "H2''" 1 
ATOM   435  H  "H1'"  . DT  A 1 14 ? 3.144   7.201   -3.670  1.00 116.39 ? 18  DT  B "H1'"  1 
ATOM   436  H  H3     . DT  A 1 14 ? 5.179   3.264   -3.287  1.00 78.11  ? 18  DT  B H3     1 
ATOM   437  H  H71    . DT  A 1 14 ? 2.808   3.087   -7.697  1.00 106.20 ? 18  DT  B H71    1 
ATOM   438  H  H72    . DT  A 1 14 ? 4.235   3.559   -8.196  1.00 106.20 ? 18  DT  B H72    1 
ATOM   439  H  H73    . DT  A 1 14 ? 4.071   2.159   -7.472  1.00 106.20 ? 18  DT  B H73    1 
ATOM   440  H  H6     . DT  A 1 14 ? 3.262   5.490   -6.636  1.00 96.93  ? 18  DT  B H6     1 
ATOM   441  P  P      . DC  A 1 15 ? 4.321   11.223  -5.212  1.00 121.37 ? 19  DC  B P      1 
ATOM   442  O  OP1    . DC  A 1 15 ? 2.946   11.167  -4.674  1.00 126.65 ? 19  DC  B OP1    1 
ATOM   443  O  OP2    . DC  A 1 15 ? 4.837   12.496  -5.760  1.00 114.27 ? 19  DC  B OP2    1 
ATOM   444  O  "O5'"  . DC  A 1 15 ? 5.331   10.781  -4.066  1.00 103.21 ? 19  DC  B "O5'"  1 
ATOM   445  C  "C5'"  . DC  A 1 15 ? 6.660   10.445  -4.389  1.00 105.34 ? 19  DC  B "C5'"  1 
ATOM   446  C  "C4'"  . DC  A 1 15 ? 7.381   9.920   -3.169  1.00 108.31 ? 19  DC  B "C4'"  1 
ATOM   447  O  "O4'"  . DC  A 1 15 ? 6.926   8.583   -2.867  1.00 100.52 ? 19  DC  B "O4'"  1 
ATOM   448  C  "C3'"  . DC  A 1 15 ? 8.880   9.783   -3.325  1.00 112.13 ? 19  DC  B "C3'"  1 
ATOM   449  O  "O3'"  . DC  A 1 15 ? 9.549   11.052  -3.124  1.00 110.09 ? 19  DC  B "O3'"  1 
ATOM   450  C  "C2'"  . DC  A 1 15 ? 9.225   8.724   -2.279  1.00 113.41 ? 19  DC  B "C2'"  1 
ATOM   451  C  "C1'"  . DC  A 1 15 ? 7.967   7.858   -2.229  1.00 101.12 ? 19  DC  B "C1'"  1 
ATOM   452  N  N1     . DC  A 1 15 ? 8.090   6.528   -2.904  1.00 83.12  ? 19  DC  B N1     1 
ATOM   453  C  C2     . DC  A 1 15 ? 8.613   5.438   -2.202  1.00 84.32  ? 19  DC  B C2     1 
ATOM   454  O  O2     . DC  A 1 15 ? 9.005   5.603   -1.042  1.00 90.40  ? 19  DC  B O2     1 
ATOM   455  N  N3     . DC  A 1 15 ? 8.689   4.234   -2.821  1.00 72.29  ? 19  DC  B N3     1 
ATOM   456  C  C4     . DC  A 1 15 ? 8.253   4.098   -4.075  1.00 69.45  ? 19  DC  B C4     1 
ATOM   457  N  N4     . DC  A 1 15 ? 8.345   2.891   -4.643  1.00 71.20  ? 19  DC  B N4     1 
ATOM   458  C  C5     . DC  A 1 15 ? 7.705   5.192   -4.801  1.00 65.87  ? 19  DC  B C5     1 
ATOM   459  C  C6     . DC  A 1 15 ? 7.638   6.377   -4.181  1.00 86.58  ? 19  DC  B C6     1 
ATOM   460  H  "H5'"  . DC  A 1 15 ? 7.118   11.234  -4.718  1.00 126.62 ? 19  DC  B "H5'"  1 
ATOM   461  H  "H5''" . DC  A 1 15 ? 6.659   9.764   -5.079  1.00 126.62 ? 19  DC  B "H5''" 1 
ATOM   462  H  "H4'"  . DC  A 1 15 ? 7.191   10.498  -2.415  1.00 130.18 ? 19  DC  B "H4'"  1 
ATOM   463  H  "H3'"  . DC  A 1 15 ? 9.085   9.443   -4.210  1.00 134.76 ? 19  DC  B "H3'"  1 
ATOM   464  H  "H2'"  . DC  A 1 15 ? 9.990   8.200   -2.563  1.00 136.30 ? 19  DC  B "H2'"  1 
ATOM   465  H  "H2''" . DC  A 1 15 ? 9.391   9.137   -1.417  1.00 136.30 ? 19  DC  B "H2''" 1 
ATOM   466  H  "H1'"  . DC  A 1 15 ? 7.724   7.715   -1.301  1.00 121.55 ? 19  DC  B "H1'"  1 
ATOM   467  H  H41    . DC  A 1 15 ? 8.082   2.776   -5.454  1.00 85.65  ? 19  DC  B H41    1 
ATOM   468  H  H42    . DC  A 1 15 ? 8.666   2.230   -4.197  1.00 85.65  ? 19  DC  B H42    1 
ATOM   469  H  H5     . DC  A 1 15 ? 7.403   5.088   -5.674  1.00 79.25  ? 19  DC  B H5     1 
ATOM   470  H  H6     . DC  A 1 15 ? 7.283   7.109   -4.632  1.00 104.09 ? 19  DC  B H6     1 
ATOM   471  P  P      . DA  A 1 16 ? 9.531   11.827  -1.710  1.00 123.69 ? 20  DA  B P      1 
ATOM   472  O  OP1    . DA  A 1 16 ? 8.188   11.814  -1.097  1.00 134.63 ? 20  DA  B OP1    1 
ATOM   473  O  OP2    . DA  A 1 16 ? 10.194  13.126  -1.952  1.00 126.57 ? 20  DA  B OP2    1 
ATOM   474  O  "O5'"  . DA  A 1 16 ? 10.509  10.969  -0.796  1.00 115.10 ? 20  DA  B "O5'"  1 
ATOM   475  C  "C5'"  . DA  A 1 16 ? 11.758  10.594  -1.303  1.00 111.36 ? 20  DA  B "C5'"  1 
ATOM   476  C  "C4'"  . DA  A 1 16 ? 12.565  9.852   -0.263  1.00 96.88  ? 20  DA  B "C4'"  1 
ATOM   477  O  "O4'"  . DA  A 1 16 ? 12.297  8.432   -0.366  1.00 104.46 ? 20  DA  B "O4'"  1 
ATOM   478  C  "C3'"  . DA  A 1 16 ? 14.065  9.997   -0.417  1.00 107.99 ? 20  DA  B "C3'"  1 
ATOM   479  O  "O3'"  . DA  A 1 16 ? 14.704  9.965   0.844   1.00 111.02 ? 20  DA  B "O3'"  1 
ATOM   480  C  "C2'"  . DA  A 1 16 ? 14.451  8.818   -1.305  1.00 97.47  ? 20  DA  B "C2'"  1 
ATOM   481  C  "C1'"  . DA  A 1 16 ? 13.369  7.774   -1.023  1.00 100.59 ? 20  DA  B "C1'"  1 
ATOM   482  N  N9     . DA  A 1 16 ? 12.848  7.127   -2.227  1.00 91.46  ? 20  DA  B N9     1 
ATOM   483  C  C8     . DA  A 1 16 ? 12.319  7.734   -3.331  1.00 87.96  ? 20  DA  B C8     1 
ATOM   484  N  N7     . DA  A 1 16 ? 11.921  6.897   -4.259  1.00 85.88  ? 20  DA  B N7     1 
ATOM   485  C  C5     . DA  A 1 16 ? 12.221  5.654   -3.731  1.00 79.62  ? 20  DA  B C5     1 
ATOM   486  C  C6     . DA  A 1 16 ? 12.052  4.347   -4.227  1.00 78.96  ? 20  DA  B C6     1 
ATOM   487  N  N6     . DA  A 1 16 ? 11.513  4.077   -5.420  1.00 78.65  ? 20  DA  B N6     1 
ATOM   488  N  N1     . DA  A 1 16 ? 12.461  3.326   -3.447  1.00 77.32  ? 20  DA  B N1     1 
ATOM   489  C  C2     . DA  A 1 16 ? 13.000  3.602   -2.254  1.00 83.90  ? 20  DA  B C2     1 
ATOM   490  N  N3     . DA  A 1 16 ? 13.209  4.785   -1.683  1.00 90.82  ? 20  DA  B N3     1 
ATOM   491  C  C4     . DA  A 1 16 ? 12.793  5.778   -2.480  1.00 85.01  ? 20  DA  B C4     1 
ATOM   492  H  "H5'"  . DA  A 1 16 ? 12.243  11.389  -1.576  1.00 133.83 ? 20  DA  B "H5'"  1 
ATOM   493  H  "H5''" . DA  A 1 16 ? 11.629  10.020  -2.074  1.00 133.83 ? 20  DA  B "H5''" 1 
ATOM   494  H  "H4'"  . DA  A 1 16 ? 12.305  10.161  0.619   1.00 116.46 ? 20  DA  B "H4'"  1 
ATOM   495  H  "H3'"  . DA  A 1 16 ? 14.271  10.831  -0.870  1.00 129.80 ? 20  DA  B "H3'"  1 
ATOM   496  H  "H2'"  . DA  A 1 16 ? 14.437  9.076   -2.240  1.00 117.17 ? 20  DA  B "H2'"  1 
ATOM   497  H  "H2''" . DA  A 1 16 ? 15.324  8.477   -1.058  1.00 117.17 ? 20  DA  B "H2''" 1 
ATOM   498  H  "H1'"  . DA  A 1 16 ? 13.732  7.095   -0.432  1.00 120.92 ? 20  DA  B "H1'"  1 
ATOM   499  H  H8     . DA  A 1 16 ? 12.231  8.658   -3.410  1.00 105.75 ? 20  DA  B H8     1 
ATOM   500  H  H61    . DA  A 1 16 ? 11.431  3.262   -5.680  1.00 94.59  ? 20  DA  B H61    1 
ATOM   501  H  H62    . DA  A 1 16 ? 11.249  4.720   -5.927  1.00 94.59  ? 20  DA  B H62    1 
ATOM   502  H  H2     . DA  A 1 16 ? 13.264  2.864   -1.753  1.00 100.89 ? 20  DA  B H2     1 
ATOM   503  P  P      . DT  A 1 17 ? 16.236  10.421  0.977   1.00 111.29 ? 21  DT  B P      1 
ATOM   504  O  OP1    . DT  A 1 17 ? 16.478  10.729  2.403   1.00 93.61  ? 21  DT  B OP1    1 
ATOM   505  O  OP2    . DT  A 1 17 ? 16.508  11.440  -0.062  1.00 94.68  ? 21  DT  B OP2    1 
ATOM   506  O  "O5'"  . DT  A 1 17 ? 17.047  9.106   0.578   1.00 109.42 ? 21  DT  B "O5'"  1 
ATOM   507  C  "C5'"  . DT  A 1 17 ? 16.777  7.897   1.251   1.00 97.71  ? 21  DT  B "C5'"  1 
ATOM   508  C  "C4'"  . DT  A 1 17 ? 17.332  6.711   0.492   1.00 91.14  ? 21  DT  B "C4'"  1 
ATOM   509  O  "O4'"  . DT  A 1 17 ? 16.477  6.389   -0.622  1.00 87.78  ? 21  DT  B "O4'"  1 
ATOM   510  C  "C3'"  . DT  A 1 17 ? 18.721  6.919   -0.119  1.00 100.17 ? 21  DT  B "C3'"  1 
ATOM   511  O  "O3'"  . DT  A 1 17 ? 19.700  6.252   0.672   1.00 100.91 ? 21  DT  B "O3'"  1 
ATOM   512  C  "C2'"  . DT  A 1 17 ? 18.601  6.339   -1.549  1.00 94.64  ? 21  DT  B "C2'"  1 
ATOM   513  C  "C1'"  . DT  A 1 17 ? 17.247  5.644   -1.527  1.00 97.20  ? 21  DT  B "C1'"  1 
ATOM   514  N  N1     . DT  A 1 17 ? 16.536  5.576   -2.851  1.00 86.24  ? 21  DT  B N1     1 
ATOM   515  C  C2     . DT  A 1 17 ? 16.274  4.341   -3.401  1.00 89.08  ? 21  DT  B C2     1 
ATOM   516  O  O2     . DT  A 1 17 ? 16.603  3.295   -2.875  1.00 100.84 ? 21  DT  B O2     1 
ATOM   517  N  N3     . DT  A 1 17 ? 15.612  4.371   -4.596  1.00 77.78  ? 21  DT  B N3     1 
ATOM   518  C  C4     . DT  A 1 17 ? 15.188  5.486   -5.287  1.00 81.27  ? 21  DT  B C4     1 
ATOM   519  O  O4     . DT  A 1 17 ? 14.596  5.406   -6.360  1.00 77.37  ? 21  DT  B O4     1 
ATOM   520  C  C5     . DT  A 1 17 ? 15.486  6.751   -4.658  1.00 80.55  ? 21  DT  B C5     1 
ATOM   521  C  C7     . DT  A 1 17 ? 15.074  8.030   -5.322  1.00 73.52  ? 21  DT  B C7     1 
ATOM   522  C  C6     . DT  A 1 17 ? 16.136  6.738   -3.481  1.00 82.30  ? 21  DT  B C6     1 
ATOM   523  H  "H5'"  . DT  A 1 17 ? 15.816  7.793   1.344   1.00 117.45 ? 21  DT  B "H5'"  1 
ATOM   524  H  "H5''" . DT  A 1 17 ? 17.179  7.927   2.133   1.00 117.45 ? 21  DT  B "H5''" 1 
ATOM   525  H  "H4'"  . DT  A 1 17 ? 17.367  5.949   1.089   1.00 109.57 ? 21  DT  B "H4'"  1 
ATOM   526  H  "H3'"  . DT  A 1 17 ? 18.922  7.867   -0.164  1.00 120.40 ? 21  DT  B "H3'"  1 
ATOM   527  H  "H2'"  . DT  A 1 17 ? 18.610  7.050   -2.209  1.00 113.77 ? 21  DT  B "H2'"  1 
ATOM   528  H  "H2''" . DT  A 1 17 ? 19.310  5.701   -1.720  1.00 113.77 ? 21  DT  B "H2''" 1 
ATOM   529  H  "H1'"  . DT  A 1 17 ? 17.359  4.745   -1.181  1.00 116.84 ? 21  DT  B "H1'"  1 
ATOM   530  H  H3     . DT  A 1 17 ? 15.441  3.610   -4.957  1.00 93.54  ? 21  DT  B H3     1 
ATOM   531  H  H71    . DT  A 1 17 ? 14.524  8.547   -4.713  1.00 88.42  ? 21  DT  B H71    1 
ATOM   532  H  H72    . DT  A 1 17 ? 15.864  8.540   -5.558  1.00 88.42  ? 21  DT  B H72    1 
ATOM   533  H  H73    . DT  A 1 17 ? 14.568  7.828   -6.124  1.00 88.42  ? 21  DT  B H73    1 
ATOM   534  H  H6     . DT  A 1 17 ? 16.332  7.551   -3.073  1.00 98.97  ? 21  DT  B H6     1 
ATOM   535  P  P      . DC  A 1 18 ? 21.222  6.147   0.180   1.00 102.39 ? 22  DC  B P      1 
ATOM   536  O  OP1    . DC  A 1 18 ? 22.070  5.948   1.378   1.00 106.10 ? 22  DC  B OP1    1 
ATOM   537  O  OP2    . DC  A 1 18 ? 21.478  7.292   -0.721  1.00 110.76 ? 22  DC  B OP2    1 
ATOM   538  O  "O5'"  . DC  A 1 18 ? 21.237  4.806   -0.689  1.00 96.11  ? 22  DC  B "O5'"  1 
ATOM   539  C  "C5'"  . DC  A 1 18 ? 20.498  3.679   -0.249  1.00 104.79 ? 22  DC  B "C5'"  1 
ATOM   540  C  "C4'"  . DC  A 1 18 ? 20.654  2.512   -1.207  1.00 109.69 ? 22  DC  B "C4'"  1 
ATOM   541  O  "O4'"  . DC  A 1 18 ? 19.727  2.662   -2.320  1.00 102.45 ? 22  DC  B "O4'"  1 
ATOM   542  C  "C3'"  . DC  A 1 18 ? 22.042  2.373   -1.834  1.00 107.99 ? 22  DC  B "C3'"  1 
ATOM   543  O  "O3'"  . DC  A 1 18 ? 22.448  1.013   -1.823  1.00 107.87 ? 22  DC  B "O3'"  1 
ATOM   544  C  "C2'"  . DC  A 1 18 ? 21.845  2.914   -3.250  1.00 98.83  ? 22  DC  B "C2'"  1 
ATOM   545  C  "C1'"  . DC  A 1 18 ? 20.420  2.493   -3.541  1.00 93.78  ? 22  DC  B "C1'"  1 
ATOM   546  N  N1     . DC  A 1 18 ? 19.715  3.293   -4.596  1.00 82.10  ? 22  DC  B N1     1 
ATOM   547  C  C2     . DC  A 1 18 ? 19.042  2.629   -5.632  1.00 88.82  ? 22  DC  B C2     1 
ATOM   548  O  O2     . DC  A 1 18 ? 19.063  1.395   -5.674  1.00 96.93  ? 22  DC  B O2     1 
ATOM   549  N  N3     . DC  A 1 18 ? 18.391  3.361   -6.567  1.00 74.83  ? 22  DC  B N3     1 
ATOM   550  C  C4     . DC  A 1 18 ? 18.385  4.691   -6.488  1.00 81.35  ? 22  DC  B C4     1 
ATOM   551  N  N4     . DC  A 1 18 ? 17.727  5.369   -7.434  1.00 81.19  ? 22  DC  B N4     1 
ATOM   552  C  C5     . DC  A 1 18 ? 19.056  5.385   -5.439  1.00 83.87  ? 22  DC  B C5     1 
ATOM   553  C  C6     . DC  A 1 18 ? 19.697  4.653   -4.521  1.00 88.35  ? 22  DC  B C6     1 
ATOM   554  H  "H5'"  . DC  A 1 18 ? 19.559  3.918   -0.191  1.00 125.95 ? 22  DC  B "H5'"  1 
ATOM   555  H  "H5''" . DC  A 1 18 ? 20.814  3.414   0.628   1.00 125.95 ? 22  DC  B "H5''" 1 
ATOM   556  H  "H4'"  . DC  A 1 18 ? 20.443  1.692   -0.735  1.00 131.84 ? 22  DC  B "H4'"  1 
ATOM   557  H  "H3'"  . DC  A 1 18 ? 22.682  2.919   -1.353  1.00 129.79 ? 22  DC  B "H3'"  1 
ATOM   558  H  "H2'"  . DC  A 1 18 ? 21.932  3.880   -3.266  1.00 118.80 ? 22  DC  B "H2'"  1 
ATOM   559  H  "H2''" . DC  A 1 18 ? 22.464  2.496   -3.869  1.00 118.80 ? 22  DC  B "H2''" 1 
ATOM   560  H  "H1'"  . DC  A 1 18 ? 20.407  1.556   -3.788  1.00 112.74 ? 22  DC  B "H1'"  1 
ATOM   561  H  H41    . DC  A 1 18 ? 17.717  6.228   -7.418  1.00 97.63  ? 22  DC  B H41    1 
ATOM   562  H  H42    . DC  A 1 18 ? 17.313  4.945   -8.057  1.00 97.63  ? 22  DC  B H42    1 
ATOM   563  H  H5     . DC  A 1 18 ? 19.049  6.314   -5.394  1.00 100.85 ? 22  DC  B H5     1 
ATOM   564  H  H6     . DC  A 1 18 ? 20.144  5.079   -3.826  1.00 106.23 ? 22  DC  B H6     1 
ATOM   565  P  P      . DT  A 1 19 ? 23.994  0.628   -2.006  1.00 119.70 ? 23  DT  B P      1 
ATOM   566  O  OP1    . DT  A 1 19 ? 24.077  -0.849  -2.039  1.00 132.77 ? 23  DT  B OP1    1 
ATOM   567  O  OP2    . DT  A 1 19 ? 24.773  1.383   -0.999  1.00 125.64 ? 23  DT  B OP2    1 
ATOM   568  O  "O5'"  . DT  A 1 19 ? 24.351  1.201   -3.452  1.00 111.44 ? 23  DT  B "O5'"  1 
ATOM   569  C  "C5'"  . DT  A 1 19 ? 25.156  0.447   -4.337  1.00 125.28 ? 23  DT  B "C5'"  1 
ATOM   570  C  "C4'"  . DT  A 1 19 ? 24.370  -0.697  -4.954  1.00 128.03 ? 23  DT  B "C4'"  1 
ATOM   571  O  "O4'"  . DT  A 1 19 ? 23.105  -0.197  -5.481  1.00 115.28 ? 23  DT  B "O4'"  1 
ATOM   572  C  "C3'"  . DT  A 1 19 ? 25.065  -1.376  -6.125  1.00 118.70 ? 23  DT  B "C3'"  1 
ATOM   573  O  "O3'"  . DT  A 1 19 ? 24.787  -2.769  -6.146  1.00 127.19 ? 23  DT  B "O3'"  1 
ATOM   574  C  "C2'"  . DT  A 1 19 ? 24.484  -0.651  -7.327  1.00 112.52 ? 23  DT  B "C2'"  1 
ATOM   575  C  "C1'"  . DT  A 1 19 ? 23.057  -0.381  -6.888  1.00 107.68 ? 23  DT  B "C1'"  1 
ATOM   576  N  N1     . DT  A 1 19 ? 22.443  0.835   -7.513  1.00 97.43  ? 23  DT  B N1     1 
ATOM   577  C  C2     . DT  A 1 19 ? 21.563  0.684   -8.562  1.00 99.61  ? 23  DT  B C2     1 
ATOM   578  O  O2     . DT  A 1 19 ? 21.256  -0.400  -9.025  1.00 117.19 ? 23  DT  B O2     1 
ATOM   579  N  N3     . DT  A 1 19 ? 21.052  1.857   -9.054  1.00 77.37  ? 23  DT  B N3     1 
ATOM   580  C  C4     . DT  A 1 19 ? 21.323  3.137   -8.610  1.00 86.10  ? 23  DT  B C4     1 
ATOM   581  O  O4     . DT  A 1 19 ? 20.810  4.133   -9.116  1.00 80.74  ? 23  DT  B O4     1 
ATOM   582  C  C5     . DT  A 1 19 ? 22.252  3.224   -7.510  1.00 81.93  ? 23  DT  B C5     1 
ATOM   583  C  C7     . DT  A 1 19 ? 22.623  4.561   -6.947  1.00 87.83  ? 23  DT  B C7     1 
ATOM   584  C  C6     . DT  A 1 19 ? 22.761  2.083   -7.019  1.00 88.32  ? 23  DT  B C6     1 
ATOM   585  H  "H5'"  . DT  A 1 19 ? 25.912  0.086   -3.849  1.00 150.54 ? 23  DT  B "H5'"  1 
ATOM   586  H  "H5''" . DT  A 1 19 ? 25.480  1.027   -5.043  1.00 150.54 ? 23  DT  B "H5''" 1 
ATOM   587  H  "H4'"  . DT  A 1 19 ? 24.186  -1.360  -4.270  1.00 153.84 ? 23  DT  B "H4'"  1 
ATOM   588  H  "H3'"  . DT  A 1 19 ? 26.022  -1.226  -6.077  1.00 142.65 ? 23  DT  B "H3'"  1 
ATOM   589  H  "H2'"  . DT  A 1 19 ? 24.957  0.180   -7.489  1.00 135.22 ? 23  DT  B "H2'"  1 
ATOM   590  H  "H2''" . DT  A 1 19 ? 24.500  -1.219  -8.112  1.00 135.22 ? 23  DT  B "H2''" 1 
ATOM   591  H  "H1'"  . DT  A 1 19 ? 22.509  -1.155  -7.090  1.00 129.42 ? 23  DT  B "H1'"  1 
ATOM   592  H  H3     . DT  A 1 19 ? 20.497  1.788   -9.708  1.00 93.05  ? 23  DT  B H3     1 
ATOM   593  H  H71    . DT  A 1 19 ? 22.377  4.597   -6.009  1.00 105.60 ? 23  DT  B H71    1 
ATOM   594  H  H72    . DT  A 1 19 ? 23.579  4.696   -7.036  1.00 105.60 ? 23  DT  B H72    1 
ATOM   595  H  H73    . DT  A 1 19 ? 22.152  5.258   -7.430  1.00 105.60 ? 23  DT  B H73    1 
ATOM   596  H  H6     . DT  A 1 19 ? 23.360  2.138   -6.309  1.00 106.19 ? 23  DT  B H6     1 
ATOM   597  P  P      . DG  A 1 20 ? 25.722  -3.760  -6.996  1.00 125.79 ? 24  DG  B P      1 
ATOM   598  O  OP1    . DG  A 1 20 ? 25.361  -5.143  -6.614  1.00 121.09 ? 24  DG  B OP1    1 
ATOM   599  O  OP2    . DG  A 1 20 ? 27.117  -3.284  -6.864  1.00 115.08 ? 24  DG  B OP2    1 
ATOM   600  O  "O5'"  . DG  A 1 20 ? 25.276  -3.506  -8.510  1.00 114.39 ? 24  DG  B "O5'"  1 
ATOM   601  C  "C5'"  . DG  A 1 20 ? 23.931  -3.732  -8.894  1.00 123.42 ? 24  DG  B "C5'"  1 
ATOM   602  C  "C4'"  . DG  A 1 20 ? 23.788  -3.717  -10.403 1.00 119.17 ? 24  DG  B "C4'"  1 
ATOM   603  O  "O4'"  . DG  A 1 20 ? 23.501  -2.366  -10.864 1.00 116.01 ? 24  DG  B "O4'"  1 
ATOM   604  C  "C3'"  . DG  A 1 20 ? 25.024  -4.146  -11.168 1.00 123.54 ? 24  DG  B "C3'"  1 
ATOM   605  O  "O3'"  . DG  A 1 20 ? 24.629  -4.781  -12.375 1.00 118.09 ? 24  DG  B "O3'"  1 
ATOM   606  C  "C2'"  . DG  A 1 20 ? 25.760  -2.821  -11.385 1.00 119.50 ? 24  DG  B "C2'"  1 
ATOM   607  C  "C1'"  . DG  A 1 20 ? 24.612  -1.835  -11.575 1.00 110.09 ? 24  DG  B "C1'"  1 
ATOM   608  N  N9     . DG  A 1 20 ? 24.850  -0.482  -11.065 1.00 94.77  ? 24  DG  B N9     1 
ATOM   609  C  C8     . DG  A 1 20 ? 25.728  -0.093  -10.080 1.00 99.66  ? 24  DG  B C8     1 
ATOM   610  N  N7     . DG  A 1 20 ? 25.681  1.186   -9.814  1.00 88.64  ? 24  DG  B N7     1 
ATOM   611  C  C5     . DG  A 1 20 ? 24.709  1.676   -10.678 1.00 92.01  ? 24  DG  B C5     1 
ATOM   612  C  C6     . DG  A 1 20 ? 24.220  2.996   -10.855 1.00 93.02  ? 24  DG  B C6     1 
ATOM   613  O  O6     . DG  A 1 20 ? 24.559  4.031   -10.262 1.00 81.93  ? 24  DG  B O6     1 
ATOM   614  N  N1     . DG  A 1 20 ? 23.233  3.049   -11.839 1.00 73.56  ? 24  DG  B N1     1 
ATOM   615  C  C2     . DG  A 1 20 ? 22.780  1.970   -12.555 1.00 81.90  ? 24  DG  B C2     1 
ATOM   616  N  N2     . DG  A 1 20 ? 21.826  2.213   -13.462 1.00 80.20  ? 24  DG  B N2     1 
ATOM   617  N  N3     . DG  A 1 20 ? 23.228  0.733   -12.398 1.00 84.43  ? 24  DG  B N3     1 
ATOM   618  C  C4     . DG  A 1 20 ? 24.186  0.661   -11.447 1.00 90.33  ? 24  DG  B C4     1 
ATOM   619  H  "H5'"  . DG  A 1 20 ? 23.370  -3.037  -8.514  1.00 148.31 ? 24  DG  B "H5'"  1 
ATOM   620  H  "H5''" . DG  A 1 20 ? 23.642  -4.593  -8.554  1.00 148.31 ? 24  DG  B "H5''" 1 
ATOM   621  H  "H4'"  . DG  A 1 20 ? 23.050  -4.295  -10.652 1.00 143.21 ? 24  DG  B "H4'"  1 
ATOM   622  H  "H3'"  . DG  A 1 20 ? 25.561  -4.747  -10.629 1.00 148.46 ? 24  DG  B "H3'"  1 
ATOM   623  H  "H2'"  . DG  A 1 20 ? 26.287  -2.590  -10.605 1.00 143.60 ? 24  DG  B "H2'"  1 
ATOM   624  H  "H2''" . DG  A 1 20 ? 26.315  -2.862  -12.179 1.00 143.60 ? 24  DG  B "H2''" 1 
ATOM   625  H  "H1'"  . DG  A 1 20 ? 24.389  -1.783  -12.518 1.00 132.32 ? 24  DG  B "H1'"  1 
ATOM   626  H  H8     . DG  A 1 20 ? 26.293  -0.686  -9.637  1.00 119.80 ? 24  DG  B H8     1 
ATOM   627  H  H1     . DG  A 1 20 ? 22.885  3.816   -12.011 1.00 88.48  ? 24  DG  B H1     1 
ATOM   628  H  H21    . DG  A 1 20 ? 21.497  1.567   -13.925 1.00 96.44  ? 24  DG  B H21    1 
ATOM   629  H  H22    . DG  A 1 20 ? 21.540  3.015   -13.581 1.00 96.44  ? 24  DG  B H22    1 
ATOM   630  P  P      . DA  A 1 21 ? 25.706  -5.344  -13.423 1.00 117.09 ? 25  DA  B P      1 
ATOM   631  O  OP1    . DA  A 1 21 ? 25.471  -6.801  -13.541 1.00 117.23 ? 25  DA  B OP1    1 
ATOM   632  O  OP2    . DA  A 1 21 ? 27.047  -4.841  -13.054 1.00 107.52 ? 25  DA  B OP2    1 
ATOM   633  O  "O5'"  . DA  A 1 21 ? 25.261  -4.647  -14.788 1.00 112.70 ? 25  DA  B "O5'"  1 
ATOM   634  C  "C5'"  . DA  A 1 21 ? 23.873  -4.458  -15.060 1.00 105.28 ? 25  DA  B "C5'"  1 
ATOM   635  C  "C4'"  . DA  A 1 21 ? 23.678  -3.508  -16.221 1.00 106.04 ? 25  DA  B "C4'"  1 
ATOM   636  O  "O4'"  . DA  A 1 21 ? 23.755  -2.135  -15.741 1.00 108.20 ? 25  DA  B "O4'"  1 
ATOM   637  C  "C3'"  . DA  A 1 21 ? 24.726  -3.631  -17.319 1.00 113.24 ? 25  DA  B "C3'"  1 
ATOM   638  O  "O3'"  . DA  A 1 21 ? 24.133  -3.469  -18.601 1.00 123.37 ? 25  DA  B "O3'"  1 
ATOM   639  C  "C2'"  . DA  A 1 21 ? 25.715  -2.521  -16.983 1.00 107.37 ? 25  DA  B "C2'"  1 
ATOM   640  C  "C1'"  . DA  A 1 21 ? 24.816  -1.451  -16.378 1.00 101.80 ? 25  DA  B "C1'"  1 
ATOM   641  N  N9     . DA  A 1 21 ? 25.474  -0.597  -15.391 1.00 93.63  ? 25  DA  B N9     1 
ATOM   642  C  C8     . DA  A 1 21 ? 26.396  -0.971  -14.454 1.00 96.94  ? 25  DA  B C8     1 
ATOM   643  N  N7     . DA  A 1 21 ? 26.809  0.015   -13.694 1.00 95.75  ? 25  DA  B N7     1 
ATOM   644  C  C5     . DA  A 1 21 ? 26.104  1.111   -14.160 1.00 89.37  ? 25  DA  B C5     1 
ATOM   645  C  C6     . DA  A 1 21 ? 26.087  2.466   -13.770 1.00 87.09  ? 25  DA  B C6     1 
ATOM   646  N  N6     . DA  A 1 21 ? 26.836  2.958   -12.775 1.00 85.08  ? 25  DA  B N6     1 
ATOM   647  N  N1     . DA  A 1 21 ? 25.270  3.299   -14.445 1.00 80.75  ? 25  DA  B N1     1 
ATOM   648  C  C2     . DA  A 1 21 ? 24.521  2.803   -15.437 1.00 81.13  ? 25  DA  B C2     1 
ATOM   649  N  N3     . DA  A 1 21 ? 24.452  1.553   -15.891 1.00 85.07  ? 25  DA  B N3     1 
ATOM   650  C  C4     . DA  A 1 21 ? 25.275  0.751   -15.203 1.00 84.77  ? 25  DA  B C4     1 
ATOM   651  H  "H5'"  . DA  A 1 21 ? 23.441  -4.094  -14.273 1.00 126.54 ? 25  DA  B "H5'"  1 
ATOM   652  H  "H5''" . DA  A 1 21 ? 23.472  -5.314  -15.277 1.00 126.54 ? 25  DA  B "H5''" 1 
ATOM   653  H  "H4'"  . DA  A 1 21 ? 22.800  -3.657  -16.606 1.00 127.45 ? 25  DA  B "H4'"  1 
ATOM   654  H  "H3'"  . DA  A 1 21 ? 25.165  -4.495  -17.263 1.00 136.09 ? 25  DA  B "H3'"  1 
ATOM   655  H  "HO3'" . DA  A 1 21 ? 24.172  -4.091  -19.164 1.00 148.25 ? 25  DA  B "HO3'" 1 
ATOM   656  H  "H2'"  . DA  A 1 21 ? 26.369  -2.828  -16.335 1.00 129.04 ? 25  DA  B "H2'"  1 
ATOM   657  H  "H2''" . DA  A 1 21 ? 26.149  -2.193  -17.785 1.00 129.04 ? 25  DA  B "H2''" 1 
ATOM   658  H  "H1'"  . DA  A 1 21 ? 24.457  -0.897  -17.089 1.00 122.37 ? 25  DA  B "H1'"  1 
ATOM   659  H  H8     . DA  A 1 21 ? 26.706  -1.844  -14.368 1.00 116.53 ? 25  DA  B H8     1 
ATOM   660  H  H61    . DA  A 1 21 ? 26.791  3.794   -12.575 1.00 102.30 ? 25  DA  B H61    1 
ATOM   661  H  H62    . DA  A 1 21 ? 27.362  2.438   -12.335 1.00 102.30 ? 25  DA  B H62    1 
ATOM   662  H  H2     . DA  A 1 21 ? 23.974  3.417   -15.871 1.00 97.56  ? 25  DA  B H2     1 
ATOM   663  P  P      . DA  B 2 1  ? 6.368   -3.594  4.703   1.00 95.62  ? 65  DA  A P      1 
ATOM   664  O  OP1    . DA  B 2 1  ? 7.215   -4.759  5.026   1.00 82.37  ? 65  DA  A OP1    1 
ATOM   665  O  OP2    . DA  B 2 1  ? 5.494   -2.985  5.731   1.00 107.04 ? 65  DA  A OP2    1 
ATOM   666  O  "O5'"  . DA  B 2 1  ? 7.358   -2.466  4.158   1.00 89.08  ? 65  DA  A "O5'"  1 
ATOM   667  C  "C5'"  . DA  B 2 1  ? 8.315   -1.886  5.030   1.00 81.47  ? 65  DA  A "C5'"  1 
ATOM   668  C  "C4'"  . DA  B 2 1  ? 8.424   -0.396  4.794   1.00 74.97  ? 65  DA  A "C4'"  1 
ATOM   669  O  "O4'"  . DA  B 2 1  ? 8.937   -0.161  3.461   1.00 79.94  ? 65  DA  A "O4'"  1 
ATOM   670  C  "C3'"  . DA  B 2 1  ? 7.104   0.352   4.857   1.00 83.42  ? 65  DA  A "C3'"  1 
ATOM   671  O  "O3'"  . DA  B 2 1  ? 6.825   0.769   6.183   1.00 90.32  ? 65  DA  A "O3'"  1 
ATOM   672  C  "C2'"  . DA  B 2 1  ? 7.323   1.527   3.914   1.00 74.98  ? 65  DA  A "C2'"  1 
ATOM   673  C  "C1'"  . DA  B 2 1  ? 8.323   0.984   2.894   1.00 73.29  ? 65  DA  A "C1'"  1 
ATOM   674  N  N9     . DA  B 2 1  ? 7.724   0.597   1.621   1.00 68.85  ? 65  DA  A N9     1 
ATOM   675  C  C8     . DA  B 2 1  ? 7.633   -0.664  1.104   1.00 78.47  ? 65  DA  A C8     1 
ATOM   676  N  N7     . DA  B 2 1  ? 7.060   -0.714  -0.077  1.00 75.46  ? 65  DA  A N7     1 
ATOM   677  C  C5     . DA  B 2 1  ? 6.757   0.609   -0.353  1.00 54.74  ? 65  DA  A C5     1 
ATOM   678  C  C6     . DA  B 2 1  ? 6.136   1.228   -1.451  1.00 58.99  ? 65  DA  A C6     1 
ATOM   679  N  N6     . DA  B 2 1  ? 5.691   0.559   -2.520  1.00 60.79  ? 65  DA  A N6     1 
ATOM   680  N  N1     . DA  B 2 1  ? 5.989   2.569   -1.413  1.00 69.50  ? 65  DA  A N1     1 
ATOM   681  C  C2     . DA  B 2 1  ? 6.434   3.235   -0.341  1.00 79.75  ? 65  DA  A C2     1 
ATOM   682  N  N3     . DA  B 2 1  ? 7.031   2.763   0.752   1.00 85.79  ? 65  DA  A N3     1 
ATOM   683  C  C4     . DA  B 2 1  ? 7.162   1.429   0.683   1.00 70.79  ? 65  DA  A C4     1 
ATOM   684  H  "H5'"  . DA  B 2 1  ? 9.180   -2.297  4.874   1.00 97.97  ? 65  DA  A "H5'"  1 
ATOM   685  H  "H5''" . DA  B 2 1  ? 8.048   -2.045  5.949   1.00 97.97  ? 65  DA  A "H5''" 1 
ATOM   686  H  "H4'"  . DA  B 2 1  ? 9.037   -0.015  5.442   1.00 90.17  ? 65  DA  A "H4'"  1 
ATOM   687  H  "H3'"  . DA  B 2 1  ? 6.387   -0.211  4.525   1.00 100.31 ? 65  DA  A "H3'"  1 
ATOM   688  H  "H2'"  . DA  B 2 1  ? 6.492   1.775   3.480   1.00 90.18  ? 65  DA  A "H2'"  1 
ATOM   689  H  "H2''" . DA  B 2 1  ? 7.701   2.282   4.392   1.00 90.18  ? 65  DA  A "H2''" 1 
ATOM   690  H  "H1'"  . DA  B 2 1  ? 9.002   1.657   2.731   1.00 88.15  ? 65  DA  A "H1'"  1 
ATOM   691  H  H8     . DA  B 2 1  ? 7.949   -1.419  1.547   1.00 94.37  ? 65  DA  A H8     1 
ATOM   692  H  H61    . DA  B 2 1  ? 5.318   0.984   -3.169  1.00 73.15  ? 65  DA  A H61    1 
ATOM   693  H  H62    . DA  B 2 1  ? 5.777   -0.295  -2.559  1.00 73.15  ? 65  DA  A H62    1 
ATOM   694  H  H2     . DA  B 2 1  ? 6.307   4.157   -0.361  1.00 95.91  ? 65  DA  A H2     1 
ATOM   695  P  P      . DG  B 2 2  ? 5.306   0.854   6.694   1.00 85.98  ? 66  DG  A P      1 
ATOM   696  O  OP1    . DG  B 2 2  ? 5.331   1.098   8.152   1.00 101.18 ? 66  DG  A OP1    1 
ATOM   697  O  OP2    . DG  B 2 2  ? 4.589   -0.321  6.148   1.00 83.20  ? 66  DG  A OP2    1 
ATOM   698  O  "O5'"  . DG  B 2 2  ? 4.734   2.153   5.963   1.00 76.87  ? 66  DG  A "O5'"  1 
ATOM   699  C  "C5'"  . DG  B 2 2  ? 5.377   3.401   6.139   1.00 82.54  ? 66  DG  A "C5'"  1 
ATOM   700  C  "C4'"  . DG  B 2 2  ? 4.850   4.421   5.151   1.00 86.56  ? 66  DG  A "C4'"  1 
ATOM   701  O  "O4'"  . DG  B 2 2  ? 5.002   3.898   3.805   1.00 100.89 ? 66  DG  A "O4'"  1 
ATOM   702  C  "C3'"  . DG  B 2 2  ? 3.373   4.767   5.328   1.00 90.96  ? 66  DG  A "C3'"  1 
ATOM   703  O  "O3'"  . DG  B 2 2  ? 3.205   6.166   5.497   1.00 120.51 ? 66  DG  A "O3'"  1 
ATOM   704  C  "C2'"  . DG  B 2 2  ? 2.690   4.250   4.061   1.00 93.15  ? 66  DG  A "C2'"  1 
ATOM   705  C  "C1'"  . DG  B 2 2  ? 3.823   4.092   3.061   1.00 81.08  ? 66  DG  A "C1'"  1 
ATOM   706  N  N9     . DG  B 2 2  ? 3.648   2.949   2.171   1.00 70.11  ? 66  DG  A N9     1 
ATOM   707  C  C8     . DG  B 2 2  ? 3.971   1.644   2.440   1.00 80.22  ? 66  DG  A C8     1 
ATOM   708  N  N7     . DG  B 2 2  ? 3.700   0.828   1.458   1.00 83.38  ? 66  DG  A N7     1 
ATOM   709  C  C5     . DG  B 2 2  ? 3.156   1.645   0.475   1.00 60.75  ? 66  DG  A C5     1 
ATOM   710  C  C6     . DG  B 2 2  ? 2.674   1.320   -0.814  1.00 68.33  ? 66  DG  A C6     1 
ATOM   711  O  O6     . DG  B 2 2  ? 2.630   0.208   -1.359  1.00 69.59  ? 66  DG  A O6     1 
ATOM   712  N  N1     . DG  B 2 2  ? 2.210   2.445   -1.488  1.00 58.58  ? 66  DG  A N1     1 
ATOM   713  C  C2     . DG  B 2 2  ? 2.210   3.720   -0.982  1.00 73.18  ? 66  DG  A C2     1 
ATOM   714  N  N2     . DG  B 2 2  ? 1.721   4.676   -1.782  1.00 83.13  ? 66  DG  A N2     1 
ATOM   715  N  N3     . DG  B 2 2  ? 2.658   4.040   0.228   1.00 80.79  ? 66  DG  A N3     1 
ATOM   716  C  C4     . DG  B 2 2  ? 3.117   2.955   0.897   1.00 70.00  ? 66  DG  A C4     1 
ATOM   717  H  "H5'"  . DG  B 2 2  ? 6.332   3.290   6.006   1.00 99.25  ? 66  DG  A "H5'"  1 
ATOM   718  H  "H5''" . DG  B 2 2  ? 5.217   3.718   7.042   1.00 99.25  ? 66  DG  A "H5''" 1 
ATOM   719  H  "H4'"  . DG  B 2 2  ? 5.374   5.234   5.230   1.00 104.07 ? 66  DG  A "H4'"  1 
ATOM   720  H  "H3'"  . DG  B 2 2  ? 3.021   4.301   6.102   1.00 109.36 ? 66  DG  A "H3'"  1 
ATOM   721  H  "H2'"  . DG  B 2 2  ? 2.265   3.393   4.231   1.00 111.99 ? 66  DG  A "H2'"  1 
ATOM   722  H  "H2''" . DG  B 2 2  ? 2.040   4.894   3.740   1.00 111.99 ? 66  DG  A "H2''" 1 
ATOM   723  H  "H1'"  . DG  B 2 2  ? 3.904   4.904   2.534   1.00 97.50  ? 66  DG  A "H1'"  1 
ATOM   724  H  H8     . DG  B 2 2  ? 4.351   1.368   3.242   1.00 96.47  ? 66  DG  A H8     1 
ATOM   725  H  H1     . DG  B 2 2  ? 1.898   2.332   -2.282  1.00 70.50  ? 66  DG  A H1     1 
ATOM   726  H  H21    . DG  B 2 2  ? 1.710   5.495   -1.517  1.00 99.97  ? 66  DG  A H21    1 
ATOM   727  H  H22    . DG  B 2 2  ? 1.421   4.472   -2.562  1.00 99.97  ? 66  DG  A H22    1 
ATOM   728  P  P      . DC  B 2 3  ? 1.811   6.747   6.041   1.00 128.23 ? 67  DC  A P      1 
ATOM   729  O  OP1    . DC  B 2 3  ? 2.067   8.114   6.549   1.00 122.90 ? 67  DC  A OP1    1 
ATOM   730  O  OP2    . DC  B 2 3  ? 1.203   5.728   6.926   1.00 104.39 ? 67  DC  A OP2    1 
ATOM   731  O  "O5'"  . DC  B 2 3  ? 0.903   6.838   4.729   1.00 100.71 ? 67  DC  A "O5'"  1 
ATOM   732  C  "C5'"  . DC  B 2 3  ? 1.359   7.577   3.605   1.00 97.10  ? 67  DC  A "C5'"  1 
ATOM   733  C  "C4'"  . DC  B 2 3  ? 0.279   7.666   2.544   1.00 105.81 ? 67  DC  A "C4'"  1 
ATOM   734  O  "O4'"  . DC  B 2 3  ? 0.362   6.507   1.667   1.00 107.54 ? 67  DC  A "O4'"  1 
ATOM   735  C  "C3'"  . DC  B 2 3  ? -1.153  7.688   3.087   1.00 116.71 ? 67  DC  A "C3'"  1 
ATOM   736  O  "O3'"  . DC  B 2 3  ? -1.909  8.710   2.448   1.00 129.47 ? 67  DC  A "O3'"  1 
ATOM   737  C  "C2'"  . DC  B 2 3  ? -1.677  6.287   2.778   1.00 100.79 ? 67  DC  A "C2'"  1 
ATOM   738  C  "C1'"  . DC  B 2 3  ? -0.920  5.936   1.512   1.00 102.60 ? 67  DC  A "C1'"  1 
ATOM   739  N  N1     . DC  B 2 3  ? -0.759  4.469   1.263   1.00 71.38  ? 67  DC  A N1     1 
ATOM   740  C  C2     . DC  B 2 3  ? -1.189  3.922   0.048   1.00 80.45  ? 67  DC  A C2     1 
ATOM   741  O  O2     . DC  B 2 3  ? -1.713  4.659   -0.796  1.00 91.16  ? 67  DC  A O2     1 
ATOM   742  N  N3     . DC  B 2 3  ? -1.026  2.594   -0.169  1.00 63.02  ? 67  DC  A N3     1 
ATOM   743  C  C4     . DC  B 2 3  ? -0.457  1.830   0.765   1.00 68.72  ? 67  DC  A C4     1 
ATOM   744  N  N4     . DC  B 2 3  ? -0.317  0.526   0.505   1.00 76.39  ? 67  DC  A N4     1 
ATOM   745  C  C5     . DC  B 2 3  ? -0.007  2.371   2.005   1.00 76.91  ? 67  DC  A C5     1 
ATOM   746  C  C6     . DC  B 2 3  ? -0.173  3.682   2.208   1.00 82.60  ? 67  DC  A C6     1 
ATOM   747  H  "H5'"  . DC  B 2 3  ? 2.139   7.138   3.230   1.00 116.73 ? 67  DC  A "H5'"  1 
ATOM   748  H  "H5''" . DC  B 2 3  ? 1.602   8.471   3.889   1.00 116.73 ? 67  DC  A "H5''" 1 
ATOM   749  H  "H4'"  . DC  B 2 3  ? 0.425   8.467   2.017   1.00 127.18 ? 67  DC  A "H4'"  1 
ATOM   750  H  "H3'"  . DC  B 2 3  ? -1.141  7.834   4.046   1.00 140.26 ? 67  DC  A "H3'"  1 
ATOM   751  H  "H2'"  . DC  B 2 3  ? -1.459  5.671   3.493   1.00 121.15 ? 67  DC  A "H2'"  1 
ATOM   752  H  "H2''" . DC  B 2 3  ? -2.634  6.305   2.614   1.00 121.15 ? 67  DC  A "H2''" 1 
ATOM   753  H  "H1'"  . DC  B 2 3  ? -1.361  6.344   0.750   1.00 123.33 ? 67  DC  A "H1'"  1 
ATOM   754  H  H41    . DC  B 2 3  ? 0.042   0.007   1.089   1.00 91.88  ? 67  DC  A H41    1 
ATOM   755  H  H42    . DC  B 2 3  ? -0.586  0.207   -0.247  1.00 91.88  ? 67  DC  A H42    1 
ATOM   756  H  H5     . DC  B 2 3  ? 0.389   1.830   2.650   1.00 92.50  ? 67  DC  A H5     1 
ATOM   757  H  H6     . DC  B 2 3  ? 0.111   4.061   3.008   1.00 99.33  ? 67  DC  A H6     1 
ATOM   758  P  P      . DA  B 2 4  ? -3.426  8.998   2.891   1.00 122.56 ? 68  DA  A P      1 
ATOM   759  O  OP1    . DA  B 2 4  ? -3.632  10.462  2.828   1.00 117.01 ? 68  DA  A OP1    1 
ATOM   760  O  OP2    . DA  B 2 4  ? -3.682  8.267   4.152   1.00 107.85 ? 68  DA  A OP2    1 
ATOM   761  O  "O5'"  . DA  B 2 4  ? -4.291  8.299   1.744   1.00 112.54 ? 68  DA  A "O5'"  1 
ATOM   762  C  "C5'"  . DA  B 2 4  ? -4.016  8.586   0.381   1.00 105.78 ? 68  DA  A "C5'"  1 
ATOM   763  C  "C4'"  . DA  B 2 4  ? -5.044  7.939   -0.528  1.00 113.87 ? 68  DA  A "C4'"  1 
ATOM   764  O  "O4'"  . DA  B 2 4  ? -4.667  6.558   -0.781  1.00 117.93 ? 68  DA  A "O4'"  1 
ATOM   765  C  "C3'"  . DA  B 2 4  ? -6.461  7.915   0.039   1.00 121.78 ? 68  DA  A "C3'"  1 
ATOM   766  O  "O3'"  . DA  B 2 4  ? -7.385  8.415   -0.919  1.00 130.91 ? 68  DA  A "O3'"  1 
ATOM   767  C  "C2'"  . DA  B 2 4  ? -6.709  6.445   0.398   1.00 111.95 ? 68  DA  A "C2'"  1 
ATOM   768  C  "C1'"  . DA  B 2 4  ? -5.735  5.679   -0.490  1.00 112.39 ? 68  DA  A "C1'"  1 
ATOM   769  N  N9     . DA  B 2 4  ? -5.171  4.477   0.132   1.00 87.05  ? 68  DA  A N9     1 
ATOM   770  C  C8     . DA  B 2 4  ? -4.593  4.385   1.367   1.00 90.65  ? 68  DA  A C8     1 
ATOM   771  N  N7     . DA  B 2 4  ? -4.154  3.183   1.660   1.00 80.97  ? 68  DA  A N7     1 
ATOM   772  C  C5     . DA  B 2 4  ? -4.457  2.435   0.536   1.00 60.44  ? 68  DA  A C5     1 
ATOM   773  C  C6     . DA  B 2 4  ? -4.247  1.078   0.216   1.00 73.30  ? 68  DA  A C6     1 
ATOM   774  N  N6     . DA  B 2 4  ? -3.655  0.214   1.045   1.00 76.37  ? 68  DA  A N6     1 
ATOM   775  N  N1     . DA  B 2 4  ? -4.666  0.646   -0.991  1.00 67.71  ? 68  DA  A N1     1 
ATOM   776  C  C2     . DA  B 2 4  ? -5.256  1.520   -1.818  1.00 78.21  ? 68  DA  A C2     1 
ATOM   777  N  N3     . DA  B 2 4  ? -5.509  2.816   -1.627  1.00 83.79  ? 68  DA  A N3     1 
ATOM   778  C  C4     . DA  B 2 4  ? -5.079  3.214   -0.420  1.00 68.41  ? 68  DA  A C4     1 
ATOM   779  H  "H5'"  . DA  B 2 4  ? -3.135  8.249   0.155   1.00 127.14 ? 68  DA  A "H5'"  1 
ATOM   780  H  "H5''" . DA  B 2 4  ? -4.033  9.547   0.248   1.00 127.14 ? 68  DA  A "H5''" 1 
ATOM   781  H  "H4'"  . DA  B 2 4  ? -5.057  8.417   -1.372  1.00 136.85 ? 68  DA  A "H4'"  1 
ATOM   782  H  "H3'"  . DA  B 2 4  ? -6.500  8.457   0.843   1.00 146.34 ? 68  DA  A "H3'"  1 
ATOM   783  H  "H2'"  . DA  B 2 4  ? -6.513  6.285   1.334   1.00 134.54 ? 68  DA  A "H2'"  1 
ATOM   784  H  "H2''" . DA  B 2 4  ? -7.624  6.195   0.193   1.00 134.54 ? 68  DA  A "H2''" 1 
ATOM   785  H  "H1'"  . DA  B 2 4  ? -6.181  5.433   -1.316  1.00 135.08 ? 68  DA  A "H1'"  1 
ATOM   786  H  H8     . DA  B 2 4  ? -4.523  5.106   1.949   1.00 108.99 ? 68  DA  A H8     1 
ATOM   787  H  H61    . DA  B 2 4  ? -3.544  -0.605  0.807   1.00 91.85  ? 68  DA  A H61    1 
ATOM   788  H  H62    . DA  B 2 4  ? -3.383  0.477   1.817   1.00 91.85  ? 68  DA  A H62    1 
ATOM   789  H  H2     . DA  B 2 4  ? -5.529  1.175   -2.637  1.00 94.06  ? 68  DA  A H2     1 
ATOM   790  P  P      . DT  B 2 5  ? -8.946  8.526   -0.559  1.00 122.26 ? 69  DT  A P      1 
ATOM   791  O  OP1    . DT  B 2 5  ? -9.483  9.703   -1.278  1.00 119.38 ? 69  DT  A OP1    1 
ATOM   792  O  OP2    . DT  B 2 5  ? -9.082  8.437   0.912   1.00 98.52  ? 69  DT  A OP2    1 
ATOM   793  O  "O5'"  . DT  B 2 5  ? -9.557  7.199   -1.202  1.00 111.00 ? 69  DT  A "O5'"  1 
ATOM   794  C  "C5'"  . DT  B 2 5  ? -8.999  6.690   -2.407  1.00 109.47 ? 69  DT  A "C5'"  1 
ATOM   795  C  "C4'"  . DT  B 2 5  ? -9.782  5.497   -2.921  1.00 110.87 ? 69  DT  A "C4'"  1 
ATOM   796  O  "O4'"  . DT  B 2 5  ? -9.108  4.268   -2.526  1.00 105.14 ? 69  DT  A "O4'"  1 
ATOM   797  C  "C3'"  . DT  B 2 5  ? -11.211 5.380   -2.390  1.00 112.42 ? 69  DT  A "C3'"  1 
ATOM   798  O  "O3'"  . DT  B 2 5  ? -12.087 4.962   -3.434  1.00 115.98 ? 69  DT  A "O3'"  1 
ATOM   799  C  "C2'"  . DT  B 2 5  ? -11.078 4.344   -1.279  1.00 99.40  ? 69  DT  A "C2'"  1 
ATOM   800  C  "C1'"  . DT  B 2 5  ? -10.017 3.421   -1.854  1.00 97.94  ? 69  DT  A "C1'"  1 
ATOM   801  N  N1     . DT  B 2 5  ? -9.255  2.603   -0.846  1.00 82.60  ? 69  DT  A N1     1 
ATOM   802  C  C2     . DT  B 2 5  ? -8.956  1.297   -1.147  1.00 85.30  ? 69  DT  A C2     1 
ATOM   803  O  O2     . DT  B 2 5  ? -9.291  0.761   -2.188  1.00 101.64 ? 69  DT  A O2     1 
ATOM   804  N  N3     . DT  B 2 5  ? -8.253  0.629   -0.184  1.00 68.21  ? 69  DT  A N3     1 
ATOM   805  C  C4     . DT  B 2 5  ? -7.820  1.126   1.026   1.00 75.24  ? 69  DT  A C4     1 
ATOM   806  O  O4     . DT  B 2 5  ? -7.188  0.439   1.825   1.00 74.38  ? 69  DT  A O4     1 
ATOM   807  C  C5     . DT  B 2 5  ? -8.158  2.505   1.284   1.00 67.70  ? 69  DT  A C5     1 
ATOM   808  C  C7     . DT  B 2 5  ? -7.740  3.156   2.569   1.00 74.98  ? 69  DT  A C7     1 
ATOM   809  C  C6     . DT  B 2 5  ? -8.849  3.175   0.345   1.00 84.51  ? 69  DT  A C6     1 
ATOM   810  H  "H5'"  . DT  B 2 5  ? -8.082  6.421   -2.243  1.00 131.57 ? 69  DT  A "H5'"  1 
ATOM   811  H  "H5''" . DT  B 2 5  ? -9.009  7.389   -3.080  1.00 131.57 ? 69  DT  A "H5''" 1 
ATOM   812  H  "H4'"  . DT  B 2 5  ? -9.812  5.540   -3.889  1.00 133.25 ? 69  DT  A "H4'"  1 
ATOM   813  H  "H3'"  . DT  B 2 5  ? -11.504 6.229   -2.024  1.00 135.11 ? 69  DT  A "H3'"  1 
ATOM   814  H  "H2'"  . DT  B 2 5  ? -10.770 4.755   -0.457  1.00 119.49 ? 69  DT  A "H2'"  1 
ATOM   815  H  "H2''" . DT  B 2 5  ? -11.913 3.871   -1.145  1.00 119.49 ? 69  DT  A "H2''" 1 
ATOM   816  H  "H1'"  . DT  B 2 5  ? -10.430 2.825   -2.498  1.00 117.73 ? 69  DT  A "H1'"  1 
ATOM   817  H  H3     . DT  B 2 5  ? -8.059  -0.191  -0.352  1.00 82.06  ? 69  DT  A H3     1 
ATOM   818  H  H71    . DT  B 2 5  ? -7.183  3.925   2.375   1.00 90.18  ? 69  DT  A H71    1 
ATOM   819  H  H72    . DT  B 2 5  ? -8.528  3.442   3.057   1.00 90.18  ? 69  DT  A H72    1 
ATOM   820  H  H73    . DT  B 2 5  ? -7.240  2.521   3.105   1.00 90.18  ? 69  DT  A H73    1 
ATOM   821  H  H6     . DT  B 2 5  ? -9.069  4.063   0.507   1.00 101.62 ? 69  DT  A H6     1 
ATOM   822  P  P      . DG  B 2 6  ? -13.674 4.866   -3.202  1.00 104.25 ? 70  DG  A P      1 
ATOM   823  O  OP1    . DG  B 2 6  ? -14.315 5.795   -4.159  1.00 123.11 ? 70  DG  A OP1    1 
ATOM   824  O  OP2    . DG  B 2 6  ? -13.952 5.006   -1.755  1.00 92.83  ? 70  DG  A OP2    1 
ATOM   825  O  "O5'"  . DG  B 2 6  ? -14.017 3.368   -3.644  1.00 97.11  ? 70  DG  A "O5'"  1 
ATOM   826  C  "C5'"  . DG  B 2 6  ? -13.386 2.809   -4.793  1.00 87.10  ? 70  DG  A "C5'"  1 
ATOM   827  C  "C4'"  . DG  B 2 6  ? -13.649 1.318   -4.887  1.00 92.06  ? 70  DG  A "C4'"  1 
ATOM   828  O  "O4'"  . DG  B 2 6  ? -12.812 0.616   -3.929  1.00 96.12  ? 70  DG  A "O4'"  1 
ATOM   829  C  "C3'"  . DG  B 2 6  ? -15.076 0.903   -4.565  1.00 101.50 ? 70  DG  A "C3'"  1 
ATOM   830  O  "O3'"  . DG  B 2 6  ? -15.462 -0.215  -5.347  1.00 100.08 ? 70  DG  A "O3'"  1 
ATOM   831  C  "C2'"  . DG  B 2 6  ? -15.014 0.580   -3.080  1.00 99.09  ? 70  DG  A "C2'"  1 
ATOM   832  C  "C1'"  . DG  B 2 6  ? -13.610 0.007   -2.927  1.00 92.86  ? 70  DG  A "C1'"  1 
ATOM   833  N  N9     . DG  B 2 6  ? -12.987 0.265   -1.632  1.00 86.41  ? 70  DG  A N9     1 
ATOM   834  C  C8     . DG  B 2 6  ? -12.994 1.443   -0.926  1.00 90.89  ? 70  DG  A C8     1 
ATOM   835  N  N7     . DG  B 2 6  ? -12.331 1.380   0.196   1.00 84.06  ? 70  DG  A N7     1 
ATOM   836  C  C5     . DG  B 2 6  ? -11.846 0.080   0.230   1.00 77.03  ? 70  DG  A C5     1 
ATOM   837  C  C6     . DG  B 2 6  ? -11.056 -0.570  1.204   1.00 83.32  ? 70  DG  A C6     1 
ATOM   838  O  O6     . DG  B 2 6  ? -10.613 -0.109  2.265   1.00 85.25  ? 70  DG  A O6     1 
ATOM   839  N  N1     . DG  B 2 6  ? -10.787 -1.891  0.850   1.00 74.43  ? 70  DG  A N1     1 
ATOM   840  C  C2     . DG  B 2 6  ? -11.225 -2.500  -0.301  1.00 73.12  ? 70  DG  A C2     1 
ATOM   841  N  N2     . DG  B 2 6  ? -10.867 -3.778  -0.472  1.00 78.69  ? 70  DG  A N2     1 
ATOM   842  N  N3     . DG  B 2 6  ? -11.966 -1.900  -1.221  1.00 74.34  ? 70  DG  A N3     1 
ATOM   843  C  C4     . DG  B 2 6  ? -12.237 -0.617  -0.890  1.00 81.30  ? 70  DG  A C4     1 
ATOM   844  H  "H5'"  . DG  B 2 6  ? -12.430 2.960   -4.736  1.00 104.72 ? 70  DG  A "H5'"  1 
ATOM   845  H  "H5''" . DG  B 2 6  ? -13.730 3.244   -5.588  1.00 104.72 ? 70  DG  A "H5''" 1 
ATOM   846  H  "H4'"  . DG  B 2 6  ? -13.428 1.015   -5.781  1.00 110.67 ? 70  DG  A "H4'"  1 
ATOM   847  H  "H3'"  . DG  B 2 6  ? -15.683 1.645   -4.720  1.00 122.00 ? 70  DG  A "H3'"  1 
ATOM   848  H  "H2'"  . DG  B 2 6  ? -15.116 1.386   -2.548  1.00 119.11 ? 70  DG  A "H2'"  1 
ATOM   849  H  "H2''" . DG  B 2 6  ? -15.683 -0.081  -2.841  1.00 119.11 ? 70  DG  A "H2''" 1 
ATOM   850  H  "H1'"  . DG  B 2 6  ? -13.639 -0.950  -3.082  1.00 111.63 ? 70  DG  A "H1'"  1 
ATOM   851  H  H8     . DG  B 2 6  ? -13.433 2.209   -1.217  1.00 109.27 ? 70  DG  A H8     1 
ATOM   852  H  H1     . DG  B 2 6  ? -10.309 -2.358  1.392   1.00 89.52  ? 70  DG  A H1     1 
ATOM   853  H  H21    . DG  B 2 6  ? -11.126 -4.208  -1.171  1.00 94.64  ? 70  DG  A H21    1 
ATOM   854  H  H22    . DG  B 2 6  ? -10.378 -4.170  0.117   1.00 94.64  ? 70  DG  A H22    1 
ATOM   855  P  P      . DA  B 2 7  ? -17.018 -0.566  -5.526  1.00 116.71 ? 71  DA  A P      1 
ATOM   856  O  OP1    . DA  B 2 7  ? -17.221 -1.019  -6.920  1.00 113.06 ? 71  DA  A OP1    1 
ATOM   857  O  OP2    . DA  B 2 7  ? -17.796 0.569   -4.981  1.00 99.23  ? 71  DA  A OP2    1 
ATOM   858  O  "O5'"  . DA  B 2 7  ? -17.247 -1.798  -4.541  1.00 99.37  ? 71  DA  A "O5'"  1 
ATOM   859  C  "C5'"  . DA  B 2 7  ? -16.528 -2.999  -4.737  1.00 90.89  ? 71  DA  A "C5'"  1 
ATOM   860  C  "C4'"  . DA  B 2 7  ? -16.544 -3.842  -3.480  1.00 81.51  ? 71  DA  A "C4'"  1 
ATOM   861  O  "O4'"  . DA  B 2 7  ? -15.612 -3.313  -2.525  1.00 77.74  ? 71  DA  A "O4'"  1 
ATOM   862  C  "C3'"  . DA  B 2 7  ? -17.864 -3.858  -2.733  1.00 89.71  ? 71  DA  A "C3'"  1 
ATOM   863  O  "O3'"  . DA  B 2 7  ? -18.710 -4.858  -3.238  1.00 91.72  ? 71  DA  A "O3'"  1 
ATOM   864  C  "C2'"  . DA  B 2 7  ? -17.453 -4.130  -1.285  1.00 74.75  ? 71  DA  A "C2'"  1 
ATOM   865  C  "C1'"  . DA  B 2 7  ? -15.952 -3.824  -1.256  1.00 87.10  ? 71  DA  A "C1'"  1 
ATOM   866  N  N9     . DA  B 2 7  ? -15.569 -2.853  -0.241  1.00 78.23  ? 71  DA  A N9     1 
ATOM   867  C  C8     . DA  B 2 7  ? -15.931 -1.538  -0.178  1.00 85.63  ? 71  DA  A C8     1 
ATOM   868  N  N7     . DA  B 2 7  ? -15.426 -0.901  0.856   1.00 89.46  ? 71  DA  A N7     1 
ATOM   869  C  C5     . DA  B 2 7  ? -14.683 -1.869  1.511   1.00 76.38  ? 71  DA  A C5     1 
ATOM   870  C  C6     . DA  B 2 7  ? -13.902 -1.835  2.682   1.00 75.83  ? 71  DA  A C6     1 
ATOM   871  N  N6     . DA  B 2 7  ? -13.735 -0.738  3.426   1.00 80.09  ? 71  DA  A N6     1 
ATOM   872  N  N1     . DA  B 2 7  ? -13.293 -2.978  3.059   1.00 72.81  ? 71  DA  A N1     1 
ATOM   873  C  C2     . DA  B 2 7  ? -13.461 -4.074  2.309   1.00 83.99  ? 71  DA  A C2     1 
ATOM   874  N  N3     . DA  B 2 7  ? -14.169 -4.225  1.193   1.00 80.59  ? 71  DA  A N3     1 
ATOM   875  C  C4     . DA  B 2 7  ? -14.761 -3.076  0.847   1.00 73.48  ? 71  DA  A C4     1 
ATOM   876  H  "H5'"  . DA  B 2 7  ? -15.610 -2.788  -4.969  1.00 109.27 ? 71  DA  A "H5'"  1 
ATOM   877  H  "H5''" . DA  B 2 7  ? -16.933 -3.499  -5.463  1.00 109.27 ? 71  DA  A "H5''" 1 
ATOM   878  H  "H4'"  . DA  B 2 7  ? -16.292 -4.752  -3.703  1.00 98.02  ? 71  DA  A "H4'"  1 
ATOM   879  H  "H3'"  . DA  B 2 7  ? -18.295 -2.991  -2.800  1.00 107.85 ? 71  DA  A "H3'"  1 
ATOM   880  H  "HO3'" . DA  B 2 7  ? -19.461 -4.654  -3.554  1.00 110.27 ? 71  DA  A "HO3'" 1 
ATOM   881  H  "H2'"  . DA  B 2 7  ? -17.930 -3.541  -0.681  1.00 89.90  ? 71  DA  A "H2'"  1 
ATOM   882  H  "H2''" . DA  B 2 7  ? -17.614 -5.059  -1.055  1.00 89.90  ? 71  DA  A "H2''" 1 
ATOM   883  H  "H1'"  . DA  B 2 7  ? -15.463 -4.648  -1.106  1.00 104.72 ? 71  DA  A "H1'"  1 
ATOM   884  H  H8     . DA  B 2 7  ? -16.482 -1.131  -0.806  1.00 102.96 ? 71  DA  A H8     1 
ATOM   885  H  H61    . DA  B 2 7  ? -13.246 -0.768  4.134   1.00 96.32  ? 71  DA  A H61    1 
ATOM   886  H  H62    . DA  B 2 7  ? -14.117 -0.002  3.199   1.00 96.32  ? 71  DA  A H62    1 
ATOM   887  H  H2     . DA  B 2 7  ? -13.021 -4.836  2.611   1.00 100.99 ? 71  DA  A H2     1 
ATOM   888  O  "O5'"  . DT  C 3 1  ? 34.718  8.031   -11.040 1.00 127.43 ? 56  DT  C "O5'"  1 
ATOM   889  C  "C5'"  . DT  C 3 1  ? 35.619  9.086   -11.355 1.00 118.74 ? 56  DT  C "C5'"  1 
ATOM   890  C  "C4'"  . DT  C 3 1  ? 35.003  10.038  -12.362 1.00 121.44 ? 56  DT  C "C4'"  1 
ATOM   891  O  "O4'"  . DT  C 3 1  ? 34.870  9.361   -13.641 1.00 92.41  ? 56  DT  C "O4'"  1 
ATOM   892  C  "C3'"  . DT  C 3 1  ? 33.610  10.532  -11.994 1.00 119.80 ? 56  DT  C "C3'"  1 
ATOM   893  O  "O3'"  . DT  C 3 1  ? 33.439  11.894  -12.353 1.00 113.73 ? 56  DT  C "O3'"  1 
ATOM   894  C  "C2'"  . DT  C 3 1  ? 32.684  9.610   -12.770 1.00 110.10 ? 56  DT  C "C2'"  1 
ATOM   895  C  "C1'"  . DT  C 3 1  ? 33.507  9.221   -13.991 1.00 97.21  ? 56  DT  C "C1'"  1 
ATOM   896  N  N1     . DT  C 3 1  ? 33.271  7.822   -14.429 1.00 82.26  ? 56  DT  C N1     1 
ATOM   897  C  C2     . DT  C 3 1  ? 32.415  7.582   -15.474 1.00 86.26  ? 56  DT  C C2     1 
ATOM   898  O  O2     . DT  C 3 1  ? 31.838  8.466   -16.080 1.00 91.96  ? 56  DT  C O2     1 
ATOM   899  N  N3     . DT  C 3 1  ? 32.259  6.262   -15.792 1.00 80.05  ? 56  DT  C N3     1 
ATOM   900  C  C4     . DT  C 3 1  ? 32.856  5.181   -15.179 1.00 86.42  ? 56  DT  C C4     1 
ATOM   901  O  O4     . DT  C 3 1  ? 32.650  4.027   -15.541 1.00 94.05  ? 56  DT  C O4     1 
ATOM   902  C  C5     . DT  C 3 1  ? 33.740  5.502   -14.085 1.00 90.86  ? 56  DT  C C5     1 
ATOM   903  C  C7     . DT  C 3 1  ? 34.447  4.411   -13.342 1.00 98.11  ? 56  DT  C C7     1 
ATOM   904  C  C6     . DT  C 3 1  ? 33.901  6.794   -13.764 1.00 92.00  ? 56  DT  C C6     1 
ATOM   905  H  "H5'"  . DT  C 3 1  ? 36.433  8.711   -11.725 1.00 142.70 ? 56  DT  C "H5'"  1 
ATOM   906  H  "H5''" . DT  C 3 1  ? 35.832  9.574   -10.544 1.00 142.70 ? 56  DT  C "H5''" 1 
ATOM   907  H  "H4'"  . DT  C 3 1  ? 35.590  10.802  -12.471 1.00 145.93 ? 56  DT  C "H4'"  1 
ATOM   908  H  "H3'"  . DT  C 3 1  ? 33.463  10.421  -11.041 1.00 143.97 ? 56  DT  C "H3'"  1 
ATOM   909  H  "H2'"  . DT  C 3 1  ? 32.464  8.825   -12.245 1.00 132.32 ? 56  DT  C "H2'"  1 
ATOM   910  H  "H2''" . DT  C 3 1  ? 31.879  10.081  -13.038 1.00 132.32 ? 56  DT  C "H2''" 1 
ATOM   911  H  "H1'"  . DT  C 3 1  ? 33.301  9.825   -14.722 1.00 116.85 ? 56  DT  C "H1'"  1 
ATOM   912  H  H3     . DT  C 3 1  ? 31.729  6.086   -16.446 1.00 96.26  ? 56  DT  C H3     1 
ATOM   913  H  H71    . DT  C 3 1  ? 35.405  4.562   -13.381 1.00 117.93 ? 56  DT  C H71    1 
ATOM   914  H  H72    . DT  C 3 1  ? 34.158  4.409   -12.416 1.00 117.93 ? 56  DT  C H72    1 
ATOM   915  H  H73    . DT  C 3 1  ? 34.238  3.555   -13.748 1.00 117.93 ? 56  DT  C H73    1 
ATOM   916  H  H6     . DT  C 3 1  ? 34.469  7.006   -13.059 1.00 110.61 ? 56  DT  C H6     1 
ATOM   917  H  "HO5'" . DT  C 3 1  ? 34.941  7.438   -10.489 1.00 153.12 ? 56  DT  C "HO5'" 1 
ATOM   918  P  P      . DA  C 3 2  ? 32.160  12.703  -11.820 1.00 98.19  ? 57  DA  C P      1 
ATOM   919  O  OP1    . DA  C 3 2  ? 32.421  14.146  -12.024 1.00 112.38 ? 57  DA  C OP1    1 
ATOM   920  O  OP2    . DA  C 3 2  ? 31.839  12.191  -10.468 1.00 114.35 ? 57  DA  C OP2    1 
ATOM   921  O  "O5'"  . DA  C 3 2  ? 30.994  12.279  -12.826 1.00 86.97  ? 57  DA  C "O5'"  1 
ATOM   922  C  "C5'"  . DA  C 3 2  ? 31.117  12.581  -14.204 1.00 89.65  ? 57  DA  C "C5'"  1 
ATOM   923  C  "C4'"  . DA  C 3 2  ? 29.795  12.391  -14.923 1.00 92.29  ? 57  DA  C "C4'"  1 
ATOM   924  O  "O4'"  . DA  C 3 2  ? 29.643  10.995  -15.303 1.00 91.05  ? 57  DA  C "O4'"  1 
ATOM   925  C  "C3'"  . DA  C 3 2  ? 28.561  12.733  -14.101 1.00 104.70 ? 57  DA  C "C3'"  1 
ATOM   926  O  "O3'"  . DA  C 3 2  ? 27.564  13.315  -14.932 1.00 103.22 ? 57  DA  C "O3'"  1 
ATOM   927  C  "C2'"  . DA  C 3 2  ? 28.145  11.379  -13.535 1.00 103.00 ? 57  DA  C "C2'"  1 
ATOM   928  C  "C1'"  . DA  C 3 2  ? 28.506  10.436  -14.672 1.00 99.99  ? 57  DA  C "C1'"  1 
ATOM   929  N  N9     . DA  C 3 2  ? 28.842  9.078   -14.259 1.00 84.82  ? 57  DA  C N9     1 
ATOM   930  C  C8     . DA  C 3 2  ? 29.574  8.698   -13.170 1.00 93.49  ? 57  DA  C C8     1 
ATOM   931  N  N7     . DA  C 3 2  ? 29.734  7.398   -13.068 1.00 85.18  ? 57  DA  C N7     1 
ATOM   932  C  C5     . DA  C 3 2  ? 29.065  6.897   -14.170 1.00 70.98  ? 57  DA  C C5     1 
ATOM   933  C  C6     . DA  C 3 2  ? 28.860  5.587   -14.640 1.00 72.73  ? 57  DA  C C6     1 
ATOM   934  N  N6     . DA  C 3 2  ? 29.334  4.502   -14.023 1.00 84.70  ? 57  DA  C N6     1 
ATOM   935  N  N1     . DA  C 3 2  ? 28.148  5.435   -15.775 1.00 77.81  ? 57  DA  C N1     1 
ATOM   936  C  C2     . DA  C 3 2  ? 27.672  6.525   -16.386 1.00 85.50  ? 57  DA  C C2     1 
ATOM   937  N  N3     . DA  C 3 2  ? 27.806  7.803   -16.044 1.00 92.16  ? 57  DA  C N3     1 
ATOM   938  C  C4     . DA  C 3 2  ? 28.516  7.920   -14.916 1.00 76.70  ? 57  DA  C C4     1 
ATOM   939  H  "H5'"  . DA  C 3 2  ? 31.782  11.994  -14.600 1.00 107.78 ? 57  DA  C "H5'"  1 
ATOM   940  H  "H5''" . DA  C 3 2  ? 31.405  13.501  -14.304 1.00 107.78 ? 57  DA  C "H5''" 1 
ATOM   941  H  "H4'"  . DA  C 3 2  ? 29.797  12.935  -15.726 1.00 110.96 ? 57  DA  C "H4'"  1 
ATOM   942  H  "H3'"  . DA  C 3 2  ? 28.795  13.339  -13.381 1.00 125.84 ? 57  DA  C "H3'"  1 
ATOM   943  H  "H2'"  . DA  C 3 2  ? 28.654  11.167  -12.736 1.00 123.80 ? 57  DA  C "H2'"  1 
ATOM   944  H  "H2''" . DA  C 3 2  ? 27.192  11.357  -13.357 1.00 123.80 ? 57  DA  C "H2''" 1 
ATOM   945  H  "H1'"  . DA  C 3 2  ? 27.771  10.405  -15.306 1.00 120.19 ? 57  DA  C "H1'"  1 
ATOM   946  H  H8     . DA  C 3 2  ? 29.922  9.303   -12.554 1.00 112.40 ? 57  DA  C H8     1 
ATOM   947  H  H61    . DA  C 3 2  ? 29.184  3.721   -14.350 1.00 101.85 ? 57  DA  C H61    1 
ATOM   948  H  H62    . DA  C 3 2  ? 29.788  4.584   -13.298 1.00 101.85 ? 57  DA  C H62    1 
ATOM   949  H  H2     . DA  C 3 2  ? 27.193  6.368   -17.168 1.00 102.80 ? 57  DA  C H2     1 
ATOM   950  P  P      . DT  C 3 3  ? 26.109  13.657  -14.349 1.00 111.01 ? 58  DT  C P      1 
ATOM   951  O  OP1    . DT  C 3 3  ? 25.680  14.932  -14.967 1.00 99.66  ? 58  DT  C OP1    1 
ATOM   952  O  OP2    . DT  C 3 3  ? 26.171  13.538  -12.875 1.00 125.78 ? 58  DT  C OP2    1 
ATOM   953  O  "O5'"  . DT  C 3 3  ? 25.187  12.491  -14.940 1.00 99.81  ? 58  DT  C "O5'"  1 
ATOM   954  C  "C5'"  . DT  C 3 3  ? 25.044  12.366  -16.343 1.00 93.14  ? 58  DT  C "C5'"  1 
ATOM   955  C  "C4'"  . DT  C 3 3  ? 24.201  11.160  -16.713 1.00 96.49  ? 58  DT  C "C4'"  1 
ATOM   956  O  "O4'"  . DT  C 3 3  ? 24.832  9.945   -16.238 1.00 100.33 ? 58  DT  C "O4'"  1 
ATOM   957  C  "C3'"  . DT  C 3 3  ? 22.788  11.155  -16.128 1.00 104.59 ? 58  DT  C "C3'"  1 
ATOM   958  O  "O3'"  . DT  C 3 3  ? 21.844  11.063  -17.182 1.00 100.73 ? 58  DT  C "O3'"  1 
ATOM   959  C  "C2'"  . DT  C 3 3  ? 22.765  9.931   -15.199 1.00 104.17 ? 58  DT  C "C2'"  1 
ATOM   960  C  "C1'"  . DT  C 3 3  ? 23.832  9.050   -15.811 1.00 96.88  ? 58  DT  C "C1'"  1 
ATOM   961  N  N1     . DT  C 3 3  ? 24.465  8.049   -14.890 1.00 89.42  ? 58  DT  C N1     1 
ATOM   962  C  C2     . DT  C 3 3  ? 24.479  6.722   -15.251 1.00 83.14  ? 58  DT  C C2     1 
ATOM   963  O  O2     . DT  C 3 3  ? 23.964  6.302   -16.271 1.00 101.40 ? 58  DT  C O2     1 
ATOM   964  N  N3     . DT  C 3 3  ? 25.107  5.893   -14.367 1.00 79.40  ? 58  DT  C N3     1 
ATOM   965  C  C4     . DT  C 3 3  ? 25.725  6.246   -13.186 1.00 80.04  ? 58  DT  C C4     1 
ATOM   966  O  O4     . DT  C 3 3  ? 26.267  5.420   -12.458 1.00 83.44  ? 58  DT  C O4     1 
ATOM   967  C  C5     . DT  C 3 3  ? 25.691  7.652   -12.869 1.00 81.87  ? 58  DT  C C5     1 
ATOM   968  C  C7     . DT  C 3 3  ? 26.331  8.155   -11.610 1.00 74.34  ? 58  DT  C C7     1 
ATOM   969  C  C6     . DT  C 3 3  ? 25.076  8.481   -13.730 1.00 92.76  ? 58  DT  C C6     1 
ATOM   970  H  "H5'"  . DT  C 3 3  ? 25.922  12.273  -16.743 1.00 111.97 ? 58  DT  C "H5'"  1 
ATOM   971  H  "H5''" . DT  C 3 3  ? 24.621  13.166  -16.692 1.00 111.97 ? 58  DT  C "H5''" 1 
ATOM   972  H  "H4'"  . DT  C 3 3  ? 24.134  11.116  -17.680 1.00 116.00 ? 58  DT  C "H4'"  1 
ATOM   973  H  "H3'"  . DT  C 3 3  ? 22.638  11.965  -15.616 1.00 125.71 ? 58  DT  C "H3'"  1 
ATOM   974  H  "H2'"  . DT  C 3 3  ? 23.002  10.180  -14.292 1.00 125.21 ? 58  DT  C "H2'"  1 
ATOM   975  H  "H2''" . DT  C 3 3  ? 21.899  9.493   -15.225 1.00 125.21 ? 58  DT  C "H2''" 1 
ATOM   976  H  "H1'"  . DT  C 3 3  ? 23.465  8.589   -16.582 1.00 116.46 ? 58  DT  C "H1'"  1 
ATOM   977  H  H3     . DT  C 3 3  ? 25.123  5.057   -14.571 1.00 95.49  ? 58  DT  C H3     1 
ATOM   978  H  H71    . DT  C 3 3  ? 27.020  8.799   -11.832 1.00 89.41  ? 58  DT  C H71    1 
ATOM   979  H  H72    . DT  C 3 3  ? 25.660  8.578   -11.052 1.00 89.41  ? 58  DT  C H72    1 
ATOM   980  H  H73    . DT  C 3 3  ? 26.728  7.410   -11.130 1.00 89.41  ? 58  DT  C H73    1 
ATOM   981  H  H6     . DT  C 3 3  ? 25.051  9.388   -13.529 1.00 111.52 ? 58  DT  C H6     1 
ATOM   982  P  P      . DC  C 3 4  ? 20.293  11.362  -16.920 1.00 104.88 ? 59  DC  C P      1 
ATOM   983  O  OP1    . DC  C 3 4  ? 19.758  12.024  -18.135 1.00 97.88  ? 59  DC  C OP1    1 
ATOM   984  O  OP2    . DC  C 3 4  ? 20.184  12.028  -15.603 1.00 98.50  ? 59  DC  C OP2    1 
ATOM   985  O  "O5'"  . DC  C 3 4  ? 19.652  9.901   -16.800 1.00 103.44 ? 59  DC  C "O5'"  1 
ATOM   986  C  "C5'"  . DC  C 3 4  ? 19.971  8.916   -17.778 1.00 104.75 ? 59  DC  C "C5'"  1 
ATOM   987  C  "C4'"  . DC  C 3 4  ? 19.422  7.547   -17.392 1.00 114.98 ? 59  DC  C "C4'"  1 
ATOM   988  O  "O4'"  . DC  C 3 4  ? 20.329  6.906   -16.440 1.00 105.94 ? 59  DC  C "O4'"  1 
ATOM   989  C  "C3'"  . DC  C 3 4  ? 18.055  7.556   -16.691 1.00 110.10 ? 59  DC  C "C3'"  1 
ATOM   990  O  "O3'"  . DC  C 3 4  ? 17.327  6.387   -17.026 1.00 109.25 ? 59  DC  C "O3'"  1 
ATOM   991  C  "C2'"  . DC  C 3 4  ? 18.459  7.560   -15.229 1.00 104.57 ? 59  DC  C "C2'"  1 
ATOM   992  C  "C1'"  . DC  C 3 4  ? 19.592  6.549   -15.283 1.00 99.12  ? 59  DC  C "C1'"  1 
ATOM   993  N  N1     . DC  C 3 4  ? 20.507  6.521   -14.092 1.00 80.70  ? 59  DC  C N1     1 
ATOM   994  C  C2     . DC  C 3 4  ? 21.170  5.327   -13.783 1.00 84.07  ? 59  DC  C C2     1 
ATOM   995  O  O2     . DC  C 3 4  ? 20.983  4.333   -14.496 1.00 94.33  ? 59  DC  C O2     1 
ATOM   996  N  N3     . DC  C 3 4  ? 21.998  5.290   -12.711 1.00 76.56  ? 59  DC  C N3     1 
ATOM   997  C  C4     . DC  C 3 4  ? 22.176  6.379   -11.970 1.00 89.35  ? 59  DC  C C4     1 
ATOM   998  N  N4     . DC  C 3 4  ? 23.007  6.296   -10.920 1.00 90.81  ? 59  DC  C N4     1 
ATOM   999  C  C5     . DC  C 3 4  ? 21.509  7.610   -12.263 1.00 80.11  ? 59  DC  C C5     1 
ATOM   1000 C  C6     . DC  C 3 4  ? 20.692  7.632   -13.325 1.00 92.23  ? 59  DC  C C6     1 
ATOM   1001 H  "H5'"  . DC  C 3 4  ? 20.936  8.856   -17.866 1.00 125.91 ? 59  DC  C "H5'"  1 
ATOM   1002 H  "H5''" . DC  C 3 4  ? 19.592  9.180   -18.631 1.00 125.91 ? 59  DC  C "H5''" 1 
ATOM   1003 H  "H4'"  . DC  C 3 4  ? 19.363  6.997   -18.188 1.00 138.18 ? 59  DC  C "H4'"  1 
ATOM   1004 H  "H3'"  . DC  C 3 4  ? 17.556  8.356   -16.916 1.00 132.33 ? 59  DC  C "H3'"  1 
ATOM   1005 H  "H2'"  . DC  C 3 4  ? 18.780  8.433   -14.955 1.00 125.69 ? 59  DC  C "H2'"  1 
ATOM   1006 H  "H2''" . DC  C 3 4  ? 17.736  7.250   -14.663 1.00 125.69 ? 59  DC  C "H2''" 1 
ATOM   1007 H  "H1'"  . DC  C 3 4  ? 19.216  5.664   -15.411 1.00 119.14 ? 59  DC  C "H1'"  1 
ATOM   1008 H  H41    . DC  C 3 4  ? 23.139  6.984   -10.422 1.00 109.17 ? 59  DC  C H41    1 
ATOM   1009 H  H42    . DC  C 3 4  ? 23.406  5.555   -10.745 1.00 109.17 ? 59  DC  C H42    1 
ATOM   1010 H  H5     . DC  C 3 4  ? 21.639  8.368   -11.739 1.00 96.34  ? 59  DC  C H5     1 
ATOM   1011 H  H6     . DC  C 3 4  ? 20.245  8.417   -13.544 1.00 110.88 ? 59  DC  C H6     1 
ATOM   1012 P  P      . DA  C 3 5  ? 15.788  6.457   -17.467 1.00 109.07 ? 60  DA  C P      1 
ATOM   1013 O  OP1    . DA  C 3 5  ? 15.742  7.088   -18.804 1.00 117.44 ? 60  DA  C OP1    1 
ATOM   1014 O  OP2    . DA  C 3 5  ? 15.032  7.035   -16.327 1.00 102.78 ? 60  DA  C OP2    1 
ATOM   1015 O  "O5'"  . DA  C 3 5  ? 15.393  4.916   -17.651 1.00 99.36  ? 60  DA  C "O5'"  1 
ATOM   1016 C  "C5'"  . DA  C 3 5  ? 16.290  4.016   -18.295 1.00 94.99  ? 60  DA  C "C5'"  1 
ATOM   1017 C  "C4'"  . DA  C 3 5  ? 16.177  2.612   -17.706 1.00 101.23 ? 60  DA  C "C4'"  1 
ATOM   1018 O  "O4'"  . DA  C 3 5  ? 17.000  2.531   -16.510 1.00 97.98  ? 60  DA  C "O4'"  1 
ATOM   1019 C  "C3'"  . DA  C 3 5  ? 14.775  2.196   -17.275 1.00 89.00  ? 60  DA  C "C3'"  1 
ATOM   1020 O  "O3'"  . DA  C 3 5  ? 14.592  0.794   -17.452 1.00 103.17 ? 60  DA  C "O3'"  1 
ATOM   1021 C  "C2'"  . DA  C 3 5  ? 14.744  2.610   -15.812 1.00 96.48  ? 60  DA  C "C2'"  1 
ATOM   1022 C  "C1'"  . DA  C 3 5  ? 16.191  2.397   -15.358 1.00 87.86  ? 60  DA  C "C1'"  1 
ATOM   1023 N  N9     . DA  C 3 5  ? 16.669  3.353   -14.349 1.00 92.72  ? 60  DA  C N9     1 
ATOM   1024 C  C8     . DA  C 3 5  ? 16.304  4.666   -14.215 1.00 91.85  ? 60  DA  C C8     1 
ATOM   1025 N  N7     . DA  C 3 5  ? 16.904  5.284   -13.222 1.00 91.92  ? 60  DA  C N7     1 
ATOM   1026 C  C5     . DA  C 3 5  ? 17.726  4.316   -12.667 1.00 77.46  ? 60  DA  C C5     1 
ATOM   1027 C  C6     . DA  C 3 5  ? 18.630  4.336   -11.575 1.00 81.81  ? 60  DA  C C6     1 
ATOM   1028 N  N6     . DA  C 3 5  ? 18.862  5.424   -10.826 1.00 76.16  ? 60  DA  C N6     1 
ATOM   1029 N  N1     . DA  C 3 5  ? 19.290  3.199   -11.288 1.00 70.22  ? 60  DA  C N1     1 
ATOM   1030 C  C2     . DA  C 3 5  ? 19.062  2.115   -12.038 1.00 83.18  ? 60  DA  C C2     1 
ATOM   1031 N  N3     . DA  C 3 5  ? 18.243  1.972   -13.086 1.00 78.06  ? 60  DA  C N3     1 
ATOM   1032 C  C4     . DA  C 3 5  ? 17.598  3.119   -13.350 1.00 72.08  ? 60  DA  C C4     1 
ATOM   1033 H  "H5'"  . DA  C 3 5  ? 17.199  4.336   -18.181 1.00 114.20 ? 60  DA  C "H5'"  1 
ATOM   1034 H  "H5''" . DA  C 3 5  ? 16.082  3.981   -19.242 1.00 114.20 ? 60  DA  C "H5''" 1 
ATOM   1035 H  "H4'"  . DA  C 3 5  ? 16.507  1.973   -18.356 1.00 121.68 ? 60  DA  C "H4'"  1 
ATOM   1036 H  "H3'"  . DA  C 3 5  ? 14.109  2.689   -17.778 1.00 107.00 ? 60  DA  C "H3'"  1 
ATOM   1037 H  "H2'"  . DA  C 3 5  ? 14.492  3.543   -15.725 1.00 115.99 ? 60  DA  C "H2'"  1 
ATOM   1038 H  "H2''" . DA  C 3 5  ? 14.140  2.043   -15.308 1.00 115.99 ? 60  DA  C "H2''" 1 
ATOM   1039 H  "H1'"  . DA  C 3 5  ? 16.285  1.497   -15.009 1.00 105.64 ? 60  DA  C "H1'"  1 
ATOM   1040 H  H8     . DA  C 3 5  ? 15.686  5.081   -14.773 1.00 110.42 ? 60  DA  C H8     1 
ATOM   1041 H  H61    . DA  C 3 5  ? 19.424  5.387   -10.176 1.00 91.60  ? 60  DA  C H61    1 
ATOM   1042 H  H62    . DA  C 3 5  ? 18.450  6.160   -10.996 1.00 91.60  ? 60  DA  C H62    1 
ATOM   1043 H  H2     . DA  C 3 5  ? 19.543  1.355   -11.800 1.00 100.02 ? 60  DA  C H2     1 
ATOM   1044 P  P      . DG  C 3 6  ? 13.222  0.084   -17.004 1.00 114.58 ? 61  DG  C P      1 
ATOM   1045 O  OP1    . DG  C 3 6  ? 12.925  -0.977  -17.994 1.00 102.03 ? 61  DG  C OP1    1 
ATOM   1046 O  OP2    . DG  C 3 6  ? 12.240  1.162   -16.733 1.00 106.45 ? 61  DG  C OP2    1 
ATOM   1047 O  "O5'"  . DG  C 3 6  ? 13.597  -0.640  -15.625 1.00 103.44 ? 61  DG  C "O5'"  1 
ATOM   1048 C  "C5'"  . DG  C 3 6  ? 14.575  -1.681  -15.599 1.00 98.86  ? 61  DG  C "C5'"  1 
ATOM   1049 C  "C4'"  . DG  C 3 6  ? 15.067  -1.928  -14.181 1.00 105.59 ? 61  DG  C "C4'"  1 
ATOM   1050 O  "O4'"  . DG  C 3 6  ? 15.530  -0.681  -13.620 1.00 92.84  ? 61  DG  C "O4'"  1 
ATOM   1051 C  "C3'"  . DG  C 3 6  ? 14.013  -2.462  -13.208 1.00 118.76 ? 61  DG  C "C3'"  1 
ATOM   1052 O  "O3'"  . DG  C 3 6  ? 14.262  -3.831  -12.901 1.00 113.87 ? 61  DG  C "O3'"  1 
ATOM   1053 C  "C2'"  . DG  C 3 6  ? 14.132  -1.560  -11.970 1.00 99.50  ? 61  DG  C "C2'"  1 
ATOM   1054 C  "C1'"  . DG  C 3 6  ? 15.382  -0.730  -12.228 1.00 88.24  ? 61  DG  C "C1'"  1 
ATOM   1055 N  N9     . DG  C 3 6  ? 15.309  0.640   -11.708 1.00 76.23  ? 61  DG  C N9     1 
ATOM   1056 C  C8     . DG  C 3 6  ? 14.557  1.674   -12.208 1.00 80.85  ? 61  DG  C C8     1 
ATOM   1057 N  N7     . DG  C 3 6  ? 14.694  2.789   -11.536 1.00 82.97  ? 61  DG  C N7     1 
ATOM   1058 C  C5     . DG  C 3 6  ? 15.596  2.471   -10.530 1.00 61.82  ? 61  DG  C C5     1 
ATOM   1059 C  C6     . DG  C 3 6  ? 16.128  3.274   -9.496  1.00 72.90  ? 61  DG  C C6     1 
ATOM   1060 O  O6     . DG  C 3 6  ? 15.902  4.467   -9.256  1.00 79.67  ? 61  DG  C O6     1 
ATOM   1061 N  N1     . DG  C 3 6  ? 17.009  2.563   -8.691  1.00 66.52  ? 61  DG  C N1     1 
ATOM   1062 C  C2     . DG  C 3 6  ? 17.332  1.243   -8.862  1.00 74.51  ? 61  DG  C C2     1 
ATOM   1063 N  N2     . DG  C 3 6  ? 18.204  0.729   -7.987  1.00 72.45  ? 61  DG  C N2     1 
ATOM   1064 N  N3     . DG  C 3 6  ? 16.842  0.478   -9.828  1.00 68.69  ? 61  DG  C N3     1 
ATOM   1065 C  C4     . DG  C 3 6  ? 15.984  1.154   -10.622 1.00 66.73  ? 61  DG  C C4     1 
ATOM   1066 H  "H5'"  . DG  C 3 6  ? 15.327  -1.427  -16.157 1.00 118.83 ? 61  DG  C "H5'"  1 
ATOM   1067 H  "H5''" . DG  C 3 6  ? 14.182  -2.497  -15.946 1.00 118.83 ? 61  DG  C "H5''" 1 
ATOM   1068 H  "H4'"  . DG  C 3 6  ? 15.809  -2.552  -14.212 1.00 126.92 ? 61  DG  C "H4'"  1 
ATOM   1069 H  "H3'"  . DG  C 3 6  ? 13.129  -2.368  -13.598 1.00 142.71 ? 61  DG  C "H3'"  1 
ATOM   1070 H  "H2'"  . DG  C 3 6  ? 13.354  -0.986  -11.893 1.00 119.60 ? 61  DG  C "H2'"  1 
ATOM   1071 H  "H2''" . DG  C 3 6  ? 14.241  -2.097  -11.170 1.00 119.60 ? 61  DG  C "H2''" 1 
ATOM   1072 H  "H1'"  . DG  C 3 6  ? 16.150  -1.180  -11.841 1.00 106.09 ? 61  DG  C "H1'"  1 
ATOM   1073 H  H8     . DG  C 3 6  ? 14.004  1.590   -12.951 1.00 97.22  ? 61  DG  C H8     1 
ATOM   1074 H  H1     . DG  C 3 6  ? 17.377  2.981   -8.035  1.00 80.03  ? 61  DG  C H1     1 
ATOM   1075 H  H21    . DG  C 3 6  ? 18.430  -0.099  -8.041  1.00 87.15  ? 61  DG  C H21    1 
ATOM   1076 H  H22    . DG  C 3 6  ? 18.541  1.227   -7.372  1.00 87.15  ? 61  DG  C H22    1 
ATOM   1077 P  P      . DA  C 3 7  ? 13.324  -4.617  -11.863 1.00 97.39  ? 62  DA  C P      1 
ATOM   1078 O  OP1    . DA  C 3 7  ? 13.355  -6.058  -12.213 1.00 109.52 ? 62  DA  C OP1    1 
ATOM   1079 O  OP2    . DA  C 3 7  ? 12.038  -3.890  -11.788 1.00 93.24  ? 62  DA  C OP2    1 
ATOM   1080 O  "O5'"  . DA  C 3 7  ? 14.064  -4.409  -10.469 1.00 99.24  ? 62  DA  C "O5'"  1 
ATOM   1081 C  "C5'"  . DA  C 3 7  ? 15.457  -4.623  -10.369 1.00 96.53  ? 62  DA  C "C5'"  1 
ATOM   1082 C  "C4'"  . DA  C 3 7  ? 15.914  -4.441  -8.940  1.00 83.30  ? 62  DA  C "C4'"  1 
ATOM   1083 O  "O4'"  . DA  C 3 7  ? 16.021  -3.020  -8.653  1.00 92.31  ? 62  DA  C "O4'"  1 
ATOM   1084 C  "C3'"  . DA  C 3 7  ? 14.962  -5.024  -7.898  1.00 107.33 ? 62  DA  C "C3'"  1 
ATOM   1085 O  "O3'"  . DA  C 3 7  ? 15.678  -5.769  -6.920  1.00 105.58 ? 62  DA  C "O3'"  1 
ATOM   1086 C  "C2'"  . DA  C 3 7  ? 14.261  -3.800  -7.312  1.00 99.18  ? 62  DA  C "C2'"  1 
ATOM   1087 C  "C1'"  . DA  C 3 7  ? 15.291  -2.697  -7.490  1.00 93.57  ? 62  DA  C "C1'"  1 
ATOM   1088 N  N9     . DA  C 3 7  ? 14.719  -1.365  -7.664  1.00 79.68  ? 62  DA  C N9     1 
ATOM   1089 C  C8     . DA  C 3 7  ? 13.875  -0.951  -8.655  1.00 77.92  ? 62  DA  C C8     1 
ATOM   1090 N  N7     . DA  C 3 7  ? 13.529  0.312   -8.564  1.00 75.76  ? 62  DA  C N7     1 
ATOM   1091 C  C5     . DA  C 3 7  ? 14.198  0.759   -7.437  1.00 61.31  ? 62  DA  C C5     1 
ATOM   1092 C  C6     . DA  C 3 7  ? 14.256  2.015   -6.802  1.00 74.74  ? 62  DA  C C6     1 
ATOM   1093 N  N6     . DA  C 3 7  ? 13.596  3.092   -7.238  1.00 70.34  ? 62  DA  C N6     1 
ATOM   1094 N  N1     . DA  C 3 7  ? 15.023  2.121   -5.699  1.00 70.54  ? 62  DA  C N1     1 
ATOM   1095 C  C2     . DA  C 3 7  ? 15.685  1.043   -5.268  1.00 76.28  ? 62  DA  C C2     1 
ATOM   1096 N  N3     . DA  C 3 7  ? 15.710  -0.185  -5.782  1.00 76.58  ? 62  DA  C N3     1 
ATOM   1097 C  C4     . DA  C 3 7  ? 14.940  -0.261  -6.874  1.00 64.24  ? 62  DA  C C4     1 
ATOM   1098 H  "H5'"  . DA  C 3 7  ? 15.920  -3.988  -10.937 1.00 116.04 ? 62  DA  C "H5'"  1 
ATOM   1099 H  "H5''" . DA  C 3 7  ? 15.665  -5.525  -10.660 1.00 116.04 ? 62  DA  C "H5''" 1 
ATOM   1100 H  "H4'"  . DA  C 3 7  ? 16.786  -4.850  -8.834  1.00 100.17 ? 62  DA  C "H4'"  1 
ATOM   1101 H  "H3'"  . DA  C 3 7  ? 14.310  -5.596  -8.334  1.00 129.01 ? 62  DA  C "H3'"  1 
ATOM   1102 H  "H2'"  . DA  C 3 7  ? 13.453  -3.596  -7.807  1.00 119.22 ? 62  DA  C "H2'"  1 
ATOM   1103 H  "H2''" . DA  C 3 7  ? 14.065  -3.935  -6.372  1.00 119.22 ? 62  DA  C "H2''" 1 
ATOM   1104 H  "H1'"  . DA  C 3 7  ? 15.891  -2.692  -6.728  1.00 112.49 ? 62  DA  C "H1'"  1 
ATOM   1105 H  H8     . DA  C 3 7  ? 13.568  -1.515  -9.328  1.00 93.71  ? 62  DA  C H8     1 
ATOM   1106 H  H61    . DA  C 3 7  ? 13.667  3.838   -6.817  1.00 84.61  ? 62  DA  C H61    1 
ATOM   1107 H  H62    . DA  C 3 7  ? 13.102  3.039   -7.939  1.00 84.61  ? 62  DA  C H62    1 
ATOM   1108 H  H2     . DA  C 3 7  ? 16.198  1.168   -4.503  1.00 91.74  ? 62  DA  C H2     1 
ATOM   1109 P  P      . DT  C 3 8  ? 14.879  -6.566  -5.777  1.00 99.17  ? 63  DT  C P      1 
ATOM   1110 O  OP1    . DT  C 3 8  ? 15.690  -7.748  -5.409  1.00 97.37  ? 63  DT  C OP1    1 
ATOM   1111 O  OP2    . DT  C 3 8  ? 13.485  -6.741  -6.242  1.00 98.96  ? 63  DT  C OP2    1 
ATOM   1112 O  "O5'"  . DT  C 3 8  ? 14.889  -5.549  -4.546  1.00 95.39  ? 63  DT  C "O5'"  1 
ATOM   1113 C  "C5'"  . DT  C 3 8  ? 16.062  -4.805  -4.269  1.00 92.17  ? 63  DT  C "C5'"  1 
ATOM   1114 C  "C4'"  . DT  C 3 8  ? 15.926  -4.015  -2.981  1.00 86.52  ? 63  DT  C "C4'"  1 
ATOM   1115 O  "O4'"  . DT  C 3 8  ? 15.459  -2.667  -3.275  1.00 97.42  ? 63  DT  C "O4'"  1 
ATOM   1116 C  "C3'"  . DT  C 3 8  ? 14.928  -4.579  -1.974  1.00 97.03  ? 63  DT  C "C3'"  1 
ATOM   1117 O  "O3'"  . DT  C 3 8  ? 15.428  -4.400  -0.659  1.00 91.54  ? 63  DT  C "O3'"  1 
ATOM   1118 C  "C2'"  . DT  C 3 8  ? 13.676  -3.752  -2.240  1.00 86.53  ? 63  DT  C "C2'"  1 
ATOM   1119 C  "C1'"  . DT  C 3 8  ? 14.289  -2.394  -2.523  1.00 95.49  ? 63  DT  C "C1'"  1 
ATOM   1120 N  N1     . DT  C 3 8  ? 13.439  -1.444  -3.308  1.00 80.83  ? 63  DT  C N1     1 
ATOM   1121 C  C2     . DT  C 3 8  ? 13.355  -0.136  -2.894  1.00 77.82  ? 63  DT  C C2     1 
ATOM   1122 O  O2     . DT  C 3 8  ? 13.910  0.284   -1.897  1.00 88.10  ? 63  DT  C O2     1 
ATOM   1123 N  N3     . DT  C 3 8  ? 12.583  0.667   -3.682  1.00 73.29  ? 63  DT  C N3     1 
ATOM   1124 C  C4     . DT  C 3 8  ? 11.908  0.308   -4.828  1.00 81.91  ? 63  DT  C C4     1 
ATOM   1125 O  O4     . DT  C 3 8  ? 11.236  1.110   -5.472  1.00 78.63  ? 63  DT  C O4     1 
ATOM   1126 C  C5     . DT  C 3 8  ? 12.046  -1.074  -5.219  1.00 74.10  ? 63  DT  C C5     1 
ATOM   1127 C  C7     . DT  C 3 8  ? 11.356  -1.577  -6.450  1.00 77.07  ? 63  DT  C C7     1 
ATOM   1128 C  C6     . DT  C 3 8  ? 12.804  -1.875  -4.452  1.00 76.33  ? 63  DT  C C6     1 
ATOM   1129 H  "H5'"  . DT  C 3 8  ? 16.228  -4.191  -5.001  1.00 110.80 ? 63  DT  C "H5'"  1 
ATOM   1130 H  "H5''" . DT  C 3 8  ? 16.812  -5.414  -4.190  1.00 110.80 ? 63  DT  C "H5''" 1 
ATOM   1131 H  "H4'"  . DT  C 3 8  ? 16.796  -3.958  -2.558  1.00 104.03 ? 63  DT  C "H4'"  1 
ATOM   1132 H  "H3'"  . DT  C 3 8  ? 14.761  -5.518  -2.152  1.00 116.64 ? 63  DT  C "H3'"  1 
ATOM   1133 H  "H2'"  . DT  C 3 8  ? 13.195  -4.086  -3.014  1.00 104.04 ? 63  DT  C "H2'"  1 
ATOM   1134 H  "H2''" . DT  C 3 8  ? 13.106  -3.720  -1.456  1.00 104.04 ? 63  DT  C "H2''" 1 
ATOM   1135 H  "H1'"  . DT  C 3 8  ? 14.541  -1.977  -1.685  1.00 114.79 ? 63  DT  C "H1'"  1 
ATOM   1136 H  H3     . DT  C 3 8  ? 12.510  1.489   -3.437  1.00 88.16  ? 63  DT  C H3     1 
ATOM   1137 H  H71    . DT  C 3 8  ? 12.009  -1.987  -7.040  1.00 92.69  ? 63  DT  C H71    1 
ATOM   1138 H  H72    . DT  C 3 8  ? 10.688  -2.234  -6.201  1.00 92.69  ? 63  DT  C H72    1 
ATOM   1139 H  H73    . DT  C 3 8  ? 10.928  -0.836  -6.906  1.00 92.69  ? 63  DT  C H73    1 
ATOM   1140 H  H6     . DT  C 3 8  ? 12.896  -2.767  -4.701  1.00 91.81  ? 63  DT  C H6     1 
ATOM   1141 P  P      . DG  C 3 9  ? 14.993  -5.386  0.527   1.00 94.12  ? 64  DG  C P      1 
ATOM   1142 O  OP1    . DG  C 3 9  ? 16.237  -5.761  1.238   1.00 90.44  ? 64  DG  C OP1    1 
ATOM   1143 O  OP2    . DG  C 3 9  ? 14.093  -6.425  -0.025  1.00 111.19 ? 64  DG  C OP2    1 
ATOM   1144 O  "O5'"  . DG  C 3 9  ? 14.125  -4.453  1.485   1.00 86.45  ? 64  DG  C "O5'"  1 
ATOM   1145 C  "C5'"  . DG  C 3 9  ? 14.682  -3.252  1.980   1.00 74.67  ? 64  DG  C "C5'"  1 
ATOM   1146 C  "C4'"  . DG  C 3 9  ? 13.593  -2.287  2.393   1.00 77.55  ? 64  DG  C "C4'"  1 
ATOM   1147 O  "O4'"  . DG  C 3 9  ? 13.051  -1.621  1.211   1.00 89.41  ? 64  DG  C "O4'"  1 
ATOM   1148 C  "C3'"  . DG  C 3 9  ? 12.386  -2.938  3.085   1.00 80.51  ? 64  DG  C "C3'"  1 
ATOM   1149 O  "O3'"  . DG  C 3 9  ? 11.963  -2.165  4.174   1.00 94.65  ? 64  DG  C "O3'"  1 
ATOM   1150 C  "C2'"  . DG  C 3 9  ? 11.342  -2.950  1.993   1.00 97.58  ? 64  DG  C "C2'"  1 
ATOM   1151 C  "C1'"  . DG  C 3 9  ? 11.650  -1.635  1.318   1.00 86.66  ? 64  DG  C "C1'"  1 
ATOM   1152 N  N9     . DG  C 3 9  ? 11.029  -1.470  0.012   1.00 82.94  ? 64  DG  C N9     1 
ATOM   1153 C  C8     . DG  C 3 9  ? 10.743  -2.448  -0.907  1.00 84.40  ? 64  DG  C C8     1 
ATOM   1154 N  N7     . DG  C 3 9  ? 10.156  -1.995  -1.978  1.00 84.46  ? 64  DG  C N7     1 
ATOM   1155 C  C5     . DG  C 3 9  ? 10.033  -0.632  -1.744  1.00 69.37  ? 64  DG  C C5     1 
ATOM   1156 C  C6     . DG  C 3 9  ? 9.475   0.383   -2.552  1.00 73.94  ? 64  DG  C C6     1 
ATOM   1157 O  O6     . DG  C 3 9  ? 8.962   0.277   -3.675  1.00 75.63  ? 64  DG  C O6     1 
ATOM   1158 N  N1     . DG  C 3 9  ? 9.554   1.631   -1.938  1.00 77.08  ? 64  DG  C N1     1 
ATOM   1159 C  C2     . DG  C 3 9  ? 10.106  1.862   -0.700  1.00 82.97  ? 64  DG  C C2     1 
ATOM   1160 N  N2     . DG  C 3 9  ? 10.093  3.131   -0.269  1.00 74.78  ? 64  DG  C N2     1 
ATOM   1161 N  N3     . DG  C 3 9  ? 10.628  0.918   0.065   1.00 77.82  ? 64  DG  C N3     1 
ATOM   1162 C  C4     . DG  C 3 9  ? 10.558  -0.299  -0.521  1.00 75.37  ? 64  DG  C C4     1 
ATOM   1163 H  "H5'"  . DG  C 3 9  ? 15.225  -2.843  1.289   1.00 89.81  ? 64  DG  C "H5'"  1 
ATOM   1164 H  "H5''" . DG  C 3 9  ? 15.239  -3.452  2.749   1.00 89.81  ? 64  DG  C "H5''" 1 
ATOM   1165 H  "H4'"  . DG  C 3 9  ? 13.972  -1.619  2.985   1.00 93.26  ? 64  DG  C "H4'"  1 
ATOM   1166 H  "H3'"  . DG  C 3 9  ? 12.598  -3.842  3.365   1.00 96.82  ? 64  DG  C "H3'"  1 
ATOM   1167 H  "HO3'" . DG  C 3 9  ? 12.360  -1.449  4.359   1.00 113.79 ? 64  DG  C "HO3'" 1 
ATOM   1168 H  "H2'"  . DG  C 3 9  ? 11.476  -3.695  1.386   1.00 117.31 ? 64  DG  C "H2'"  1 
ATOM   1169 H  "H2''" . DG  C 3 9  ? 10.446  -2.952  2.365   1.00 117.31 ? 64  DG  C "H2''" 1 
ATOM   1170 H  "H1'"  . DG  C 3 9  ? 11.369  -0.909  1.897   1.00 104.19 ? 64  DG  C "H1'"  1 
ATOM   1171 H  H8     . DG  C 3 9  ? 10.956  -3.345  -0.782  1.00 101.49 ? 64  DG  C H8     1 
ATOM   1172 H  H1     . DG  C 3 9  ? 9.237   2.306   -2.365  1.00 92.70  ? 64  DG  C H1     1 
ATOM   1173 H  H21    . DG  C 3 9  ? 10.442  3.330   0.492   1.00 89.94  ? 64  DG  C H21    1 
ATOM   1174 H  H22    . DG  C 3 9  ? 9.738   3.746   -0.753  1.00 89.94  ? 64  DG  C H22    1 
ATOM   1175 P  P      . DG  D 4 1  ? -21.625 -4.894  1.647   1.00 85.72  ? 72  DG  D P      1 
ATOM   1176 O  OP1    . DG  D 4 1  ? -21.804 -3.430  1.725   1.00 89.50  ? 72  DG  D OP1    1 
ATOM   1177 O  OP2    . DG  D 4 1  ? -22.585 -5.684  0.848   1.00 70.62  ? 72  DG  D OP2    1 
ATOM   1178 O  "O5'"  . DG  D 4 1  ? -20.182 -5.146  1.020   1.00 78.42  ? 72  DG  D "O5'"  1 
ATOM   1179 C  "C5'"  . DG  D 4 1  ? -19.883 -6.386  0.395   1.00 90.24  ? 72  DG  D "C5'"  1 
ATOM   1180 C  "C4'"  . DG  D 4 1  ? -18.645 -7.012  1.007   1.00 84.72  ? 72  DG  D "C4'"  1 
ATOM   1181 O  "O4'"  . DG  D 4 1  ? -17.582 -6.031  1.033   1.00 81.06  ? 72  DG  D "O4'"  1 
ATOM   1182 C  "C3'"  . DG  D 4 1  ? -18.819 -7.476  2.443   1.00 84.43  ? 72  DG  D "C3'"  1 
ATOM   1183 O  "O3'"  . DG  D 4 1  ? -19.169 -8.841  2.476   1.00 80.81  ? 72  DG  D "O3'"  1 
ATOM   1184 C  "C2'"  . DG  D 4 1  ? -17.463 -7.221  3.083   1.00 87.13  ? 72  DG  D "C2'"  1 
ATOM   1185 C  "C1'"  . DG  D 4 1  ? -16.874 -6.090  2.255   1.00 75.98  ? 72  DG  D "C1'"  1 
ATOM   1186 N  N9     . DG  D 4 1  ? -16.952 -4.783  2.890   1.00 66.31  ? 72  DG  D N9     1 
ATOM   1187 C  C8     . DG  D 4 1  ? -17.702 -3.709  2.481   1.00 81.17  ? 72  DG  D C8     1 
ATOM   1188 N  N7     . DG  D 4 1  ? -17.552 -2.654  3.235   1.00 80.99  ? 72  DG  D N7     1 
ATOM   1189 C  C5     . DG  D 4 1  ? -16.642 -3.057  4.202   1.00 57.28  ? 72  DG  D C5     1 
ATOM   1190 C  C6     . DG  D 4 1  ? -16.098 -2.342  5.291   1.00 68.38  ? 72  DG  D C6     1 
ATOM   1191 O  O6     . DG  D 4 1  ? -16.318 -1.172  5.627   1.00 77.66  ? 72  DG  D O6     1 
ATOM   1192 N  N1     . DG  D 4 1  ? -15.211 -3.121  6.027   1.00 69.58  ? 72  DG  D N1     1 
ATOM   1193 C  C2     . DG  D 4 1  ? -14.892 -4.428  5.743   1.00 76.01  ? 72  DG  D C2     1 
ATOM   1194 N  N2     . DG  D 4 1  ? -14.015 -5.020  6.567   1.00 73.82  ? 72  DG  D N2     1 
ATOM   1195 N  N3     . DG  D 4 1  ? -15.398 -5.110  4.724   1.00 74.04  ? 72  DG  D N3     1 
ATOM   1196 C  C4     . DG  D 4 1  ? -16.262 -4.363  4.001   1.00 66.47  ? 72  DG  D C4     1 
ATOM   1197 H  "H5'"  . DG  D 4 1  ? -19.732 -6.237  -0.551  1.00 108.49 ? 72  DG  D "H5'"  1 
ATOM   1198 H  "H5''" . DG  D 4 1  ? -20.635 -6.988  0.507   1.00 108.49 ? 72  DG  D "H5''" 1 
ATOM   1199 H  "H4'"  . DG  D 4 1  ? -18.369 -7.764  0.463   1.00 101.87 ? 72  DG  D "H4'"  1 
ATOM   1200 H  "H3'"  . DG  D 4 1  ? -19.501 -6.946  2.883   1.00 101.52 ? 72  DG  D "H3'"  1 
ATOM   1201 H  "H2'"  . DG  D 4 1  ? -17.570 -6.946  4.007   1.00 104.76 ? 72  DG  D "H2'"  1 
ATOM   1202 H  "H2''" . DG  D 4 1  ? -16.905 -8.012  3.024   1.00 104.76 ? 72  DG  D "H2''" 1 
ATOM   1203 H  "H1'"  . DG  D 4 1  ? -15.943 -6.292  2.068   1.00 91.38  ? 72  DG  D "H1'"  1 
ATOM   1204 H  H8     . DG  D 4 1  ? -18.263 -3.732  1.739   1.00 97.61  ? 72  DG  D H8     1 
ATOM   1205 H  H1     . DG  D 4 1  ? -14.832 -2.758  6.708   1.00 83.70  ? 72  DG  D H1     1 
ATOM   1206 H  H21    . DG  D 4 1  ? -13.769 -5.831  6.422   1.00 88.79  ? 72  DG  D H21    1 
ATOM   1207 H  H22    . DG  D 4 1  ? -13.698 -4.587  7.239   1.00 88.79  ? 72  DG  D H22    1 
ATOM   1208 P  P      . DT  D 4 2  ? -19.913 -9.438  3.763   1.00 86.99  ? 73  DT  D P      1 
ATOM   1209 O  OP1    . DT  D 4 2  ? -20.258 -10.842 3.451   1.00 76.97  ? 73  DT  D OP1    1 
ATOM   1210 O  OP2    . DT  D 4 2  ? -20.960 -8.471  4.169   1.00 86.07  ? 73  DT  D OP2    1 
ATOM   1211 O  "O5'"  . DT  D 4 2  ? -18.784 -9.431  4.885   1.00 97.59  ? 73  DT  D "O5'"  1 
ATOM   1212 C  "C5'"  . DT  D 4 2  ? -17.629 -10.220 4.707   1.00 83.96  ? 73  DT  D "C5'"  1 
ATOM   1213 C  "C4'"  . DT  D 4 2  ? -16.788 -10.240 5.964   1.00 94.59  ? 73  DT  D "C4'"  1 
ATOM   1214 O  "O4'"  . DT  D 4 2  ? -16.405 -8.883  6.318   1.00 86.82  ? 73  DT  D "O4'"  1 
ATOM   1215 C  "C3'"  . DT  D 4 2  ? -17.485 -10.809 7.191   1.00 97.99  ? 73  DT  D "C3'"  1 
ATOM   1216 O  "O3'"  . DT  D 4 2  ? -16.561 -11.552 7.963   1.00 111.90 ? 73  DT  D "O3'"  1 
ATOM   1217 C  "C2'"  . DT  D 4 2  ? -17.999 -9.566  7.912   1.00 81.43  ? 73  DT  D "C2'"  1 
ATOM   1218 C  "C1'"  . DT  D 4 2  ? -16.927 -8.536  7.591   1.00 97.55  ? 73  DT  D "C1'"  1 
ATOM   1219 N  N1     . DT  D 4 2  ? -17.408 -7.122  7.517   1.00 70.78  ? 73  DT  D N1     1 
ATOM   1220 C  C2     . DT  D 4 2  ? -16.803 -6.167  8.301   1.00 84.77  ? 73  DT  D C2     1 
ATOM   1221 O  O2     . DT  D 4 2  ? -15.909 -6.417  9.088   1.00 88.10  ? 73  DT  D O2     1 
ATOM   1222 N  N3     . DT  D 4 2  ? -17.290 -4.899  8.140   1.00 71.05  ? 73  DT  D N3     1 
ATOM   1223 C  C4     . DT  D 4 2  ? -18.294 -4.495  7.282   1.00 71.43  ? 73  DT  D C4     1 
ATOM   1224 O  O4     . DT  D 4 2  ? -18.663 -3.329  7.206   1.00 74.71  ? 73  DT  D O4     1 
ATOM   1225 C  C5     . DT  D 4 2  ? -18.878 -5.540  6.480   1.00 66.48  ? 73  DT  D C5     1 
ATOM   1226 C  C7     . DT  D 4 2  ? -19.976 -5.216  5.516   1.00 92.69  ? 73  DT  D C7     1 
ATOM   1227 C  C6     . DT  D 4 2  ? -18.408 -6.790  6.628   1.00 74.64  ? 73  DT  D C6     1 
ATOM   1228 H  "H5'"  . DT  D 4 2  ? -17.104 -9.854  3.978   1.00 100.95 ? 73  DT  D "H5'"  1 
ATOM   1229 H  "H5''" . DT  D 4 2  ? -17.893 -11.126 4.486   1.00 100.95 ? 73  DT  D "H5''" 1 
ATOM   1230 H  "H4'"  . DT  D 4 2  ? -15.986 -10.757 5.793   1.00 113.71 ? 73  DT  D "H4'"  1 
ATOM   1231 H  "H3'"  . DT  D 4 2  ? -18.228 -11.372 6.922   1.00 117.79 ? 73  DT  D "H3'"  1 
ATOM   1232 H  "H2'"  . DT  D 4 2  ? -18.858 -9.291  7.555   1.00 97.92  ? 73  DT  D "H2'"  1 
ATOM   1233 H  "H2''" . DT  D 4 2  ? -18.053 -9.720  8.868   1.00 97.92  ? 73  DT  D "H2''" 1 
ATOM   1234 H  "H1'"  . DT  D 4 2  ? -16.219 -8.597  8.252   1.00 117.26 ? 73  DT  D "H1'"  1 
ATOM   1235 H  H3     . DT  D 4 2  ? -16.931 -4.285  8.623   1.00 85.47  ? 73  DT  D H3     1 
ATOM   1236 H  H71    . DT  D 4 2  ? -20.198 -4.274  5.583   1.00 111.44 ? 73  DT  D H71    1 
ATOM   1237 H  H72    . DT  D 4 2  ? -19.683 -5.416  4.613   1.00 111.44 ? 73  DT  D H72    1 
ATOM   1238 H  H73    . DT  D 4 2  ? -20.759 -5.749  5.727   1.00 111.44 ? 73  DT  D H73    1 
ATOM   1239 H  H6     . DT  D 4 2  ? -18.783 -7.467  6.112   1.00 89.77  ? 73  DT  D H6     1 
ATOM   1240 P  P      . DC  D 4 3  ? -17.065 -12.522 9.134   1.00 99.47  ? 74  DC  D P      1 
ATOM   1241 O  OP1    . DC  D 4 3  ? -16.059 -13.597 9.272   1.00 100.21 ? 74  DC  D OP1    1 
ATOM   1242 O  OP2    . DC  D 4 3  ? -18.479 -12.874 8.867   1.00 106.92 ? 74  DC  D OP2    1 
ATOM   1243 O  "O5'"  . DC  D 4 3  ? -17.006 -11.587 10.424  1.00 94.14  ? 74  DC  D "O5'"  1 
ATOM   1244 C  "C5'"  . DC  D 4 3  ? -15.913 -10.707 10.591  1.00 97.98  ? 74  DC  D "C5'"  1 
ATOM   1245 C  "C4'"  . DC  D 4 3  ? -15.917 -10.091 11.973  1.00 104.13 ? 74  DC  D "C4'"  1 
ATOM   1246 O  "O4'"  . DC  D 4 3  ? -16.348 -8.700  11.881  1.00 94.92  ? 74  DC  D "O4'"  1 
ATOM   1247 C  "C3'"  . DC  D 4 3  ? -16.871 -10.745 12.966  1.00 116.36 ? 74  DC  D "C3'"  1 
ATOM   1248 O  "O3'"  . DC  D 4 3  ? -16.365 -10.635 14.284  1.00 121.59 ? 74  DC  D "O3'"  1 
ATOM   1249 C  "C2'"  . DC  D 4 3  ? -18.138 -9.933  12.766  1.00 102.12 ? 74  DC  D "C2'"  1 
ATOM   1250 C  "C1'"  . DC  D 4 3  ? -17.559 -8.529  12.601  1.00 105.53 ? 74  DC  D "C1'"  1 
ATOM   1251 N  N1     . DC  D 4 3  ? -18.436 -7.551  11.863  1.00 76.98  ? 74  DC  D N1     1 
ATOM   1252 C  C2     . DC  D 4 3  ? -18.282 -6.178  12.104  1.00 81.83  ? 74  DC  D C2     1 
ATOM   1253 O  O2     . DC  D 4 3  ? -17.432 -5.799  12.917  1.00 82.70  ? 74  DC  D O2     1 
ATOM   1254 N  N3     . DC  D 4 3  ? -19.069 -5.302  11.439  1.00 71.36  ? 74  DC  D N3     1 
ATOM   1255 C  C4     . DC  D 4 3  ? -19.973 -5.742  10.570  1.00 76.99  ? 74  DC  D C4     1 
ATOM   1256 N  N4     . DC  D 4 3  ? -20.726 -4.837  9.937   1.00 83.83  ? 74  DC  D N4     1 
ATOM   1257 C  C5     . DC  D 4 3  ? -20.149 -7.135  10.305  1.00 79.51  ? 74  DC  D C5     1 
ATOM   1258 C  C6     . DC  D 4 3  ? -19.366 -7.991  10.968  1.00 77.34  ? 74  DC  D C6     1 
ATOM   1259 H  "H5'"  . DC  D 4 3  ? -15.967 -10.002 9.928   1.00 117.78 ? 74  DC  D "H5'"  1 
ATOM   1260 H  "H5''" . DC  D 4 3  ? -15.085 -11.198 10.465  1.00 117.78 ? 74  DC  D "H5''" 1 
ATOM   1261 H  "H4'"  . DC  D 4 3  ? -15.017 -10.119 12.333  1.00 125.16 ? 74  DC  D "H4'"  1 
ATOM   1262 H  "H3'"  . DC  D 4 3  ? -17.021 -11.676 12.732  1.00 139.84 ? 74  DC  D "H3'"  1 
ATOM   1263 H  "H2'"  . DC  D 4 3  ? -18.608 -10.212 11.965  1.00 122.75 ? 74  DC  D "H2'"  1 
ATOM   1264 H  "H2''" . DC  D 4 3  ? -18.711 -9.984  13.547  1.00 122.75 ? 74  DC  D "H2''" 1 
ATOM   1265 H  "H1'"  . DC  D 4 3  ? -17.354 -8.169  13.478  1.00 126.84 ? 74  DC  D "H1'"  1 
ATOM   1266 H  H41    . DC  D 4 3  ? -21.319 -5.094  9.369   1.00 100.80 ? 74  DC  D H41    1 
ATOM   1267 H  H42    . DC  D 4 3  ? -20.619 -4.000  10.098  1.00 100.80 ? 74  DC  D H42    1 
ATOM   1268 H  H5     . DC  D 4 3  ? -20.786 -7.435  9.697   1.00 95.61  ? 74  DC  D H5     1 
ATOM   1269 H  H6     . DC  D 4 3  ? -19.458 -8.904  10.818  1.00 93.01  ? 74  DC  D H6     1 
ATOM   1270 P  P      . DA  D 4 4  ? -16.507 -11.838 15.339  1.00 114.34 ? 75  DA  D P      1 
ATOM   1271 O  OP1    . DA  D 4 4  ? -15.521 -12.882 14.978  1.00 119.78 ? 75  DA  D OP1    1 
ATOM   1272 O  OP2    . DA  D 4 4  ? -17.937 -12.204 15.433  1.00 98.06  ? 75  DA  D OP2    1 
ATOM   1273 O  "O5'"  . DA  D 4 4  ? -16.061 -11.158 16.715  1.00 124.76 ? 75  DA  D "O5'"  1 
ATOM   1274 C  "C5'"  . DA  D 4 4  ? -14.968 -10.234 16.727  1.00 119.63 ? 75  DA  D "C5'"  1 
ATOM   1275 C  "C4'"  . DA  D 4 4  ? -15.266 -9.039  17.610  1.00 129.46 ? 75  DA  D "C4'"  1 
ATOM   1276 O  "O4'"  . DA  D 4 4  ? -16.171 -8.133  16.916  1.00 116.30 ? 75  DA  D "O4'"  1 
ATOM   1277 C  "C3'"  . DA  D 4 4  ? -15.935 -9.368  18.939  1.00 134.63 ? 75  DA  D "C3'"  1 
ATOM   1278 O  "O3'"  . DA  D 4 4  ? -15.400 -8.547  19.969  1.00 148.55 ? 75  DA  D "O3'"  1 
ATOM   1279 C  "C2'"  . DA  D 4 4  ? -17.412 -9.096  18.665  1.00 125.12 ? 75  DA  D "C2'"  1 
ATOM   1280 C  "C1'"  . DA  D 4 4  ? -17.355 -7.944  17.674  1.00 120.37 ? 75  DA  D "C1'"  1 
ATOM   1281 N  N9     . DA  D 4 4  ? -18.488 -7.875  16.747  1.00 113.24 ? 75  DA  D N9     1 
ATOM   1282 C  C8     . DA  D 4 4  ? -19.118 -8.919  16.122  1.00 106.15 ? 75  DA  D C8     1 
ATOM   1283 N  N7     . DA  D 4 4  ? -20.096 -8.549  15.327  1.00 97.28  ? 75  DA  D N7     1 
ATOM   1284 C  C5     . DA  D 4 4  ? -20.102 -7.167  15.428  1.00 89.18  ? 75  DA  D C5     1 
ATOM   1285 C  C6     . DA  D 4 4  ? -20.900 -6.174  14.826  1.00 92.12  ? 75  DA  D C6     1 
ATOM   1286 N  N6     . DA  D 4 4  ? -21.890 -6.446  13.968  1.00 88.97  ? 75  DA  D N6     1 
ATOM   1287 N  N1     . DA  D 4 4  ? -20.644 -4.887  15.144  1.00 87.18  ? 75  DA  D N1     1 
ATOM   1288 C  C2     . DA  D 4 4  ? -19.653 -4.620  16.005  1.00 91.25  ? 75  DA  D C2     1 
ATOM   1289 N  N3     . DA  D 4 4  ? -18.834 -5.465  16.629  1.00 90.67  ? 75  DA  D N3     1 
ATOM   1290 C  C4     . DA  D 4 4  ? -19.115 -6.735  16.295  1.00 100.76 ? 75  DA  D C4     1 
ATOM   1291 H  "H5'"  . DA  D 4 4  ? -14.802 -9.927  15.822  1.00 143.76 ? 75  DA  D "H5'"  1 
ATOM   1292 H  "H5''" . DA  D 4 4  ? -14.176 -10.685 17.058  1.00 143.76 ? 75  DA  D "H5''" 1 
ATOM   1293 H  "H4'"  . DA  D 4 4  ? -14.435 -8.571  17.788  1.00 155.56 ? 75  DA  D "H4'"  1 
ATOM   1294 H  "H3'"  . DA  D 4 4  ? -15.802 -10.305 19.155  1.00 161.76 ? 75  DA  D "H3'"  1 
ATOM   1295 H  "H2'"  . DA  D 4 4  ? -17.837 -9.872  18.268  1.00 150.35 ? 75  DA  D "H2'"  1 
ATOM   1296 H  "H2''" . DA  D 4 4  ? -17.869 -8.828  19.479  1.00 150.35 ? 75  DA  D "H2''" 1 
ATOM   1297 H  "H1'"  . DA  D 4 4  ? -17.292 -7.108  18.162  1.00 144.65 ? 75  DA  D "H1'"  1 
ATOM   1298 H  H8     . DA  D 4 4  ? -18.881 -9.808  16.256  1.00 127.59 ? 75  DA  D H8     1 
ATOM   1299 H  H61    . DA  D 4 4  ? -22.350 -5.805  13.625  1.00 106.97 ? 75  DA  D H61    1 
ATOM   1300 H  H62    . DA  D 4 4  ? -22.067 -7.261  13.760  1.00 106.97 ? 75  DA  D H62    1 
ATOM   1301 H  H2     . DA  D 4 4  ? -19.514 -3.719  16.188  1.00 109.70 ? 75  DA  D H2     1 
ATOM   1302 P  P      . DG  D 4 5  ? -15.926 -8.693  21.395  1.00 137.64 ? 76  DG  D P      1 
ATOM   1303 O  OP1    . DG  D 4 5  ? -14.780 -8.571  22.291  1.00 148.99 ? 76  DG  D OP1    1 
ATOM   1304 O  OP2    . DG  D 4 5  ? -16.770 -9.878  21.445  1.00 144.91 ? 76  DG  D OP2    1 
ATOM   1305 O  "O5'"  . DG  D 4 5  ? -16.854 -7.427  21.552  1.00 133.54 ? 76  DG  D "O5'"  1 
ATOM   1306 C  "C5'"  . DG  D 4 5  ? -16.383 -6.163  21.135  1.00 132.97 ? 76  DG  D "C5'"  1 
ATOM   1307 C  "C4'"  . DG  D 4 5  ? -17.552 -5.216  21.113  1.00 128.31 ? 76  DG  D "C4'"  1 
ATOM   1308 O  "O4'"  . DG  D 4 5  ? -18.467 -5.620  20.079  1.00 120.23 ? 76  DG  D "O4'"  1 
ATOM   1309 C  "C3'"  . DG  D 4 5  ? -18.389 -5.215  22.382  1.00 119.73 ? 76  DG  D "C3'"  1 
ATOM   1310 O  "O3'"  . DG  D 4 5  ? -18.904 -3.900  22.512  1.00 130.01 ? 76  DG  D "O3'"  1 
ATOM   1311 C  "C2'"  . DG  D 4 5  ? -19.537 -6.128  22.027  1.00 128.86 ? 76  DG  D "C2'"  1 
ATOM   1312 C  "C1'"  . DG  D 4 5  ? -19.760 -5.641  20.633  1.00 119.15 ? 76  DG  D "C1'"  1 
ATOM   1313 N  N9     . DG  D 4 5  ? -20.596 -6.470  19.784  1.00 111.55 ? 76  DG  D N9     1 
ATOM   1314 C  C8     . DG  D 4 5  ? -20.609 -7.836  19.722  1.00 104.69 ? 76  DG  D C8     1 
ATOM   1315 N  N7     . DG  D 4 5  ? -21.446 -8.298  18.837  1.00 89.91  ? 76  DG  D N7     1 
ATOM   1316 C  C5     . DG  D 4 5  ? -22.011 -7.168  18.279  1.00 89.50  ? 76  DG  D C5     1 
ATOM   1317 C  C6     . DG  D 4 5  ? -22.979 -7.042  17.275  1.00 88.85  ? 76  DG  D C6     1 
ATOM   1318 O  O6     . DG  D 4 5  ? -23.556 -7.933  16.657  1.00 93.39  ? 76  DG  D O6     1 
ATOM   1319 N  N1     . DG  D 4 5  ? -23.270 -5.714  17.008  1.00 78.33  ? 76  DG  D N1     1 
ATOM   1320 C  C2     . DG  D 4 5  ? -22.706 -4.644  17.643  1.00 85.83  ? 76  DG  D C2     1 
ATOM   1321 N  N2     . DG  D 4 5  ? -23.123 -3.445  17.251  1.00 78.54  ? 76  DG  D N2     1 
ATOM   1322 N  N3     . DG  D 4 5  ? -21.796 -4.746  18.586  1.00 88.39  ? 76  DG  D N3     1 
ATOM   1323 C  C4     . DG  D 4 5  ? -21.497 -6.031  18.853  1.00 100.71 ? 76  DG  D C4     1 
ATOM   1324 H  "H5'"  . DG  D 4 5  ? -15.950 -6.254  20.143  1.00 159.77 ? 76  DG  D "H5'"  1 
ATOM   1325 H  "H5''" . DG  D 4 5  ? -15.611 -5.800  21.811  1.00 159.77 ? 76  DG  D "H5''" 1 
ATOM   1326 H  "H4'"  . DG  D 4 5  ? -17.180 -4.200  20.941  1.00 154.18 ? 76  DG  D "H4'"  1 
ATOM   1327 H  "H3'"  . DG  D 4 5  ? -17.834 -5.564  23.256  1.00 143.88 ? 76  DG  D "H3'"  1 
ATOM   1328 H  "HO3'" . DG  D 4 5  ? -18.551 -3.511  23.321  1.00 156.21 ? 76  DG  D "HO3'" 1 
ATOM   1329 H  "H2'"  . DG  D 4 5  ? -19.299 -7.068  22.067  1.00 154.83 ? 76  DG  D "H2'"  1 
ATOM   1330 H  "H2''" . DG  D 4 5  ? -20.394 -5.857  22.632  1.00 154.83 ? 76  DG  D "H2''" 1 
ATOM   1331 H  "H1'"  . DG  D 4 5  ? -20.158 -4.623  20.680  1.00 143.18 ? 76  DG  D "H1'"  1 
ATOM   1332 H  H8     . DG  D 4 5  ? -19.982 -8.457  20.343  1.00 125.83 ? 76  DG  D H8     1 
ATOM   1333 H  H1     . DG  D 4 5  ? -23.983 -5.511  16.287  1.00 94.20  ? 76  DG  D H1     1 
ATOM   1334 H  H21    . DG  D 4 5  ? -22.734 -2.618  17.674  1.00 94.46  ? 76  DG  D H21    1 
ATOM   1335 H  H22    . DG  D 4 5  ? -23.821 -3.375  16.527  1.00 94.46  ? 76  DG  D H22    1 
HETATM 1336 AS AS     . ARS E 5 .  ? 3.324   -3.429  0.824   1.00 120.00 ? 101 ARS A AS     1 
HETATM 1337 AS AS     . ARS F 5 .  ? -19.487 0.642   4.764   1.00 162.02 ? 101 ARS D AS     1 
# 
loop_
_pdbx_poly_seq_scheme.asym_id 
_pdbx_poly_seq_scheme.entity_id 
_pdbx_poly_seq_scheme.seq_id 
_pdbx_poly_seq_scheme.mon_id 
_pdbx_poly_seq_scheme.ndb_seq_num 
_pdbx_poly_seq_scheme.pdb_seq_num 
_pdbx_poly_seq_scheme.auth_seq_num 
_pdbx_poly_seq_scheme.pdb_mon_id 
_pdbx_poly_seq_scheme.auth_mon_id 
_pdbx_poly_seq_scheme.pdb_strand_id 
_pdbx_poly_seq_scheme.pdb_ins_code 
_pdbx_poly_seq_scheme.hetero 
A 1 1  DT 1  5  5  DT DT B . n 
A 1 2  DA 2  6  6  DA DA B . n 
A 1 3  DC 3  7  7  DC DC B . n 
A 1 4  DT 4  8  8  DT DT B . n 
A 1 5  DG 5  9  9  DG DG B . n 
A 1 6  DA 6  10 10 DA DA B . n 
A 1 7  DC 7  11 11 DC DC B . n 
A 1 8  DT 8  12 12 DT DT B . n 
A 1 9  DC 9  13 13 DC DC B . n 
A 1 10 DA 10 14 14 DA DA B . n 
A 1 11 DT 11 15 15 DT DT B . n 
A 1 12 DG 12 16 16 DG DG B . n 
A 1 13 DC 13 17 17 DC DC B . n 
A 1 14 DT 14 18 18 DT DT B . n 
A 1 15 DC 15 19 19 DC DC B . n 
A 1 16 DA 16 20 20 DA DA B . n 
A 1 17 DT 17 21 21 DT DT B . n 
A 1 18 DC 18 22 22 DC DC B . n 
A 1 19 DT 19 23 23 DT DT B . n 
A 1 20 DG 20 24 24 DG DG B . n 
A 1 21 DA 21 25 25 DA DA B . n 
B 2 1  DA 1  65 65 DA DA A . n 
B 2 2  DG 2  66 66 DG DG A . n 
B 2 3  DC 3  67 67 DC DC A . n 
B 2 4  DA 4  68 68 DA DA A . n 
B 2 5  DT 5  69 69 DT DT A . n 
B 2 6  DG 6  70 70 DG DG A . n 
B 2 7  DA 7  71 71 DA DA A . n 
C 3 1  DT 1  56 56 DT DT C . n 
C 3 2  DA 2  57 57 DA DA C . n 
C 3 3  DT 3  58 58 DT DT C . n 
C 3 4  DC 4  59 59 DC DC C . n 
C 3 5  DA 5  60 60 DA DA C . n 
C 3 6  DG 6  61 61 DG DG C . n 
C 3 7  DA 7  62 62 DA DA C . n 
C 3 8  DT 8  63 63 DT DT C . n 
C 3 9  DG 9  64 64 DG DG C . n 
D 4 1  DG 1  72 72 DG DG D . n 
D 4 2  DT 2  73 73 DT DT D . n 
D 4 3  DC 3  74 74 DC DC D . n 
D 4 4  DA 4  75 75 DA DA D . n 
D 4 5  DG 5  76 76 DG DG D . n 
# 
loop_
_pdbx_nonpoly_scheme.asym_id 
_pdbx_nonpoly_scheme.entity_id 
_pdbx_nonpoly_scheme.mon_id 
_pdbx_nonpoly_scheme.ndb_seq_num 
_pdbx_nonpoly_scheme.pdb_seq_num 
_pdbx_nonpoly_scheme.auth_seq_num 
_pdbx_nonpoly_scheme.pdb_mon_id 
_pdbx_nonpoly_scheme.auth_mon_id 
_pdbx_nonpoly_scheme.pdb_strand_id 
_pdbx_nonpoly_scheme.pdb_ins_code 
E 5 ARS 1 101 5 ARS AS A . 
F 5 ARS 1 101 6 ARS AS D . 
# 
_pdbx_struct_assembly.id                   1 
_pdbx_struct_assembly.details              author_defined_assembly 
_pdbx_struct_assembly.method_details       ? 
_pdbx_struct_assembly.oligomeric_details   tetrameric 
_pdbx_struct_assembly.oligomeric_count     4 
# 
_pdbx_struct_assembly_gen.assembly_id       1 
_pdbx_struct_assembly_gen.oper_expression   1 
_pdbx_struct_assembly_gen.asym_id_list      A,B,C,D,E,F 
# 
_pdbx_struct_oper_list.id                   1 
_pdbx_struct_oper_list.type                 'identity operation' 
_pdbx_struct_oper_list.name                 1_555 
_pdbx_struct_oper_list.symmetry_operation   x,y,z 
_pdbx_struct_oper_list.matrix[1][1]         1.0000000000 
_pdbx_struct_oper_list.matrix[1][2]         0.0000000000 
_pdbx_struct_oper_list.matrix[1][3]         0.0000000000 
_pdbx_struct_oper_list.vector[1]            0.0000000000 
_pdbx_struct_oper_list.matrix[2][1]         0.0000000000 
_pdbx_struct_oper_list.matrix[2][2]         1.0000000000 
_pdbx_struct_oper_list.matrix[2][3]         0.0000000000 
_pdbx_struct_oper_list.vector[2]            0.0000000000 
_pdbx_struct_oper_list.matrix[3][1]         0.0000000000 
_pdbx_struct_oper_list.matrix[3][2]         0.0000000000 
_pdbx_struct_oper_list.matrix[3][3]         1.0000000000 
_pdbx_struct_oper_list.vector[3]            0.0000000000 
# 
loop_
_pdbx_audit_revision_history.ordinal 
_pdbx_audit_revision_history.data_content_type 
_pdbx_audit_revision_history.major_revision 
_pdbx_audit_revision_history.minor_revision 
_pdbx_audit_revision_history.revision_date 
1 'Structure model' 1 0 2020-09-23 
2 'Structure model' 1 1 2021-02-24 
3 'Structure model' 1 2 2021-03-10 
4 'Structure model' 1 3 2023-10-11 
# 
_pdbx_audit_revision_details.ordinal             1 
_pdbx_audit_revision_details.revision_ordinal    1 
_pdbx_audit_revision_details.data_content_type   'Structure model' 
_pdbx_audit_revision_details.provider            repository 
_pdbx_audit_revision_details.type                'Initial release' 
_pdbx_audit_revision_details.description         ? 
_pdbx_audit_revision_details.details             ? 
# 
loop_
_pdbx_audit_revision_group.ordinal 
_pdbx_audit_revision_group.revision_ordinal 
_pdbx_audit_revision_group.data_content_type 
_pdbx_audit_revision_group.group 
1 2 'Structure model' 'Database references'    
2 3 'Structure model' 'Database references'    
3 4 'Structure model' 'Data collection'        
4 4 'Structure model' 'Database references'    
5 4 'Structure model' 'Refinement description' 
# 
loop_
_pdbx_audit_revision_category.ordinal 
_pdbx_audit_revision_category.revision_ordinal 
_pdbx_audit_revision_category.data_content_type 
_pdbx_audit_revision_category.category 
1 2 'Structure model' citation                      
2 2 'Structure model' citation_author               
3 3 'Structure model' citation                      
4 4 'Structure model' chem_comp_atom                
5 4 'Structure model' chem_comp_bond                
6 4 'Structure model' database_2                    
7 4 'Structure model' pdbx_initial_refinement_model 
# 
loop_
_pdbx_audit_revision_item.ordinal 
_pdbx_audit_revision_item.revision_ordinal 
_pdbx_audit_revision_item.data_content_type 
_pdbx_audit_revision_item.item 
1  2 'Structure model' '_citation.country'                   
2  2 'Structure model' '_citation.journal_abbrev'            
3  2 'Structure model' '_citation.journal_id_ASTM'           
4  2 'Structure model' '_citation.journal_id_CSD'            
5  2 'Structure model' '_citation.journal_id_ISSN'           
6  2 'Structure model' '_citation.pdbx_database_id_DOI'      
7  2 'Structure model' '_citation.pdbx_database_id_PubMed'   
8  2 'Structure model' '_citation.title'                     
9  2 'Structure model' '_citation.year'                      
10 3 'Structure model' '_citation.journal_volume'            
11 3 'Structure model' '_citation.page_first'                
12 3 'Structure model' '_citation.page_last'                 
13 4 'Structure model' '_database_2.pdbx_DOI'                
14 4 'Structure model' '_database_2.pdbx_database_accession' 
# 
loop_
_software.citation_id 
_software.classification 
_software.compiler_name 
_software.compiler_version 
_software.contact_author 
_software.contact_author_email 
_software.date 
_software.description 
_software.dependencies 
_software.hardware 
_software.language 
_software.location 
_software.mods 
_software.name 
_software.os 
_software.os_version 
_software.type 
_software.version 
_software.pdbx_ordinal 
? refinement        ? ? ? ? ? ? ? ? ? ? ? PHENIX      ? ? ? 1.11.1_2575 1 
? 'data reduction'  ? ? ? ? ? ? ? ? ? ? ? HKL-2000    ? ? ? .           2 
? 'data scaling'    ? ? ? ? ? ? ? ? ? ? ? HKL-2000    ? ? ? .           3 
? 'data extraction' ? ? ? ? ? ? ? ? ? ? ? PDB_EXTRACT ? ? ? 3.25        4 
? phasing           ? ? ? ? ? ? ? ? ? ? ? PHASER      ? ? ? .           5 
# 
_pdbx_entry_details.entry_id                 6UDN 
_pdbx_entry_details.nonpolymer_details       ? 
_pdbx_entry_details.sequence_details         ? 
_pdbx_entry_details.compound_details         ? 
_pdbx_entry_details.source_details           ? 
_pdbx_entry_details.has_ligand_of_interest   N 
# 
loop_
_pdbx_validate_symm_contact.id 
_pdbx_validate_symm_contact.PDB_model_num 
_pdbx_validate_symm_contact.auth_atom_id_1 
_pdbx_validate_symm_contact.auth_asym_id_1 
_pdbx_validate_symm_contact.auth_comp_id_1 
_pdbx_validate_symm_contact.auth_seq_id_1 
_pdbx_validate_symm_contact.PDB_ins_code_1 
_pdbx_validate_symm_contact.label_alt_id_1 
_pdbx_validate_symm_contact.site_symmetry_1 
_pdbx_validate_symm_contact.auth_atom_id_2 
_pdbx_validate_symm_contact.auth_asym_id_2 
_pdbx_validate_symm_contact.auth_comp_id_2 
_pdbx_validate_symm_contact.auth_seq_id_2 
_pdbx_validate_symm_contact.PDB_ins_code_2 
_pdbx_validate_symm_contact.label_alt_id_2 
_pdbx_validate_symm_contact.site_symmetry_2 
_pdbx_validate_symm_contact.dist 
1 1 "O5'" B DT 5  ? ? 1_555 "O3'" B DA 25 ? ? 7_544 1.96 
2 1 OP1   A DA 65 ? ? 1_555 "O3'" A DA 71 ? ? 8_444 2.09 
# 
_pdbx_validate_rmsd_bond.id                        1 
_pdbx_validate_rmsd_bond.PDB_model_num             1 
_pdbx_validate_rmsd_bond.auth_atom_id_1            "O3'" 
_pdbx_validate_rmsd_bond.auth_asym_id_1            D 
_pdbx_validate_rmsd_bond.auth_comp_id_1            DA 
_pdbx_validate_rmsd_bond.auth_seq_id_1             75 
_pdbx_validate_rmsd_bond.PDB_ins_code_1            ? 
_pdbx_validate_rmsd_bond.label_alt_id_1            ? 
_pdbx_validate_rmsd_bond.auth_atom_id_2            P 
_pdbx_validate_rmsd_bond.auth_asym_id_2            D 
_pdbx_validate_rmsd_bond.auth_comp_id_2            DG 
_pdbx_validate_rmsd_bond.auth_seq_id_2             76 
_pdbx_validate_rmsd_bond.PDB_ins_code_2            ? 
_pdbx_validate_rmsd_bond.label_alt_id_2            ? 
_pdbx_validate_rmsd_bond.bond_value                1.527 
_pdbx_validate_rmsd_bond.bond_target_value         1.607 
_pdbx_validate_rmsd_bond.bond_deviation            -0.080 
_pdbx_validate_rmsd_bond.bond_standard_deviation   0.012 
_pdbx_validate_rmsd_bond.linker_flag               Y 
# 
loop_
_pdbx_validate_rmsd_angle.id 
_pdbx_validate_rmsd_angle.PDB_model_num 
_pdbx_validate_rmsd_angle.auth_atom_id_1 
_pdbx_validate_rmsd_angle.auth_asym_id_1 
_pdbx_validate_rmsd_angle.auth_comp_id_1 
_pdbx_validate_rmsd_angle.auth_seq_id_1 
_pdbx_validate_rmsd_angle.PDB_ins_code_1 
_pdbx_validate_rmsd_angle.label_alt_id_1 
_pdbx_validate_rmsd_angle.auth_atom_id_2 
_pdbx_validate_rmsd_angle.auth_asym_id_2 
_pdbx_validate_rmsd_angle.auth_comp_id_2 
_pdbx_validate_rmsd_angle.auth_seq_id_2 
_pdbx_validate_rmsd_angle.PDB_ins_code_2 
_pdbx_validate_rmsd_angle.label_alt_id_2 
_pdbx_validate_rmsd_angle.auth_atom_id_3 
_pdbx_validate_rmsd_angle.auth_asym_id_3 
_pdbx_validate_rmsd_angle.auth_comp_id_3 
_pdbx_validate_rmsd_angle.auth_seq_id_3 
_pdbx_validate_rmsd_angle.PDB_ins_code_3 
_pdbx_validate_rmsd_angle.label_alt_id_3 
_pdbx_validate_rmsd_angle.angle_value 
_pdbx_validate_rmsd_angle.angle_target_value 
_pdbx_validate_rmsd_angle.angle_deviation 
_pdbx_validate_rmsd_angle.angle_standard_deviation 
_pdbx_validate_rmsd_angle.linker_flag 
1 1 "O4'" B DG 16 ? ? "C1'" B DG 16 ? ? N9 B DG 16 ? ? 111.18 108.30 2.88 0.30 N 
2 1 "O4'" C DG 64 ? ? "C1'" C DG 64 ? ? N9 C DG 64 ? ? 110.88 108.30 2.58 0.30 N 
# 
loop_
_chem_comp_atom.comp_id 
_chem_comp_atom.atom_id 
_chem_comp_atom.type_symbol 
_chem_comp_atom.pdbx_aromatic_flag 
_chem_comp_atom.pdbx_stereo_config 
_chem_comp_atom.pdbx_ordinal 
ARS AS     AS N N 1   
DA  OP3    O  N N 2   
DA  P      P  N N 3   
DA  OP1    O  N N 4   
DA  OP2    O  N N 5   
DA  "O5'"  O  N N 6   
DA  "C5'"  C  N N 7   
DA  "C4'"  C  N R 8   
DA  "O4'"  O  N N 9   
DA  "C3'"  C  N S 10  
DA  "O3'"  O  N N 11  
DA  "C2'"  C  N N 12  
DA  "C1'"  C  N R 13  
DA  N9     N  Y N 14  
DA  C8     C  Y N 15  
DA  N7     N  Y N 16  
DA  C5     C  Y N 17  
DA  C6     C  Y N 18  
DA  N6     N  N N 19  
DA  N1     N  Y N 20  
DA  C2     C  Y N 21  
DA  N3     N  Y N 22  
DA  C4     C  Y N 23  
DA  HOP3   H  N N 24  
DA  HOP2   H  N N 25  
DA  "H5'"  H  N N 26  
DA  "H5''" H  N N 27  
DA  "H4'"  H  N N 28  
DA  "H3'"  H  N N 29  
DA  "HO3'" H  N N 30  
DA  "H2'"  H  N N 31  
DA  "H2''" H  N N 32  
DA  "H1'"  H  N N 33  
DA  H8     H  N N 34  
DA  H61    H  N N 35  
DA  H62    H  N N 36  
DA  H2     H  N N 37  
DC  OP3    O  N N 38  
DC  P      P  N N 39  
DC  OP1    O  N N 40  
DC  OP2    O  N N 41  
DC  "O5'"  O  N N 42  
DC  "C5'"  C  N N 43  
DC  "C4'"  C  N R 44  
DC  "O4'"  O  N N 45  
DC  "C3'"  C  N S 46  
DC  "O3'"  O  N N 47  
DC  "C2'"  C  N N 48  
DC  "C1'"  C  N R 49  
DC  N1     N  N N 50  
DC  C2     C  N N 51  
DC  O2     O  N N 52  
DC  N3     N  N N 53  
DC  C4     C  N N 54  
DC  N4     N  N N 55  
DC  C5     C  N N 56  
DC  C6     C  N N 57  
DC  HOP3   H  N N 58  
DC  HOP2   H  N N 59  
DC  "H5'"  H  N N 60  
DC  "H5''" H  N N 61  
DC  "H4'"  H  N N 62  
DC  "H3'"  H  N N 63  
DC  "HO3'" H  N N 64  
DC  "H2'"  H  N N 65  
DC  "H2''" H  N N 66  
DC  "H1'"  H  N N 67  
DC  H41    H  N N 68  
DC  H42    H  N N 69  
DC  H5     H  N N 70  
DC  H6     H  N N 71  
DG  OP3    O  N N 72  
DG  P      P  N N 73  
DG  OP1    O  N N 74  
DG  OP2    O  N N 75  
DG  "O5'"  O  N N 76  
DG  "C5'"  C  N N 77  
DG  "C4'"  C  N R 78  
DG  "O4'"  O  N N 79  
DG  "C3'"  C  N S 80  
DG  "O3'"  O  N N 81  
DG  "C2'"  C  N N 82  
DG  "C1'"  C  N R 83  
DG  N9     N  Y N 84  
DG  C8     C  Y N 85  
DG  N7     N  Y N 86  
DG  C5     C  Y N 87  
DG  C6     C  N N 88  
DG  O6     O  N N 89  
DG  N1     N  N N 90  
DG  C2     C  N N 91  
DG  N2     N  N N 92  
DG  N3     N  N N 93  
DG  C4     C  Y N 94  
DG  HOP3   H  N N 95  
DG  HOP2   H  N N 96  
DG  "H5'"  H  N N 97  
DG  "H5''" H  N N 98  
DG  "H4'"  H  N N 99  
DG  "H3'"  H  N N 100 
DG  "HO3'" H  N N 101 
DG  "H2'"  H  N N 102 
DG  "H2''" H  N N 103 
DG  "H1'"  H  N N 104 
DG  H8     H  N N 105 
DG  H1     H  N N 106 
DG  H21    H  N N 107 
DG  H22    H  N N 108 
DT  OP3    O  N N 109 
DT  P      P  N N 110 
DT  OP1    O  N N 111 
DT  OP2    O  N N 112 
DT  "O5'"  O  N N 113 
DT  "C5'"  C  N N 114 
DT  "C4'"  C  N R 115 
DT  "O4'"  O  N N 116 
DT  "C3'"  C  N S 117 
DT  "O3'"  O  N N 118 
DT  "C2'"  C  N N 119 
DT  "C1'"  C  N R 120 
DT  N1     N  N N 121 
DT  C2     C  N N 122 
DT  O2     O  N N 123 
DT  N3     N  N N 124 
DT  C4     C  N N 125 
DT  O4     O  N N 126 
DT  C5     C  N N 127 
DT  C7     C  N N 128 
DT  C6     C  N N 129 
DT  HOP3   H  N N 130 
DT  HOP2   H  N N 131 
DT  "H5'"  H  N N 132 
DT  "H5''" H  N N 133 
DT  "H4'"  H  N N 134 
DT  "H3'"  H  N N 135 
DT  "HO3'" H  N N 136 
DT  "H2'"  H  N N 137 
DT  "H2''" H  N N 138 
DT  "H1'"  H  N N 139 
DT  H3     H  N N 140 
DT  H71    H  N N 141 
DT  H72    H  N N 142 
DT  H73    H  N N 143 
DT  H6     H  N N 144 
# 
loop_
_chem_comp_bond.comp_id 
_chem_comp_bond.atom_id_1 
_chem_comp_bond.atom_id_2 
_chem_comp_bond.value_order 
_chem_comp_bond.pdbx_aromatic_flag 
_chem_comp_bond.pdbx_stereo_config 
_chem_comp_bond.pdbx_ordinal 
DA OP3   P      sing N N 1   
DA OP3   HOP3   sing N N 2   
DA P     OP1    doub N N 3   
DA P     OP2    sing N N 4   
DA P     "O5'"  sing N N 5   
DA OP2   HOP2   sing N N 6   
DA "O5'" "C5'"  sing N N 7   
DA "C5'" "C4'"  sing N N 8   
DA "C5'" "H5'"  sing N N 9   
DA "C5'" "H5''" sing N N 10  
DA "C4'" "O4'"  sing N N 11  
DA "C4'" "C3'"  sing N N 12  
DA "C4'" "H4'"  sing N N 13  
DA "O4'" "C1'"  sing N N 14  
DA "C3'" "O3'"  sing N N 15  
DA "C3'" "C2'"  sing N N 16  
DA "C3'" "H3'"  sing N N 17  
DA "O3'" "HO3'" sing N N 18  
DA "C2'" "C1'"  sing N N 19  
DA "C2'" "H2'"  sing N N 20  
DA "C2'" "H2''" sing N N 21  
DA "C1'" N9     sing N N 22  
DA "C1'" "H1'"  sing N N 23  
DA N9    C8     sing Y N 24  
DA N9    C4     sing Y N 25  
DA C8    N7     doub Y N 26  
DA C8    H8     sing N N 27  
DA N7    C5     sing Y N 28  
DA C5    C6     sing Y N 29  
DA C5    C4     doub Y N 30  
DA C6    N6     sing N N 31  
DA C6    N1     doub Y N 32  
DA N6    H61    sing N N 33  
DA N6    H62    sing N N 34  
DA N1    C2     sing Y N 35  
DA C2    N3     doub Y N 36  
DA C2    H2     sing N N 37  
DA N3    C4     sing Y N 38  
DC OP3   P      sing N N 39  
DC OP3   HOP3   sing N N 40  
DC P     OP1    doub N N 41  
DC P     OP2    sing N N 42  
DC P     "O5'"  sing N N 43  
DC OP2   HOP2   sing N N 44  
DC "O5'" "C5'"  sing N N 45  
DC "C5'" "C4'"  sing N N 46  
DC "C5'" "H5'"  sing N N 47  
DC "C5'" "H5''" sing N N 48  
DC "C4'" "O4'"  sing N N 49  
DC "C4'" "C3'"  sing N N 50  
DC "C4'" "H4'"  sing N N 51  
DC "O4'" "C1'"  sing N N 52  
DC "C3'" "O3'"  sing N N 53  
DC "C3'" "C2'"  sing N N 54  
DC "C3'" "H3'"  sing N N 55  
DC "O3'" "HO3'" sing N N 56  
DC "C2'" "C1'"  sing N N 57  
DC "C2'" "H2'"  sing N N 58  
DC "C2'" "H2''" sing N N 59  
DC "C1'" N1     sing N N 60  
DC "C1'" "H1'"  sing N N 61  
DC N1    C2     sing N N 62  
DC N1    C6     sing N N 63  
DC C2    O2     doub N N 64  
DC C2    N3     sing N N 65  
DC N3    C4     doub N N 66  
DC C4    N4     sing N N 67  
DC C4    C5     sing N N 68  
DC N4    H41    sing N N 69  
DC N4    H42    sing N N 70  
DC C5    C6     doub N N 71  
DC C5    H5     sing N N 72  
DC C6    H6     sing N N 73  
DG OP3   P      sing N N 74  
DG OP3   HOP3   sing N N 75  
DG P     OP1    doub N N 76  
DG P     OP2    sing N N 77  
DG P     "O5'"  sing N N 78  
DG OP2   HOP2   sing N N 79  
DG "O5'" "C5'"  sing N N 80  
DG "C5'" "C4'"  sing N N 81  
DG "C5'" "H5'"  sing N N 82  
DG "C5'" "H5''" sing N N 83  
DG "C4'" "O4'"  sing N N 84  
DG "C4'" "C3'"  sing N N 85  
DG "C4'" "H4'"  sing N N 86  
DG "O4'" "C1'"  sing N N 87  
DG "C3'" "O3'"  sing N N 88  
DG "C3'" "C2'"  sing N N 89  
DG "C3'" "H3'"  sing N N 90  
DG "O3'" "HO3'" sing N N 91  
DG "C2'" "C1'"  sing N N 92  
DG "C2'" "H2'"  sing N N 93  
DG "C2'" "H2''" sing N N 94  
DG "C1'" N9     sing N N 95  
DG "C1'" "H1'"  sing N N 96  
DG N9    C8     sing Y N 97  
DG N9    C4     sing Y N 98  
DG C8    N7     doub Y N 99  
DG C8    H8     sing N N 100 
DG N7    C5     sing Y N 101 
DG C5    C6     sing N N 102 
DG C5    C4     doub Y N 103 
DG C6    O6     doub N N 104 
DG C6    N1     sing N N 105 
DG N1    C2     sing N N 106 
DG N1    H1     sing N N 107 
DG C2    N2     sing N N 108 
DG C2    N3     doub N N 109 
DG N2    H21    sing N N 110 
DG N2    H22    sing N N 111 
DG N3    C4     sing N N 112 
DT OP3   P      sing N N 113 
DT OP3   HOP3   sing N N 114 
DT P     OP1    doub N N 115 
DT P     OP2    sing N N 116 
DT P     "O5'"  sing N N 117 
DT OP2   HOP2   sing N N 118 
DT "O5'" "C5'"  sing N N 119 
DT "C5'" "C4'"  sing N N 120 
DT "C5'" "H5'"  sing N N 121 
DT "C5'" "H5''" sing N N 122 
DT "C4'" "O4'"  sing N N 123 
DT "C4'" "C3'"  sing N N 124 
DT "C4'" "H4'"  sing N N 125 
DT "O4'" "C1'"  sing N N 126 
DT "C3'" "O3'"  sing N N 127 
DT "C3'" "C2'"  sing N N 128 
DT "C3'" "H3'"  sing N N 129 
DT "O3'" "HO3'" sing N N 130 
DT "C2'" "C1'"  sing N N 131 
DT "C2'" "H2'"  sing N N 132 
DT "C2'" "H2''" sing N N 133 
DT "C1'" N1     sing N N 134 
DT "C1'" "H1'"  sing N N 135 
DT N1    C2     sing N N 136 
DT N1    C6     sing N N 137 
DT C2    O2     doub N N 138 
DT C2    N3     sing N N 139 
DT N3    C4     sing N N 140 
DT N3    H3     sing N N 141 
DT C4    O4     doub N N 142 
DT C4    C5     sing N N 143 
DT C5    C7     sing N N 144 
DT C5    C6     doub N N 145 
DT C7    H71    sing N N 146 
DT C7    H72    sing N N 147 
DT C7    H73    sing N N 148 
DT C6    H6     sing N N 149 
# 
loop_
_ndb_struct_conf_na.entry_id 
_ndb_struct_conf_na.feature 
6UDN 'double helix'        
6UDN 'a-form double helix' 
6UDN 'b-form double helix' 
# 
loop_
_ndb_struct_na_base_pair.model_number 
_ndb_struct_na_base_pair.i_label_asym_id 
_ndb_struct_na_base_pair.i_label_comp_id 
_ndb_struct_na_base_pair.i_label_seq_id 
_ndb_struct_na_base_pair.i_symmetry 
_ndb_struct_na_base_pair.j_label_asym_id 
_ndb_struct_na_base_pair.j_label_comp_id 
_ndb_struct_na_base_pair.j_label_seq_id 
_ndb_struct_na_base_pair.j_symmetry 
_ndb_struct_na_base_pair.shear 
_ndb_struct_na_base_pair.stretch 
_ndb_struct_na_base_pair.stagger 
_ndb_struct_na_base_pair.buckle 
_ndb_struct_na_base_pair.propeller 
_ndb_struct_na_base_pair.opening 
_ndb_struct_na_base_pair.pair_number 
_ndb_struct_na_base_pair.pair_name 
_ndb_struct_na_base_pair.i_auth_asym_id 
_ndb_struct_na_base_pair.i_auth_seq_id 
_ndb_struct_na_base_pair.i_PDB_ins_code 
_ndb_struct_na_base_pair.j_auth_asym_id 
_ndb_struct_na_base_pair.j_auth_seq_id 
_ndb_struct_na_base_pair.j_PDB_ins_code 
_ndb_struct_na_base_pair.hbond_type_28 
_ndb_struct_na_base_pair.hbond_type_12 
1 A DC 3  1_555 D DG 5 1_555 -0.824 0.195  -0.046 4.671  -12.717 -5.536  1  B_DC7:DG76_D  B 7  ? D 76 ? 19 1 
1 A DT 4  1_555 D DA 4 1_555 0.099  -0.219 -0.007 9.825  -13.731 -8.127  2  B_DT8:DA75_D  B 8  ? D 75 ? 20 1 
1 A DG 5  1_555 D DC 3 1_555 -0.237 -0.509 -0.119 1.005  -13.037 0.731   3  B_DG9:DC74_D  B 9  ? D 74 ? 19 1 
1 A DA 6  1_555 D DT 2 1_555 -0.105 -0.416 -0.262 -0.840 -12.952 -2.883  4  B_DA10:DT73_D B 10 ? D 73 ? 20 1 
1 A DC 7  1_555 D DG 1 1_555 0.409  0.033  0.397  -1.739 -14.762 10.244  5  B_DC11:DG72_D B 11 ? D 72 ? 19 1 
1 A DT 8  1_555 B DA 7 1_555 -0.784 -0.320 0.392  -2.163 -7.137  -0.958  6  B_DT12:DA71_A B 12 ? A 71 ? 20 1 
1 A DC 9  1_555 B DG 6 1_555 -0.024 0.004  0.022  2.958  -4.481  4.509   7  B_DC13:DG70_A B 13 ? A 70 ? 19 1 
1 A DA 10 1_555 B DT 5 1_555 0.426  -0.421 0.230  1.877  -7.776  -3.926  8  B_DA14:DT69_A B 14 ? A 69 ? 20 1 
1 A DT 11 1_555 B DA 4 1_555 -0.838 -0.144 0.074  4.603  -4.802  -0.263  9  B_DT15:DA68_A B 15 ? A 68 ? 20 1 
1 A DG 12 1_555 B DC 3 1_555 0.483  -0.161 0.035  9.318  -4.163  -0.545  10 B_DG16:DC67_A B 16 ? A 67 ? 19 1 
1 A DC 13 1_555 B DG 2 1_555 0.200  -0.337 0.035  1.125  -11.924 0.995   11 B_DC17:DG66_A B 17 ? A 66 ? 19 1 
1 A DT 14 1_555 B DA 1 1_555 0.395  -0.077 0.246  -1.363 -12.560 -2.855  12 B_DT18:DA65_A B 18 ? A 65 ? 20 1 
1 A DC 15 1_555 C DG 9 1_555 -0.601 -0.131 0.137  -1.436 -6.411  -1.294  13 B_DC19:DG64_C B 19 ? C 64 ? 19 1 
1 A DA 16 1_555 C DT 8 1_555 0.539  -0.248 0.405  9.830  -10.591 3.033   14 B_DA20:DT63_C B 20 ? C 63 ? 20 1 
1 A DT 17 1_555 C DA 7 1_555 -0.167 -0.405 0.226  6.616  -12.869 -2.749  15 B_DT21:DA62_C B 21 ? C 62 ? 20 1 
1 A DC 18 1_555 C DG 6 1_555 -0.445 -0.326 0.119  0.706  -13.934 0.540   16 B_DC22:DG61_C B 22 ? C 61 ? 19 1 
1 A DT 19 1_555 C DA 5 1_555 -1.529 -0.040 -0.230 -0.860 -12.253 -10.067 17 B_DT23:DA60_C B 23 ? C 60 ? 20 1 
1 A DG 20 1_555 C DC 4 1_555 0.184  -0.252 -0.069 -1.022 -9.524  3.135   18 B_DG24:DC59_C B 24 ? C 59 ? 19 1 
1 A DA 21 1_555 C DT 3 1_555 0.594  -0.394 -0.118 3.117  -11.737 -4.478  19 B_DA25:DT58_C B 25 ? C 58 ? 20 1 
# 
loop_
_ndb_struct_na_base_pair_step.model_number 
_ndb_struct_na_base_pair_step.i_label_asym_id_1 
_ndb_struct_na_base_pair_step.i_label_comp_id_1 
_ndb_struct_na_base_pair_step.i_label_seq_id_1 
_ndb_struct_na_base_pair_step.i_symmetry_1 
_ndb_struct_na_base_pair_step.j_label_asym_id_1 
_ndb_struct_na_base_pair_step.j_label_comp_id_1 
_ndb_struct_na_base_pair_step.j_label_seq_id_1 
_ndb_struct_na_base_pair_step.j_symmetry_1 
_ndb_struct_na_base_pair_step.i_label_asym_id_2 
_ndb_struct_na_base_pair_step.i_label_comp_id_2 
_ndb_struct_na_base_pair_step.i_label_seq_id_2 
_ndb_struct_na_base_pair_step.i_symmetry_2 
_ndb_struct_na_base_pair_step.j_label_asym_id_2 
_ndb_struct_na_base_pair_step.j_label_comp_id_2 
_ndb_struct_na_base_pair_step.j_label_seq_id_2 
_ndb_struct_na_base_pair_step.j_symmetry_2 
_ndb_struct_na_base_pair_step.shift 
_ndb_struct_na_base_pair_step.slide 
_ndb_struct_na_base_pair_step.rise 
_ndb_struct_na_base_pair_step.tilt 
_ndb_struct_na_base_pair_step.roll 
_ndb_struct_na_base_pair_step.twist 
_ndb_struct_na_base_pair_step.x_displacement 
_ndb_struct_na_base_pair_step.y_displacement 
_ndb_struct_na_base_pair_step.helical_rise 
_ndb_struct_na_base_pair_step.inclination 
_ndb_struct_na_base_pair_step.tip 
_ndb_struct_na_base_pair_step.helical_twist 
_ndb_struct_na_base_pair_step.step_number 
_ndb_struct_na_base_pair_step.step_name 
_ndb_struct_na_base_pair_step.i_auth_asym_id_1 
_ndb_struct_na_base_pair_step.i_auth_seq_id_1 
_ndb_struct_na_base_pair_step.i_PDB_ins_code_1 
_ndb_struct_na_base_pair_step.j_auth_asym_id_1 
_ndb_struct_na_base_pair_step.j_auth_seq_id_1 
_ndb_struct_na_base_pair_step.j_PDB_ins_code_1 
_ndb_struct_na_base_pair_step.i_auth_asym_id_2 
_ndb_struct_na_base_pair_step.i_auth_seq_id_2 
_ndb_struct_na_base_pair_step.i_PDB_ins_code_2 
_ndb_struct_na_base_pair_step.j_auth_asym_id_2 
_ndb_struct_na_base_pair_step.j_auth_seq_id_2 
_ndb_struct_na_base_pair_step.j_PDB_ins_code_2 
1 A DC 3  1_555 D DG 5 1_555 A DT 4  1_555 D DA 4 1_555 -0.600 0.061  3.246 0.512  3.518  36.449 -0.383 1.025  3.229 5.608  -0.815 
36.616 1  BB_DC7DT8:DA75DG76_DD   B 7  ? D 76 ? B 8  ? D 75 ? 
1 A DT 4  1_555 D DA 4 1_555 A DG 5  1_555 D DC 3 1_555 0.606  1.779  3.626 1.548  -0.143 40.789 2.568  -0.679 3.639 -0.205 -2.220 
40.818 2  BB_DT8DG9:DC74DA75_DD   B 8  ? D 75 ? B 9  ? D 74 ? 
1 A DG 5  1_555 D DC 3 1_555 A DA 6  1_555 D DT 2 1_555 -0.018 -0.093 3.374 -3.609 1.658  33.088 -0.446 -0.588 3.348 2.898  6.308  
33.319 3  BB_DG9DA10:DT73DC74_DD  B 9  ? D 74 ? B 10 ? D 73 ? 
1 A DA 6  1_555 D DT 2 1_555 A DC 7  1_555 D DG 1 1_555 1.086  -0.742 3.219 -7.455 1.073  39.907 -1.184 -2.357 2.958 1.555  10.806 
40.583 4  BB_DA10DC11:DG72DT73_DD B 10 ? D 73 ? B 11 ? D 72 ? 
1 A DC 7  1_555 D DG 1 1_555 A DT 8  1_555 B DA 7 1_555 -1.305 -1.345 3.275 -1.441 -0.303 21.933 -3.410 2.858  3.370 -0.795 3.783  
21.982 5  BB_DC11DT12:DA71DG72_AD B 11 ? D 72 ? B 12 ? A 71 ? 
1 A DT 8  1_555 B DA 7 1_555 A DC 9  1_555 B DG 6 1_555 0.154  -0.040 3.246 1.858  5.911  34.245 -0.961 0.025  3.198 9.938  -3.124 
34.784 6  BB_DT12DC13:DG70DA71_AA B 12 ? A 71 ? B 13 ? A 70 ? 
1 A DC 9  1_555 B DG 6 1_555 A DA 10 1_555 B DT 5 1_555 -0.147 0.610  3.405 -0.073 2.035  39.939 0.648  0.206  3.431 2.977  0.106  
39.988 7  BB_DC13DA14:DT69DG70_AA B 13 ? A 70 ? B 14 ? A 69 ? 
1 A DA 10 1_555 B DT 5 1_555 A DT 11 1_555 B DA 4 1_555 0.385  -0.698 3.268 -0.482 5.173  23.253 -3.347 -1.087 3.034 12.634 1.177  
23.819 8  BB_DA14DT15:DA68DT69_AA B 14 ? A 69 ? B 15 ? A 68 ? 
1 A DT 11 1_555 B DA 4 1_555 A DG 12 1_555 B DC 3 1_555 0.469  -0.245 3.270 1.045  4.294  37.740 -0.922 -0.588 3.235 6.610  -1.609 
37.989 9  BB_DT15DG16:DC67DA68_AA B 15 ? A 68 ? B 16 ? A 67 ? 
1 A DG 12 1_555 B DC 3 1_555 A DC 13 1_555 B DG 2 1_555 0.379  -1.021 3.462 -0.548 -0.276 32.956 -1.749 -0.767 3.464 -0.486 0.966  
32.962 10 BB_DG16DC17:DG66DC67_AA B 16 ? A 67 ? B 17 ? A 66 ? 
1 A DC 13 1_555 B DG 2 1_555 A DT 14 1_555 B DA 1 1_555 -0.132 -1.090 3.484 -0.052 2.931  36.057 -2.189 0.206  3.388 4.726  0.083  
36.172 11 BB_DC17DT18:DA65DG66_AA B 17 ? A 66 ? B 18 ? A 65 ? 
1 A DT 14 1_555 B DA 1 1_555 A DC 15 1_555 C DG 9 1_555 -0.311 -1.491 3.208 0.476  0.691  23.439 -3.894 0.922  3.156 1.699  -1.170 
23.454 12 BB_DT18DC19:DG64DA65_CA B 18 ? A 65 ? B 19 ? C 64 ? 
1 A DC 15 1_555 C DG 9 1_555 A DA 16 1_555 C DT 8 1_555 -0.194 0.459  3.229 1.844  6.673  37.623 -0.138 0.528  3.248 10.241 -2.830 
38.232 13 BB_DC19DA20:DT63DG64_CC B 19 ? C 64 ? B 20 ? C 63 ? 
1 A DA 16 1_555 C DT 8 1_555 A DT 17 1_555 C DA 7 1_555 0.135  -0.830 3.323 0.740  2.926  27.196 -2.482 -0.101 3.220 6.198  -1.568 
27.359 14 BB_DA20DT21:DA62DT63_CC B 20 ? C 63 ? B 21 ? C 62 ? 
1 A DT 17 1_555 C DA 7 1_555 A DC 18 1_555 C DG 6 1_555 0.463  -0.664 3.310 2.466  2.445  35.250 -1.454 -0.394 3.282 4.026  -4.059 
35.415 15 BB_DT21DC22:DG61DA62_CC B 21 ? C 62 ? B 22 ? C 61 ? 
1 A DC 18 1_555 C DG 6 1_555 A DT 19 1_555 C DA 5 1_555 -0.688 -0.454 3.335 4.011  1.491  27.649 -1.294 2.376  3.177 3.097  -8.328 
27.972 16 BB_DC22DT23:DA60DG61_CC B 22 ? C 61 ? B 23 ? C 60 ? 
1 A DT 19 1_555 C DA 5 1_555 A DG 20 1_555 C DC 4 1_555 1.080  1.497  3.524 2.397  2.226  49.410 1.608  -1.096 3.629 2.659  -2.864 
49.512 17 BB_DT23DG24:DC59DA60_CC B 23 ? C 60 ? B 24 ? C 59 ? 
1 A DG 20 1_555 C DC 4 1_555 A DA 21 1_555 C DT 3 1_555 -0.845 0.582  3.215 -4.632 4.258  36.239 0.337  0.703  3.339 6.783  7.378  
36.763 18 BB_DG24DA25:DT58DC59_CC B 24 ? C 59 ? B 25 ? C 58 ? 
# 
loop_
_pdbx_audit_support.funding_organization 
_pdbx_audit_support.country 
_pdbx_audit_support.grant_number 
_pdbx_audit_support.ordinal 
'National Science Foundation (NSF, United States)'                                   'United States' 1360635     1 
'National Institutes of Health/National Human Genome Research Institute (NIH/NHGRI)' 'United States' R01GM104960 2 
# 
_pdbx_entity_nonpoly.entity_id   5 
_pdbx_entity_nonpoly.name        ARSENIC 
_pdbx_entity_nonpoly.comp_id     ARS 
# 
_pdbx_initial_refinement_model.id               1 
_pdbx_initial_refinement_model.entity_id_list   ? 
_pdbx_initial_refinement_model.type             'experimental model' 
_pdbx_initial_refinement_model.source_name      PDB 
_pdbx_initial_refinement_model.accession_code   6U40 
_pdbx_initial_refinement_model.details          ? 
# 
_pdbx_struct_assembly_auth_evidence.id                     1 
_pdbx_struct_assembly_auth_evidence.assembly_id            1 
_pdbx_struct_assembly_auth_evidence.experimental_support   none 
_pdbx_struct_assembly_auth_evidence.details                ? 
# 
